data_4HJM
# 
_entry.id   4HJM 
# 
_audit_conform.dict_name       mmcif_pdbx.dic 
_audit_conform.dict_version    5.397 
_audit_conform.dict_location   http://mmcif.pdb.org/dictionaries/ascii/mmcif_pdbx.dic 
# 
loop_
_database_2.database_id 
_database_2.database_code 
_database_2.pdbx_database_accession 
_database_2.pdbx_DOI 
PDB   4HJM         pdb_00004hjm 10.2210/pdb4hjm/pdb 
RCSB  RCSB075547   ?            ?                   
WWPDB D_1000075547 ?            ?                   
# 
loop_
_pdbx_audit_revision_history.ordinal 
_pdbx_audit_revision_history.data_content_type 
_pdbx_audit_revision_history.major_revision 
_pdbx_audit_revision_history.minor_revision 
_pdbx_audit_revision_history.revision_date 
1 'Structure model' 1 0 2013-12-25 
2 'Structure model' 1 1 2014-01-08 
3 'Structure model' 1 2 2014-02-12 
4 'Structure model' 1 3 2019-07-17 
5 'Structure model' 1 4 2024-10-16 
# 
_pdbx_audit_revision_details.ordinal             1 
_pdbx_audit_revision_details.revision_ordinal    1 
_pdbx_audit_revision_details.data_content_type   'Structure model' 
_pdbx_audit_revision_details.provider            repository 
_pdbx_audit_revision_details.type                'Initial release' 
_pdbx_audit_revision_details.description         ? 
_pdbx_audit_revision_details.details             ? 
# 
loop_
_pdbx_audit_revision_group.ordinal 
_pdbx_audit_revision_group.revision_ordinal 
_pdbx_audit_revision_group.data_content_type 
_pdbx_audit_revision_group.group 
1 2 'Structure model' 'Database references'    
2 3 'Structure model' 'Database references'    
3 4 'Structure model' 'Data collection'        
4 4 'Structure model' 'Refinement description' 
5 5 'Structure model' 'Data collection'        
6 5 'Structure model' 'Database references'    
7 5 'Structure model' 'Derived calculations'   
8 5 'Structure model' 'Structure summary'      
# 
loop_
_pdbx_audit_revision_category.ordinal 
_pdbx_audit_revision_category.revision_ordinal 
_pdbx_audit_revision_category.data_content_type 
_pdbx_audit_revision_category.category 
1 4 'Structure model' software                  
2 5 'Structure model' chem_comp_atom            
3 5 'Structure model' chem_comp_bond            
4 5 'Structure model' database_2                
5 5 'Structure model' pdbx_entry_details        
6 5 'Structure model' pdbx_modification_feature 
7 5 'Structure model' struct_site               
# 
loop_
_pdbx_audit_revision_item.ordinal 
_pdbx_audit_revision_item.revision_ordinal 
_pdbx_audit_revision_item.data_content_type 
_pdbx_audit_revision_item.item 
1  4 'Structure model' '_software.classification'            
2  4 'Structure model' '_software.contact_author'            
3  4 'Structure model' '_software.contact_author_email'      
4  4 'Structure model' '_software.language'                  
5  4 'Structure model' '_software.location'                  
6  4 'Structure model' '_software.name'                      
7  4 'Structure model' '_software.type'                      
8  4 'Structure model' '_software.version'                   
9  5 'Structure model' '_database_2.pdbx_DOI'                
10 5 'Structure model' '_database_2.pdbx_database_accession' 
11 5 'Structure model' '_struct_site.pdbx_auth_asym_id'      
12 5 'Structure model' '_struct_site.pdbx_auth_comp_id'      
13 5 'Structure model' '_struct_site.pdbx_auth_seq_id'       
# 
_pdbx_database_status.entry_id                        4HJM 
_pdbx_database_status.status_code                     REL 
_pdbx_database_status.deposit_site                    RCSB 
_pdbx_database_status.process_site                    RCSB 
_pdbx_database_status.recvd_initial_deposition_date   2012-10-13 
_pdbx_database_status.status_code_sf                  REL 
_pdbx_database_status.status_code_mr                  ? 
_pdbx_database_status.SG_entry                        ? 
_pdbx_database_status.status_code_cs                  ? 
_pdbx_database_status.methods_development_category    ? 
_pdbx_database_status.pdb_format_compatible           Y 
_pdbx_database_status.status_code_nmr_data            ? 
# 
loop_
_pdbx_database_related.db_name 
_pdbx_database_related.db_id 
_pdbx_database_related.details 
_pdbx_database_related.content_type 
PDB 3C1R . unspecified 
PDB 1KTE . unspecified 
# 
loop_
_audit_author.name 
_audit_author.pdbx_ordinal 
'Manickam, Y.' 1 
'Sharma, A.'   2 
# 
_citation.id                        primary 
_citation.title                     
'Atomic resolution crystal structure of glutaredoxin 1 from Plasmodium falciparum and comparison with other glutaredoxins.' 
_citation.journal_abbrev            'Acta Crystallogr.,Sect.D' 
_citation.journal_volume            70 
_citation.page_first                91 
_citation.page_last                 100 
_citation.year                      2014 
_citation.journal_id_ASTM           ABCRE6 
_citation.country                   DK 
_citation.journal_id_ISSN           0907-4449 
_citation.journal_id_CSD            0766 
_citation.book_publisher            ? 
_citation.pdbx_database_id_PubMed   24419382 
_citation.pdbx_database_id_DOI      10.1107/S1399004713025285 
# 
loop_
_citation_author.citation_id 
_citation_author.name 
_citation_author.ordinal 
_citation_author.identifier_ORCID 
primary 'Yogavel, M.'  1 ? 
primary 'Tripathi, T.' 2 ? 
primary 'Gupta, A.'    3 ? 
primary 'Banday, M.M.' 4 ? 
primary 'Rahlfs, S.'   5 ? 
primary 'Becker, K.'   6 ? 
primary 'Belrhali, H.' 7 ? 
primary 'Sharma, A.'   8 ? 
# 
loop_
_entity.id 
_entity.type 
_entity.src_method 
_entity.pdbx_description 
_entity.formula_weight 
_entity.pdbx_number_of_molecules 
_entity.pdbx_ec 
_entity.pdbx_mutation 
_entity.pdbx_fragment 
_entity.details 
1 polymer     man Glutaredoxin                           12436.457 1   1.20.4.1 ? ? ? 
2 non-polymer syn '3[N-MORPHOLINO]PROPANE SULFONIC ACID' 209.263   1   ?        ? ? ? 
3 non-polymer syn '(4S)-2-METHYL-2,4-PENTANEDIOL'        118.174   1   ?        ? ? ? 
4 water       nat water                                  18.015    171 ?        ? ? ? 
# 
_entity_name_com.entity_id   1 
_entity_name_com.name        'Glutaredoxin 1' 
# 
_entity_poly.entity_id                      1 
_entity_poly.type                           'polypeptide(L)' 
_entity_poly.nstd_linkage                   no 
_entity_poly.nstd_monomer                   no 
_entity_poly.pdbx_seq_one_letter_code       
;MAGTSEAVKKWVNKIIEENIIAVFAKTECPYCIKAISILKGYNLNSHMHVENIEKNPDMANIQAYLKELTGKSSVPRIFI
NKDVVGGCDDLVKENDEGKLKERLQKLGLVN
;
_entity_poly.pdbx_seq_one_letter_code_can   
;MAGTSEAVKKWVNKIIEENIIAVFAKTECPYCIKAISILKGYNLNSHMHVENIEKNPDMANIQAYLKELTGKSSVPRIFI
NKDVVGGCDDLVKENDEGKLKERLQKLGLVN
;
_entity_poly.pdbx_strand_id                 A 
_entity_poly.pdbx_target_identifier         ? 
# 
loop_
_pdbx_entity_nonpoly.entity_id 
_pdbx_entity_nonpoly.name 
_pdbx_entity_nonpoly.comp_id 
2 '3[N-MORPHOLINO]PROPANE SULFONIC ACID' MPO 
3 '(4S)-2-METHYL-2,4-PENTANEDIOL'        MPD 
4 water                                  HOH 
# 
loop_
_entity_poly_seq.entity_id 
_entity_poly_seq.num 
_entity_poly_seq.mon_id 
_entity_poly_seq.hetero 
1 1   MET n 
1 2   ALA n 
1 3   GLY n 
1 4   THR n 
1 5   SER n 
1 6   GLU n 
1 7   ALA n 
1 8   VAL n 
1 9   LYS n 
1 10  LYS n 
1 11  TRP n 
1 12  VAL n 
1 13  ASN n 
1 14  LYS n 
1 15  ILE n 
1 16  ILE n 
1 17  GLU n 
1 18  GLU n 
1 19  ASN n 
1 20  ILE n 
1 21  ILE n 
1 22  ALA n 
1 23  VAL n 
1 24  PHE n 
1 25  ALA n 
1 26  LYS n 
1 27  THR n 
1 28  GLU n 
1 29  CYS n 
1 30  PRO n 
1 31  TYR n 
1 32  CYS n 
1 33  ILE n 
1 34  LYS n 
1 35  ALA n 
1 36  ILE n 
1 37  SER n 
1 38  ILE n 
1 39  LEU n 
1 40  LYS n 
1 41  GLY n 
1 42  TYR n 
1 43  ASN n 
1 44  LEU n 
1 45  ASN n 
1 46  SER n 
1 47  HIS n 
1 48  MET n 
1 49  HIS n 
1 50  VAL n 
1 51  GLU n 
1 52  ASN n 
1 53  ILE n 
1 54  GLU n 
1 55  LYS n 
1 56  ASN n 
1 57  PRO n 
1 58  ASP n 
1 59  MET n 
1 60  ALA n 
1 61  ASN n 
1 62  ILE n 
1 63  GLN n 
1 64  ALA n 
1 65  TYR n 
1 66  LEU n 
1 67  LYS n 
1 68  GLU n 
1 69  LEU n 
1 70  THR n 
1 71  GLY n 
1 72  LYS n 
1 73  SER n 
1 74  SER n 
1 75  VAL n 
1 76  PRO n 
1 77  ARG n 
1 78  ILE n 
1 79  PHE n 
1 80  ILE n 
1 81  ASN n 
1 82  LYS n 
1 83  ASP n 
1 84  VAL n 
1 85  VAL n 
1 86  GLY n 
1 87  GLY n 
1 88  CYS n 
1 89  ASP n 
1 90  ASP n 
1 91  LEU n 
1 92  VAL n 
1 93  LYS n 
1 94  GLU n 
1 95  ASN n 
1 96  ASP n 
1 97  GLU n 
1 98  GLY n 
1 99  LYS n 
1 100 LEU n 
1 101 LYS n 
1 102 GLU n 
1 103 ARG n 
1 104 LEU n 
1 105 GLN n 
1 106 LYS n 
1 107 LEU n 
1 108 GLY n 
1 109 LEU n 
1 110 VAL n 
1 111 ASN n 
# 
_entity_src_gen.entity_id                          1 
_entity_src_gen.pdbx_src_id                        1 
_entity_src_gen.pdbx_alt_source_flag               sample 
_entity_src_gen.pdbx_seq_type                      ? 
_entity_src_gen.pdbx_beg_seq_num                   ? 
_entity_src_gen.pdbx_end_seq_num                   ? 
_entity_src_gen.gene_src_common_name               ? 
_entity_src_gen.gene_src_genus                     ? 
_entity_src_gen.pdbx_gene_src_gene                 'GRX1, PFC0271c' 
_entity_src_gen.gene_src_species                   ? 
_entity_src_gen.gene_src_strain                    3D7 
_entity_src_gen.gene_src_tissue                    ? 
_entity_src_gen.gene_src_tissue_fraction           ? 
_entity_src_gen.gene_src_details                   ? 
_entity_src_gen.pdbx_gene_src_fragment             ? 
_entity_src_gen.pdbx_gene_src_scientific_name      'Plasmodium falciparum' 
_entity_src_gen.pdbx_gene_src_ncbi_taxonomy_id     36329 
_entity_src_gen.pdbx_gene_src_variant              ? 
_entity_src_gen.pdbx_gene_src_cell_line            ? 
_entity_src_gen.pdbx_gene_src_atcc                 ? 
_entity_src_gen.pdbx_gene_src_organ                ? 
_entity_src_gen.pdbx_gene_src_organelle            ? 
_entity_src_gen.pdbx_gene_src_cell                 ? 
_entity_src_gen.pdbx_gene_src_cellular_location    ? 
_entity_src_gen.host_org_common_name               ? 
_entity_src_gen.pdbx_host_org_scientific_name      'Escherichia coli' 
_entity_src_gen.pdbx_host_org_ncbi_taxonomy_id     1007065 
_entity_src_gen.host_org_genus                     ? 
_entity_src_gen.pdbx_host_org_gene                 ? 
_entity_src_gen.pdbx_host_org_organ                ? 
_entity_src_gen.host_org_species                   ? 
_entity_src_gen.pdbx_host_org_tissue               ? 
_entity_src_gen.pdbx_host_org_tissue_fraction      ? 
_entity_src_gen.pdbx_host_org_strain               M15 
_entity_src_gen.pdbx_host_org_variant              ? 
_entity_src_gen.pdbx_host_org_cell_line            ? 
_entity_src_gen.pdbx_host_org_atcc                 ? 
_entity_src_gen.pdbx_host_org_culture_collection   ? 
_entity_src_gen.pdbx_host_org_cell                 ? 
_entity_src_gen.pdbx_host_org_organelle            ? 
_entity_src_gen.pdbx_host_org_cellular_location    ? 
_entity_src_gen.pdbx_host_org_vector_type          plasmid 
_entity_src_gen.pdbx_host_org_vector               ? 
_entity_src_gen.host_org_details                   ? 
_entity_src_gen.expression_system_id               ? 
_entity_src_gen.plasmid_name                       pQE30 
_entity_src_gen.plasmid_details                    ? 
_entity_src_gen.pdbx_description                   ? 
# 
loop_
_chem_comp.id 
_chem_comp.type 
_chem_comp.mon_nstd_flag 
_chem_comp.name 
_chem_comp.pdbx_synonyms 
_chem_comp.formula 
_chem_comp.formula_weight 
ALA 'L-peptide linking' y ALANINE                                ? 'C3 H7 N O2'     89.093  
ARG 'L-peptide linking' y ARGININE                               ? 'C6 H15 N4 O2 1' 175.209 
ASN 'L-peptide linking' y ASPARAGINE                             ? 'C4 H8 N2 O3'    132.118 
ASP 'L-peptide linking' y 'ASPARTIC ACID'                        ? 'C4 H7 N O4'     133.103 
CYS 'L-peptide linking' y CYSTEINE                               ? 'C3 H7 N O2 S'   121.158 
GLN 'L-peptide linking' y GLUTAMINE                              ? 'C5 H10 N2 O3'   146.144 
GLU 'L-peptide linking' y 'GLUTAMIC ACID'                        ? 'C5 H9 N O4'     147.129 
GLY 'peptide linking'   y GLYCINE                                ? 'C2 H5 N O2'     75.067  
HIS 'L-peptide linking' y HISTIDINE                              ? 'C6 H10 N3 O2 1' 156.162 
HOH non-polymer         . WATER                                  ? 'H2 O'           18.015  
ILE 'L-peptide linking' y ISOLEUCINE                             ? 'C6 H13 N O2'    131.173 
LEU 'L-peptide linking' y LEUCINE                                ? 'C6 H13 N O2'    131.173 
LYS 'L-peptide linking' y LYSINE                                 ? 'C6 H15 N2 O2 1' 147.195 
MET 'L-peptide linking' y METHIONINE                             ? 'C5 H11 N O2 S'  149.211 
MPD non-polymer         . '(4S)-2-METHYL-2,4-PENTANEDIOL'        ? 'C6 H14 O2'      118.174 
MPO non-polymer         . '3[N-MORPHOLINO]PROPANE SULFONIC ACID' ? 'C7 H15 N O4 S'  209.263 
PHE 'L-peptide linking' y PHENYLALANINE                          ? 'C9 H11 N O2'    165.189 
PRO 'L-peptide linking' y PROLINE                                ? 'C5 H9 N O2'     115.130 
SER 'L-peptide linking' y SERINE                                 ? 'C3 H7 N O3'     105.093 
THR 'L-peptide linking' y THREONINE                              ? 'C4 H9 N O3'     119.119 
TRP 'L-peptide linking' y TRYPTOPHAN                             ? 'C11 H12 N2 O2'  204.225 
TYR 'L-peptide linking' y TYROSINE                               ? 'C9 H11 N O3'    181.189 
VAL 'L-peptide linking' y VALINE                                 ? 'C5 H11 N O2'    117.146 
# 
loop_
_pdbx_poly_seq_scheme.asym_id 
_pdbx_poly_seq_scheme.entity_id 
_pdbx_poly_seq_scheme.seq_id 
_pdbx_poly_seq_scheme.mon_id 
_pdbx_poly_seq_scheme.ndb_seq_num 
_pdbx_poly_seq_scheme.pdb_seq_num 
_pdbx_poly_seq_scheme.auth_seq_num 
_pdbx_poly_seq_scheme.pdb_mon_id 
_pdbx_poly_seq_scheme.auth_mon_id 
_pdbx_poly_seq_scheme.pdb_strand_id 
_pdbx_poly_seq_scheme.pdb_ins_code 
_pdbx_poly_seq_scheme.hetero 
A 1 1   MET 1   1   ?   ?   ?   A . n 
A 1 2   ALA 2   2   ?   ?   ?   A . n 
A 1 3   GLY 3   3   ?   ?   ?   A . n 
A 1 4   THR 4   4   ?   ?   ?   A . n 
A 1 5   SER 5   5   ?   ?   ?   A . n 
A 1 6   GLU 6   6   6   GLU GLU A . n 
A 1 7   ALA 7   7   7   ALA ALA A . n 
A 1 8   VAL 8   8   8   VAL VAL A . n 
A 1 9   LYS 9   9   9   LYS LYS A . n 
A 1 10  LYS 10  10  10  LYS LYS A . n 
A 1 11  TRP 11  11  11  TRP TRP A . n 
A 1 12  VAL 12  12  12  VAL VAL A . n 
A 1 13  ASN 13  13  13  ASN ASN A . n 
A 1 14  LYS 14  14  14  LYS LYS A . n 
A 1 15  ILE 15  15  15  ILE ILE A . n 
A 1 16  ILE 16  16  16  ILE ILE A . n 
A 1 17  GLU 17  17  17  GLU GLU A . n 
A 1 18  GLU 18  18  18  GLU GLU A . n 
A 1 19  ASN 19  19  19  ASN ASN A . n 
A 1 20  ILE 20  20  20  ILE ILE A . n 
A 1 21  ILE 21  21  21  ILE ILE A . n 
A 1 22  ALA 22  22  22  ALA ALA A . n 
A 1 23  VAL 23  23  23  VAL VAL A . n 
A 1 24  PHE 24  24  24  PHE PHE A . n 
A 1 25  ALA 25  25  25  ALA ALA A . n 
A 1 26  LYS 26  26  26  LYS LYS A . n 
A 1 27  THR 27  27  27  THR THR A . n 
A 1 28  GLU 28  28  28  GLU GLU A . n 
A 1 29  CYS 29  29  29  CYS CYS A . n 
A 1 30  PRO 30  30  30  PRO PRO A . n 
A 1 31  TYR 31  31  31  TYR TYR A . n 
A 1 32  CYS 32  32  32  CYS CYS A . n 
A 1 33  ILE 33  33  33  ILE ILE A . n 
A 1 34  LYS 34  34  34  LYS LYS A . n 
A 1 35  ALA 35  35  35  ALA ALA A . n 
A 1 36  ILE 36  36  36  ILE ILE A . n 
A 1 37  SER 37  37  37  SER SER A . n 
A 1 38  ILE 38  38  38  ILE ILE A . n 
A 1 39  LEU 39  39  39  LEU LEU A . n 
A 1 40  LYS 40  40  40  LYS LYS A . n 
A 1 41  GLY 41  41  41  GLY GLY A . n 
A 1 42  TYR 42  42  42  TYR TYR A . n 
A 1 43  ASN 43  43  43  ASN ASN A . n 
A 1 44  LEU 44  44  44  LEU LEU A . n 
A 1 45  ASN 45  45  45  ASN ASN A . n 
A 1 46  SER 46  46  46  SER SER A . n 
A 1 47  HIS 47  47  47  HIS HIS A . n 
A 1 48  MET 48  48  48  MET MET A . n 
A 1 49  HIS 49  49  49  HIS HIS A . n 
A 1 50  VAL 50  50  50  VAL VAL A . n 
A 1 51  GLU 51  51  51  GLU GLU A . n 
A 1 52  ASN 52  52  52  ASN ASN A . n 
A 1 53  ILE 53  53  53  ILE ILE A . n 
A 1 54  GLU 54  54  54  GLU GLU A . n 
A 1 55  LYS 55  55  55  LYS LYS A . n 
A 1 56  ASN 56  56  56  ASN ASN A . n 
A 1 57  PRO 57  57  57  PRO PRO A . n 
A 1 58  ASP 58  58  58  ASP ASP A . n 
A 1 59  MET 59  59  59  MET MET A . n 
A 1 60  ALA 60  60  60  ALA ALA A . n 
A 1 61  ASN 61  61  61  ASN ASN A . n 
A 1 62  ILE 62  62  62  ILE ILE A . n 
A 1 63  GLN 63  63  63  GLN GLN A . n 
A 1 64  ALA 64  64  64  ALA ALA A . n 
A 1 65  TYR 65  65  65  TYR TYR A . n 
A 1 66  LEU 66  66  66  LEU LEU A . n 
A 1 67  LYS 67  67  67  LYS LYS A . n 
A 1 68  GLU 68  68  68  GLU GLU A . n 
A 1 69  LEU 69  69  69  LEU LEU A . n 
A 1 70  THR 70  70  70  THR THR A . n 
A 1 71  GLY 71  71  71  GLY GLY A . n 
A 1 72  LYS 72  72  72  LYS LYS A . n 
A 1 73  SER 73  73  73  SER SER A . n 
A 1 74  SER 74  74  74  SER SER A . n 
A 1 75  VAL 75  75  75  VAL VAL A . n 
A 1 76  PRO 76  76  76  PRO PRO A . n 
A 1 77  ARG 77  77  77  ARG ARG A . n 
A 1 78  ILE 78  78  78  ILE ILE A . n 
A 1 79  PHE 79  79  79  PHE PHE A . n 
A 1 80  ILE 80  80  80  ILE ILE A . n 
A 1 81  ASN 81  81  81  ASN ASN A . n 
A 1 82  LYS 82  82  82  LYS LYS A . n 
A 1 83  ASP 83  83  83  ASP ASP A . n 
A 1 84  VAL 84  84  84  VAL VAL A . n 
A 1 85  VAL 85  85  85  VAL VAL A . n 
A 1 86  GLY 86  86  86  GLY GLY A . n 
A 1 87  GLY 87  87  87  GLY GLY A . n 
A 1 88  CYS 88  88  88  CYS CYS A . n 
A 1 89  ASP 89  89  89  ASP ASP A . n 
A 1 90  ASP 90  90  90  ASP ASP A . n 
A 1 91  LEU 91  91  91  LEU LEU A . n 
A 1 92  VAL 92  92  92  VAL VAL A . n 
A 1 93  LYS 93  93  93  LYS LYS A . n 
A 1 94  GLU 94  94  94  GLU GLU A . n 
A 1 95  ASN 95  95  95  ASN ASN A . n 
A 1 96  ASP 96  96  96  ASP ASP A . n 
A 1 97  GLU 97  97  97  GLU GLU A . n 
A 1 98  GLY 98  98  98  GLY GLY A . n 
A 1 99  LYS 99  99  99  LYS LYS A . n 
A 1 100 LEU 100 100 100 LEU LEU A . n 
A 1 101 LYS 101 101 101 LYS LYS A . n 
A 1 102 GLU 102 102 102 GLU GLU A . n 
A 1 103 ARG 103 103 103 ARG ARG A . n 
A 1 104 LEU 104 104 104 LEU LEU A . n 
A 1 105 GLN 105 105 105 GLN GLN A . n 
A 1 106 LYS 106 106 106 LYS LYS A . n 
A 1 107 LEU 107 107 107 LEU LEU A . n 
A 1 108 GLY 108 108 108 GLY GLY A . n 
A 1 109 LEU 109 109 109 LEU LEU A . n 
A 1 110 VAL 110 110 110 VAL VAL A . n 
A 1 111 ASN 111 111 111 ASN ASN A . n 
# 
loop_
_pdbx_nonpoly_scheme.asym_id 
_pdbx_nonpoly_scheme.entity_id 
_pdbx_nonpoly_scheme.mon_id 
_pdbx_nonpoly_scheme.ndb_seq_num 
_pdbx_nonpoly_scheme.pdb_seq_num 
_pdbx_nonpoly_scheme.auth_seq_num 
_pdbx_nonpoly_scheme.pdb_mon_id 
_pdbx_nonpoly_scheme.auth_mon_id 
_pdbx_nonpoly_scheme.pdb_strand_id 
_pdbx_nonpoly_scheme.pdb_ins_code 
B 2 MPO 1   201 201 MPO MPO A . 
C 3 MPD 1   202 202 MPD MPD A . 
D 4 HOH 1   301 301 HOH HOH A . 
D 4 HOH 2   302 302 HOH HOH A . 
D 4 HOH 3   303 303 HOH HOH A . 
D 4 HOH 4   304 304 HOH HOH A . 
D 4 HOH 5   305 305 HOH HOH A . 
D 4 HOH 6   306 306 HOH HOH A . 
D 4 HOH 7   307 307 HOH HOH A . 
D 4 HOH 8   308 308 HOH HOH A . 
D 4 HOH 9   309 309 HOH HOH A . 
D 4 HOH 10  310 310 HOH HOH A . 
D 4 HOH 11  311 311 HOH HOH A . 
D 4 HOH 12  312 312 HOH HOH A . 
D 4 HOH 13  313 313 HOH HOH A . 
D 4 HOH 14  314 314 HOH HOH A . 
D 4 HOH 15  315 315 HOH HOH A . 
D 4 HOH 16  316 316 HOH HOH A . 
D 4 HOH 17  317 317 HOH HOH A . 
D 4 HOH 18  318 318 HOH HOH A . 
D 4 HOH 19  319 319 HOH HOH A . 
D 4 HOH 20  320 320 HOH HOH A . 
D 4 HOH 21  321 321 HOH HOH A . 
D 4 HOH 22  322 322 HOH HOH A . 
D 4 HOH 23  323 323 HOH HOH A . 
D 4 HOH 24  324 324 HOH HOH A . 
D 4 HOH 25  325 325 HOH HOH A . 
D 4 HOH 26  326 326 HOH HOH A . 
D 4 HOH 27  327 327 HOH HOH A . 
D 4 HOH 28  328 328 HOH HOH A . 
D 4 HOH 29  329 329 HOH HOH A . 
D 4 HOH 30  330 330 HOH HOH A . 
D 4 HOH 31  331 331 HOH HOH A . 
D 4 HOH 32  332 332 HOH HOH A . 
D 4 HOH 33  333 333 HOH HOH A . 
D 4 HOH 34  334 334 HOH HOH A . 
D 4 HOH 35  335 335 HOH HOH A . 
D 4 HOH 36  336 336 HOH HOH A . 
D 4 HOH 37  337 337 HOH HOH A . 
D 4 HOH 38  338 338 HOH HOH A . 
D 4 HOH 39  339 339 HOH HOH A . 
D 4 HOH 40  340 340 HOH HOH A . 
D 4 HOH 41  341 341 HOH HOH A . 
D 4 HOH 42  342 342 HOH HOH A . 
D 4 HOH 43  343 343 HOH HOH A . 
D 4 HOH 44  344 344 HOH HOH A . 
D 4 HOH 45  345 345 HOH HOH A . 
D 4 HOH 46  346 346 HOH HOH A . 
D 4 HOH 47  347 347 HOH HOH A . 
D 4 HOH 48  348 348 HOH HOH A . 
D 4 HOH 49  349 349 HOH HOH A . 
D 4 HOH 50  350 350 HOH HOH A . 
D 4 HOH 51  351 351 HOH HOH A . 
D 4 HOH 52  352 352 HOH HOH A . 
D 4 HOH 53  353 353 HOH HOH A . 
D 4 HOH 54  354 354 HOH HOH A . 
D 4 HOH 55  355 355 HOH HOH A . 
D 4 HOH 56  356 356 HOH HOH A . 
D 4 HOH 57  357 357 HOH HOH A . 
D 4 HOH 58  358 358 HOH HOH A . 
D 4 HOH 59  359 359 HOH HOH A . 
D 4 HOH 60  360 360 HOH HOH A . 
D 4 HOH 61  361 361 HOH HOH A . 
D 4 HOH 62  362 362 HOH HOH A . 
D 4 HOH 63  363 363 HOH HOH A . 
D 4 HOH 64  364 364 HOH HOH A . 
D 4 HOH 65  365 365 HOH HOH A . 
D 4 HOH 66  366 366 HOH HOH A . 
D 4 HOH 67  367 367 HOH HOH A . 
D 4 HOH 68  368 368 HOH HOH A . 
D 4 HOH 69  369 369 HOH HOH A . 
D 4 HOH 70  370 370 HOH HOH A . 
D 4 HOH 71  371 371 HOH HOH A . 
D 4 HOH 72  372 372 HOH HOH A . 
D 4 HOH 73  373 373 HOH HOH A . 
D 4 HOH 74  374 374 HOH HOH A . 
D 4 HOH 75  375 375 HOH HOH A . 
D 4 HOH 76  376 376 HOH HOH A . 
D 4 HOH 77  377 377 HOH HOH A . 
D 4 HOH 78  378 378 HOH HOH A . 
D 4 HOH 79  379 379 HOH HOH A . 
D 4 HOH 80  380 380 HOH HOH A . 
D 4 HOH 81  381 381 HOH HOH A . 
D 4 HOH 82  382 382 HOH HOH A . 
D 4 HOH 83  383 383 HOH HOH A . 
D 4 HOH 84  384 384 HOH HOH A . 
D 4 HOH 85  385 385 HOH HOH A . 
D 4 HOH 86  386 386 HOH HOH A . 
D 4 HOH 87  387 387 HOH HOH A . 
D 4 HOH 88  388 388 HOH HOH A . 
D 4 HOH 89  389 389 HOH HOH A . 
D 4 HOH 90  390 390 HOH HOH A . 
D 4 HOH 91  391 391 HOH HOH A . 
D 4 HOH 92  392 392 HOH HOH A . 
D 4 HOH 93  393 393 HOH HOH A . 
D 4 HOH 94  394 394 HOH HOH A . 
D 4 HOH 95  395 395 HOH HOH A . 
D 4 HOH 96  396 396 HOH HOH A . 
D 4 HOH 97  397 397 HOH HOH A . 
D 4 HOH 98  398 398 HOH HOH A . 
D 4 HOH 99  399 399 HOH HOH A . 
D 4 HOH 100 400 400 HOH HOH A . 
D 4 HOH 101 401 401 HOH HOH A . 
D 4 HOH 102 402 402 HOH HOH A . 
D 4 HOH 103 403 403 HOH HOH A . 
D 4 HOH 104 404 404 HOH HOH A . 
D 4 HOH 105 405 405 HOH HOH A . 
D 4 HOH 106 406 406 HOH HOH A . 
D 4 HOH 107 407 407 HOH HOH A . 
D 4 HOH 108 408 408 HOH HOH A . 
D 4 HOH 109 409 409 HOH HOH A . 
D 4 HOH 110 410 410 HOH HOH A . 
D 4 HOH 111 411 411 HOH HOH A . 
D 4 HOH 112 412 412 HOH HOH A . 
D 4 HOH 113 413 413 HOH HOH A . 
D 4 HOH 114 414 414 HOH HOH A . 
D 4 HOH 115 415 415 HOH HOH A . 
D 4 HOH 116 416 416 HOH HOH A . 
D 4 HOH 117 417 417 HOH HOH A . 
D 4 HOH 118 418 418 HOH HOH A . 
D 4 HOH 119 419 419 HOH HOH A . 
D 4 HOH 120 420 420 HOH HOH A . 
D 4 HOH 121 421 421 HOH HOH A . 
D 4 HOH 122 422 422 HOH HOH A . 
D 4 HOH 123 423 423 HOH HOH A . 
D 4 HOH 124 424 424 HOH HOH A . 
D 4 HOH 125 425 425 HOH HOH A . 
D 4 HOH 126 426 426 HOH HOH A . 
D 4 HOH 127 427 427 HOH HOH A . 
D 4 HOH 128 428 428 HOH HOH A . 
D 4 HOH 129 429 429 HOH HOH A . 
D 4 HOH 130 430 430 HOH HOH A . 
D 4 HOH 131 431 431 HOH HOH A . 
D 4 HOH 132 432 432 HOH HOH A . 
D 4 HOH 133 433 433 HOH HOH A . 
D 4 HOH 134 434 434 HOH HOH A . 
D 4 HOH 135 435 435 HOH HOH A . 
D 4 HOH 136 436 436 HOH HOH A . 
D 4 HOH 137 437 437 HOH HOH A . 
D 4 HOH 138 438 438 HOH HOH A . 
D 4 HOH 139 439 439 HOH HOH A . 
D 4 HOH 140 440 440 HOH HOH A . 
D 4 HOH 141 441 441 HOH HOH A . 
D 4 HOH 142 442 442 HOH HOH A . 
D 4 HOH 143 443 443 HOH HOH A . 
D 4 HOH 144 444 444 HOH HOH A . 
D 4 HOH 145 445 445 HOH HOH A . 
D 4 HOH 146 446 446 HOH HOH A . 
D 4 HOH 147 447 447 HOH HOH A . 
D 4 HOH 148 448 448 HOH HOH A . 
D 4 HOH 149 449 449 HOH HOH A . 
D 4 HOH 150 450 450 HOH HOH A . 
D 4 HOH 151 451 451 HOH HOH A . 
D 4 HOH 152 452 452 HOH HOH A . 
D 4 HOH 153 453 453 HOH HOH A . 
D 4 HOH 154 454 454 HOH HOH A . 
D 4 HOH 155 455 455 HOH HOH A . 
D 4 HOH 156 456 456 HOH HOH A . 
D 4 HOH 157 457 457 HOH HOH A . 
D 4 HOH 158 458 458 HOH HOH A . 
D 4 HOH 159 459 459 HOH HOH A . 
D 4 HOH 160 460 460 HOH HOH A . 
D 4 HOH 161 461 461 HOH HOH A . 
D 4 HOH 162 462 462 HOH HOH A . 
D 4 HOH 163 463 463 HOH HOH A . 
D 4 HOH 164 464 464 HOH HOH A . 
D 4 HOH 165 465 465 HOH HOH A . 
D 4 HOH 166 466 466 HOH HOH A . 
D 4 HOH 167 467 467 HOH HOH A . 
D 4 HOH 168 468 468 HOH HOH A . 
D 4 HOH 169 469 469 HOH HOH A . 
D 4 HOH 170 470 470 HOH HOH A . 
D 4 HOH 171 471 471 HOH HOH A . 
# 
loop_
_pdbx_unobs_or_zero_occ_atoms.id 
_pdbx_unobs_or_zero_occ_atoms.PDB_model_num 
_pdbx_unobs_or_zero_occ_atoms.polymer_flag 
_pdbx_unobs_or_zero_occ_atoms.occupancy_flag 
_pdbx_unobs_or_zero_occ_atoms.auth_asym_id 
_pdbx_unobs_or_zero_occ_atoms.auth_comp_id 
_pdbx_unobs_or_zero_occ_atoms.auth_seq_id 
_pdbx_unobs_or_zero_occ_atoms.PDB_ins_code 
_pdbx_unobs_or_zero_occ_atoms.auth_atom_id 
_pdbx_unobs_or_zero_occ_atoms.label_alt_id 
_pdbx_unobs_or_zero_occ_atoms.label_asym_id 
_pdbx_unobs_or_zero_occ_atoms.label_comp_id 
_pdbx_unobs_or_zero_occ_atoms.label_seq_id 
_pdbx_unobs_or_zero_occ_atoms.label_atom_id 
1 1 Y 1 A GLU 6   ? CG  ? A GLU 6   CG  
2 1 Y 1 A GLU 6   ? CD  ? A GLU 6   CD  
3 1 Y 1 A GLU 6   ? OE1 ? A GLU 6   OE1 
4 1 Y 1 A GLU 6   ? OE2 ? A GLU 6   OE2 
5 1 Y 1 A ASN 111 ? CG  ? A ASN 111 CG  
6 1 Y 1 A ASN 111 ? OD1 ? A ASN 111 OD1 
7 1 Y 1 A ASN 111 ? ND2 ? A ASN 111 ND2 
8 1 N 1 A MPD 202 ? C1  ? C MPD 1   C1  
# 
loop_
_software.pdbx_ordinal 
_software.name 
_software.version 
_software.date 
_software.type 
_software.contact_author 
_software.contact_author_email 
_software.classification 
_software.location 
_software.language 
_software.citation_id 
1 PHENIX      1.8.1_1168 ?                ?       ?                     ?                            refinement        ? ? ? 
2 REFMAC      .          ?                program 'Garib N. Murshudov'  garib@ysbl.york.ac.uk        refinement        
http://www.ccp4.ac.uk/dist/html/refmac5.html Fortran_77 ? 
3 PDB_EXTRACT 3.11       'April 22, 2011' package PDB                   deposit@deposit.rcsb.org     'data extraction' 
http://sw-tools.pdb.org/apps/PDB_EXTRACT/    C++        ? 
4 MAR345dtb   .          ?                ?       ?                     ?                            'data collection' ? ? ? 
5 HKL-2000    .          ?                ?       ?                     ?                            'data reduction'  ? ? ? 
6 HKL-2000    .          ?                ?       ?                     ?                            'data scaling'    ? ? ? 
7 SHELXD      .          ?                ?       ?                     ?                            phasing           ? ? ? 
8 SHELX       .          ?                package 'George M. Sheldrick' gsheldr@shelx.uni-ac.gwdg.de phasing           
http://shelx.uni-ac.gwdg.de/SHELX/           Fortran_77 ? 
# 
_cell.entry_id           4HJM 
_cell.length_a           48.092 
_cell.length_b           48.092 
_cell.length_c           82.594 
_cell.angle_alpha        90.00 
_cell.angle_beta         90.00 
_cell.angle_gamma        120.00 
_cell.Z_PDB              6 
_cell.pdbx_unique_axis   ? 
_cell.length_a_esd       ? 
_cell.length_b_esd       ? 
_cell.length_c_esd       ? 
_cell.angle_alpha_esd    ? 
_cell.angle_beta_esd     ? 
_cell.angle_gamma_esd    ? 
# 
_symmetry.entry_id                         4HJM 
_symmetry.space_group_name_H-M             'P 32 2 1' 
_symmetry.pdbx_full_space_group_name_H-M   ? 
_symmetry.cell_setting                     ? 
_symmetry.Int_Tables_number                154 
_symmetry.space_group_name_Hall            ? 
# 
_exptl.entry_id          4HJM 
_exptl.method            'X-RAY DIFFRACTION' 
_exptl.crystals_number   1 
# 
_exptl_crystal.id                    1 
_exptl_crystal.density_meas          ? 
_exptl_crystal.density_Matthews      2.22 
_exptl_crystal.density_percent_sol   44.52 
_exptl_crystal.description           ? 
_exptl_crystal.F_000                 ? 
_exptl_crystal.preparation           ? 
# 
_exptl_crystal_grow.crystal_id      1 
_exptl_crystal_grow.method          'VAPOR DIFFUSION, HANGING DROP' 
_exptl_crystal_grow.temp            293 
_exptl_crystal_grow.temp_details    ? 
_exptl_crystal_grow.pH              7.5 
_exptl_crystal_grow.pdbx_pH_range   ? 
_exptl_crystal_grow.pdbx_details    
;12.5% w/v PEG1000, 12.5% w/v PEG3350, 12.5% v/v MPD, 0.02 M amino acids, 0.1 M MOPS/HEPES sodium, pH 7.5, VAPOR DIFFUSION, HANGING DROP, temperature 293K
;
# 
_diffrn.id                     1 
_diffrn.ambient_temp           100 
_diffrn.ambient_temp_details   ? 
_diffrn.crystal_id             1 
# 
_diffrn_detector.diffrn_id              1 
_diffrn_detector.detector               'IMAGE PLATE' 
_diffrn_detector.type                   'MAR scanner 345 mm plate' 
_diffrn_detector.pdbx_collection_date   2011-08-19 
_diffrn_detector.details                ? 
# 
_diffrn_radiation.diffrn_id                        1 
_diffrn_radiation.wavelength_id                    1 
_diffrn_radiation.pdbx_monochromatic_or_laue_m_l   M 
_diffrn_radiation.monochromator                    mirrors 
_diffrn_radiation.pdbx_diffrn_protocol             'SINGLE WAVELENGTH' 
_diffrn_radiation.pdbx_scattering_type             x-ray 
# 
_diffrn_radiation_wavelength.id           1 
_diffrn_radiation_wavelength.wavelength   1.5418 
_diffrn_radiation_wavelength.wt           1.0 
# 
_diffrn_source.diffrn_id                   1 
_diffrn_source.source                      'ROTATING ANODE' 
_diffrn_source.type                        'RIGAKU MICROMAX-007' 
_diffrn_source.pdbx_synchrotron_site       ? 
_diffrn_source.pdbx_synchrotron_beamline   ? 
_diffrn_source.pdbx_wavelength             ? 
_diffrn_source.pdbx_wavelength_list        1.5418 
# 
_reflns.pdbx_diffrn_id               1 
_reflns.pdbx_ordinal                 1 
_reflns.entry_id                     4HJM 
_reflns.observed_criterion_sigma_I   2.0 
_reflns.observed_criterion_sigma_F   2.0 
_reflns.d_resolution_low             50 
_reflns.d_resolution_high            1.5462 
_reflns.number_obs                   16572 
_reflns.number_all                   16595 
_reflns.percent_possible_obs         99.01 
_reflns.pdbx_Rmerge_I_obs            0.049 
_reflns.pdbx_Rsym_value              ? 
_reflns.pdbx_netI_over_sigmaI        91.2 
_reflns.B_iso_Wilson_estimate        ? 
_reflns.pdbx_redundancy              19 
_reflns.R_free_details               ? 
_reflns.limit_h_max                  ? 
_reflns.limit_h_min                  ? 
_reflns.limit_k_max                  ? 
_reflns.limit_k_min                  ? 
_reflns.limit_l_max                  ? 
_reflns.limit_l_min                  ? 
_reflns.observed_criterion_F_max     ? 
_reflns.observed_criterion_F_min     ? 
_reflns.pdbx_chi_squared             ? 
_reflns.pdbx_scaling_rejects         ? 
# 
_reflns_shell.pdbx_diffrn_id         1 
_reflns_shell.pdbx_ordinal           1 
_reflns_shell.d_res_high             1.5462 
_reflns_shell.d_res_low              1.60 
_reflns_shell.percent_possible_all   83.9 
_reflns_shell.Rmerge_I_obs           0.257 
_reflns_shell.pdbx_Rsym_value        ? 
_reflns_shell.meanI_over_sigI_obs    13.2 
_reflns_shell.pdbx_redundancy        ? 
_reflns_shell.percent_possible_obs   ? 
_reflns_shell.number_unique_all      ? 
_reflns_shell.number_measured_all    ? 
_reflns_shell.number_measured_obs    ? 
_reflns_shell.number_unique_obs      ? 
_reflns_shell.pdbx_chi_squared       ? 
# 
_refine.pdbx_refine_id                           'X-RAY DIFFRACTION' 
_refine.entry_id                                 4HJM 
_refine.pdbx_diffrn_id                           1 
_refine.pdbx_TLS_residual_ADP_flag               ? 
_refine.ls_number_reflns_obs                     16568 
_refine.ls_number_reflns_all                     16595 
_refine.pdbx_ls_sigma_I                          ? 
_refine.pdbx_ls_sigma_F                          1.36 
_refine.pdbx_data_cutoff_high_absF               ? 
_refine.pdbx_data_cutoff_low_absF                ? 
_refine.pdbx_data_cutoff_high_rms_absF           ? 
_refine.ls_d_res_low                             24.046 
_refine.ls_d_res_high                            1.5462 
_refine.ls_percent_reflns_obs                    99.05 
_refine.ls_R_factor_obs                          0.1495 
_refine.ls_R_factor_all                          ? 
_refine.ls_R_factor_R_work                       0.1480 
_refine.ls_R_factor_R_free                       0.1787 
_refine.ls_R_factor_R_free_error                 ? 
_refine.ls_R_factor_R_free_error_details         ? 
_refine.ls_percent_reflns_R_free                 5.06 
_refine.ls_number_reflns_R_free                  839 
_refine.ls_number_parameters                     ? 
_refine.ls_number_restraints                     ? 
_refine.occupancy_min                            0.250 
_refine.occupancy_max                            1.000 
_refine.correlation_coeff_Fo_to_Fc               0.9710 
_refine.correlation_coeff_Fo_to_Fc_free          0.9630 
_refine.B_iso_mean                               17.5799 
_refine.aniso_B[1][1]                            -0.1600 
_refine.aniso_B[2][2]                            -0.1600 
_refine.aniso_B[3][3]                            0.2400 
_refine.aniso_B[1][2]                            -0.0800 
_refine.aniso_B[1][3]                            0.0000 
_refine.aniso_B[2][3]                            0.0000 
_refine.solvent_model_details                    'FLAT BULK SOLVENT MODEL' 
_refine.solvent_model_param_ksol                 ? 
_refine.solvent_model_param_bsol                 ? 
_refine.pdbx_solvent_vdw_probe_radii             1.11 
_refine.pdbx_solvent_ion_probe_radii             ? 
_refine.pdbx_solvent_shrinkage_radii             0.90 
_refine.pdbx_ls_cross_valid_method               ? 
_refine.details                                  
;HYDROGENS HAVE BEEN USED IF PRESENT IN THE INPUT 
U VALUES      : REFINED INDIVIDUALLY
;
_refine.pdbx_starting_model                      ? 
_refine.pdbx_method_to_determine_struct          SAD 
_refine.pdbx_isotropic_thermal_model             ? 
_refine.pdbx_stereochemistry_target_values       ML 
_refine.pdbx_stereochem_target_val_spec_case     ? 
_refine.pdbx_R_Free_selection_details            ? 
_refine.pdbx_overall_ESU_R                       ? 
_refine.pdbx_overall_ESU_R_Free                  ? 
_refine.overall_SU_ML                            0.11 
_refine.pdbx_overall_phase_error                 16.56 
_refine.overall_SU_B                             ? 
_refine.overall_SU_R_Cruickshank_DPI             0.0775 
_refine.pdbx_overall_SU_R_free_Cruickshank_DPI   ? 
_refine.pdbx_overall_SU_R_Blow_DPI               ? 
_refine.pdbx_overall_SU_R_free_Blow_DPI          ? 
_refine.ls_redundancy_reflns_obs                 ? 
_refine.B_iso_min                                ? 
_refine.B_iso_max                                ? 
_refine.overall_SU_R_free                        ? 
_refine.ls_wR_factor_R_free                      ? 
_refine.ls_wR_factor_R_work                      ? 
_refine.overall_FOM_free_R_set                   ? 
_refine.overall_FOM_work_R_set                   ? 
# 
_refine_hist.pdbx_refine_id                   'X-RAY DIFFRACTION' 
_refine_hist.cycle_id                         LAST 
_refine_hist.pdbx_number_atoms_protein        832 
_refine_hist.pdbx_number_atoms_nucleic_acid   0 
_refine_hist.pdbx_number_atoms_ligand         20 
_refine_hist.number_atoms_solvent             171 
_refine_hist.number_atoms_total               1023 
_refine_hist.d_res_high                       1.5462 
_refine_hist.d_res_low                        24.046 
# 
loop_
_refine_ls_restr.type 
_refine_ls_restr.dev_ideal 
_refine_ls_restr.dev_ideal_target 
_refine_ls_restr.weight 
_refine_ls_restr.number 
_refine_ls_restr.pdbx_refine_id 
_refine_ls_restr.pdbx_restraint_function 
f_bond_d           0.006  ? ? 963  'X-RAY DIFFRACTION' ? 
f_angle_d          1.093  ? ? 1309 'X-RAY DIFFRACTION' ? 
f_dihedral_angle_d 13.815 ? ? 408  'X-RAY DIFFRACTION' ? 
f_chiral_restr     0.073  ? ? 147  'X-RAY DIFFRACTION' ? 
f_plane_restr      0.004  ? ? 166  'X-RAY DIFFRACTION' ? 
# 
loop_
_refine_ls_shell.pdbx_refine_id 
_refine_ls_shell.pdbx_total_number_of_bins_used 
_refine_ls_shell.d_res_high 
_refine_ls_shell.d_res_low 
_refine_ls_shell.number_reflns_R_work 
_refine_ls_shell.R_factor_R_work 
_refine_ls_shell.percent_reflns_obs 
_refine_ls_shell.R_factor_R_free 
_refine_ls_shell.R_factor_R_free_error 
_refine_ls_shell.percent_reflns_R_free 
_refine_ls_shell.number_reflns_R_free 
_refine_ls_shell.number_reflns_all 
_refine_ls_shell.R_factor_all 
_refine_ls_shell.redundancy_reflns_obs 
_refine_ls_shell.number_reflns_obs 
'X-RAY DIFFRACTION' . 1.5462 1.6431  2506 0.1666 97.00  0.2033 . . 126 . . . . 
'X-RAY DIFFRACTION' . 1.6431 1.7699  2549 0.1565 99.00  0.1798 . . 167 . . . . 
'X-RAY DIFFRACTION' . 1.7699 1.9479  2590 0.1439 99.00  0.2068 . . 132 . . . . 
'X-RAY DIFFRACTION' . 1.9479 2.2296  2620 0.1409 100.00 0.1842 . . 143 . . . . 
'X-RAY DIFFRACTION' . 2.2296 2.8084  2677 0.1498 100.00 0.1705 . . 131 . . . . 
'X-RAY DIFFRACTION' . 2.8084 24.0489 2787 0.1471 100.00 0.1709 . . 140 . . . . 
# 
_struct.entry_id                  4HJM 
_struct.title                     'Crystal structure of Glutaredoxin 1 from Plasmodium falciparum (PfGrx1) solved by S-SAD' 
_struct.pdbx_model_details        ? 
_struct.pdbx_CASP_flag            ? 
_struct.pdbx_model_type_details   ? 
# 
_struct_keywords.entry_id        4HJM 
_struct_keywords.text            'glutathione, sulfur-SAD, active site, plasticity, Trx fold, redox enzymes, OXIDOREDUCTASE' 
_struct_keywords.pdbx_keywords   OXIDOREDUCTASE 
# 
loop_
_struct_asym.id 
_struct_asym.pdbx_blank_PDB_chainid_flag 
_struct_asym.pdbx_modified 
_struct_asym.entity_id 
_struct_asym.details 
A N N 1 ? 
B N N 2 ? 
C N N 3 ? 
D N N 4 ? 
# 
_struct_ref.id                         1 
_struct_ref.db_name                    UNP 
_struct_ref.db_code                    Q9NLB2_PLAF7 
_struct_ref.pdbx_db_accession          Q9NLB2 
_struct_ref.entity_id                  1 
_struct_ref.pdbx_seq_one_letter_code   
;MAGTSEAVKKWVNKIIEENIIAVFAKTECPYCIKAISILKGYNLNSHMHVENIEKNPDMANIQAYLKELTGKSSVPRIFI
NKDVVGGCDDLVKENDEGKLKERLQKLGLVN
;
_struct_ref.pdbx_align_begin           1 
_struct_ref.pdbx_db_isoform            ? 
# 
_struct_ref_seq.align_id                      1 
_struct_ref_seq.ref_id                        1 
_struct_ref_seq.pdbx_PDB_id_code              4HJM 
_struct_ref_seq.pdbx_strand_id                A 
_struct_ref_seq.seq_align_beg                 1 
_struct_ref_seq.pdbx_seq_align_beg_ins_code   ? 
_struct_ref_seq.seq_align_end                 111 
_struct_ref_seq.pdbx_seq_align_end_ins_code   ? 
_struct_ref_seq.pdbx_db_accession             Q9NLB2 
_struct_ref_seq.db_align_beg                  1 
_struct_ref_seq.pdbx_db_align_beg_ins_code    ? 
_struct_ref_seq.db_align_end                  111 
_struct_ref_seq.pdbx_db_align_end_ins_code    ? 
_struct_ref_seq.pdbx_auth_seq_align_beg       1 
_struct_ref_seq.pdbx_auth_seq_align_end       111 
# 
_pdbx_struct_assembly.id                   1 
_pdbx_struct_assembly.details              author_and_software_defined_assembly 
_pdbx_struct_assembly.method_details       PISA 
_pdbx_struct_assembly.oligomeric_details   monomeric 
_pdbx_struct_assembly.oligomeric_count     1 
# 
_pdbx_struct_assembly_gen.assembly_id       1 
_pdbx_struct_assembly_gen.oper_expression   1 
_pdbx_struct_assembly_gen.asym_id_list      A,B,C,D 
# 
_pdbx_struct_oper_list.id                   1 
_pdbx_struct_oper_list.type                 'identity operation' 
_pdbx_struct_oper_list.name                 1_555 
_pdbx_struct_oper_list.symmetry_operation   x,y,z 
_pdbx_struct_oper_list.matrix[1][1]         1.0000000000 
_pdbx_struct_oper_list.matrix[1][2]         0.0000000000 
_pdbx_struct_oper_list.matrix[1][3]         0.0000000000 
_pdbx_struct_oper_list.vector[1]            0.0000000000 
_pdbx_struct_oper_list.matrix[2][1]         0.0000000000 
_pdbx_struct_oper_list.matrix[2][2]         1.0000000000 
_pdbx_struct_oper_list.matrix[2][3]         0.0000000000 
_pdbx_struct_oper_list.vector[2]            0.0000000000 
_pdbx_struct_oper_list.matrix[3][1]         0.0000000000 
_pdbx_struct_oper_list.matrix[3][2]         0.0000000000 
_pdbx_struct_oper_list.matrix[3][3]         1.0000000000 
_pdbx_struct_oper_list.vector[3]            0.0000000000 
# 
_struct_biol.id        1 
_struct_biol.details   ? 
# 
loop_
_struct_conf.conf_type_id 
_struct_conf.id 
_struct_conf.pdbx_PDB_helix_id 
_struct_conf.beg_label_comp_id 
_struct_conf.beg_label_asym_id 
_struct_conf.beg_label_seq_id 
_struct_conf.pdbx_beg_PDB_ins_code 
_struct_conf.end_label_comp_id 
_struct_conf.end_label_asym_id 
_struct_conf.end_label_seq_id 
_struct_conf.pdbx_end_PDB_ins_code 
_struct_conf.beg_auth_comp_id 
_struct_conf.beg_auth_asym_id 
_struct_conf.beg_auth_seq_id 
_struct_conf.end_auth_comp_id 
_struct_conf.end_auth_asym_id 
_struct_conf.end_auth_seq_id 
_struct_conf.pdbx_PDB_helix_class 
_struct_conf.details 
_struct_conf.pdbx_PDB_helix_length 
HELX_P HELX_P1 1 GLU A 6  ? ASN A 19  ? GLU A 6  ASN A 19  1 ? 14 
HELX_P HELX_P2 2 CYS A 29 ? TYR A 42  ? CYS A 29 TYR A 42  1 ? 14 
HELX_P HELX_P3 3 ASN A 43 ? SER A 46  ? ASN A 43 SER A 46  5 ? 4  
HELX_P HELX_P4 4 ASP A 58 ? GLY A 71  ? ASP A 58 GLY A 71  1 ? 14 
HELX_P HELX_P5 5 GLY A 87 ? GLU A 97  ? GLY A 87 GLU A 97  1 ? 11 
HELX_P HELX_P6 6 GLY A 98 ? LEU A 107 ? GLY A 98 LEU A 107 1 ? 10 
# 
_struct_conf_type.id          HELX_P 
_struct_conf_type.criteria    ? 
_struct_conf_type.reference   ? 
# 
_struct_conn.id                            disulf1 
_struct_conn.conn_type_id                  disulf 
_struct_conn.pdbx_leaving_atom_flag        ? 
_struct_conn.pdbx_PDB_id                   ? 
_struct_conn.ptnr1_label_asym_id           A 
_struct_conn.ptnr1_label_comp_id           CYS 
_struct_conn.ptnr1_label_seq_id            29 
_struct_conn.ptnr1_label_atom_id           SG 
_struct_conn.pdbx_ptnr1_label_alt_id       ? 
_struct_conn.pdbx_ptnr1_PDB_ins_code       ? 
_struct_conn.pdbx_ptnr1_standard_comp_id   ? 
_struct_conn.ptnr1_symmetry                1_555 
_struct_conn.ptnr2_label_asym_id           A 
_struct_conn.ptnr2_label_comp_id           CYS 
_struct_conn.ptnr2_label_seq_id            32 
_struct_conn.ptnr2_label_atom_id           SG 
_struct_conn.pdbx_ptnr2_label_alt_id       ? 
_struct_conn.pdbx_ptnr2_PDB_ins_code       ? 
_struct_conn.ptnr1_auth_asym_id            A 
_struct_conn.ptnr1_auth_comp_id            CYS 
_struct_conn.ptnr1_auth_seq_id             29 
_struct_conn.ptnr2_auth_asym_id            A 
_struct_conn.ptnr2_auth_comp_id            CYS 
_struct_conn.ptnr2_auth_seq_id             32 
_struct_conn.ptnr2_symmetry                1_555 
_struct_conn.pdbx_ptnr3_label_atom_id      ? 
_struct_conn.pdbx_ptnr3_label_seq_id       ? 
_struct_conn.pdbx_ptnr3_label_comp_id      ? 
_struct_conn.pdbx_ptnr3_label_asym_id      ? 
_struct_conn.pdbx_ptnr3_label_alt_id       ? 
_struct_conn.pdbx_ptnr3_PDB_ins_code       ? 
_struct_conn.details                       ? 
_struct_conn.pdbx_dist_value               2.054 
_struct_conn.pdbx_value_order              ? 
_struct_conn.pdbx_role                     ? 
# 
_struct_conn_type.id          disulf 
_struct_conn_type.criteria    ? 
_struct_conn_type.reference   ? 
# 
_pdbx_modification_feature.ordinal                            1 
_pdbx_modification_feature.label_comp_id                      CYS 
_pdbx_modification_feature.label_asym_id                      A 
_pdbx_modification_feature.label_seq_id                       29 
_pdbx_modification_feature.label_alt_id                       ? 
_pdbx_modification_feature.modified_residue_label_comp_id     CYS 
_pdbx_modification_feature.modified_residue_label_asym_id     A 
_pdbx_modification_feature.modified_residue_label_seq_id      32 
_pdbx_modification_feature.modified_residue_label_alt_id      ? 
_pdbx_modification_feature.auth_comp_id                       CYS 
_pdbx_modification_feature.auth_asym_id                       A 
_pdbx_modification_feature.auth_seq_id                        29 
_pdbx_modification_feature.PDB_ins_code                       ? 
_pdbx_modification_feature.symmetry                           1_555 
_pdbx_modification_feature.modified_residue_auth_comp_id      CYS 
_pdbx_modification_feature.modified_residue_auth_asym_id      A 
_pdbx_modification_feature.modified_residue_auth_seq_id       32 
_pdbx_modification_feature.modified_residue_PDB_ins_code      ? 
_pdbx_modification_feature.modified_residue_symmetry          1_555 
_pdbx_modification_feature.comp_id_linking_atom               SG 
_pdbx_modification_feature.modified_residue_id_linking_atom   SG 
_pdbx_modification_feature.modified_residue_id                . 
_pdbx_modification_feature.ref_pcm_id                         . 
_pdbx_modification_feature.ref_comp_id                        . 
_pdbx_modification_feature.type                               None 
_pdbx_modification_feature.category                           'Disulfide bridge' 
# 
_struct_mon_prot_cis.pdbx_id                1 
_struct_mon_prot_cis.label_comp_id          VAL 
_struct_mon_prot_cis.label_seq_id           75 
_struct_mon_prot_cis.label_asym_id          A 
_struct_mon_prot_cis.label_alt_id           . 
_struct_mon_prot_cis.pdbx_PDB_ins_code      ? 
_struct_mon_prot_cis.auth_comp_id           VAL 
_struct_mon_prot_cis.auth_seq_id            75 
_struct_mon_prot_cis.auth_asym_id           A 
_struct_mon_prot_cis.pdbx_label_comp_id_2   PRO 
_struct_mon_prot_cis.pdbx_label_seq_id_2    76 
_struct_mon_prot_cis.pdbx_label_asym_id_2   A 
_struct_mon_prot_cis.pdbx_PDB_ins_code_2    ? 
_struct_mon_prot_cis.pdbx_auth_comp_id_2    PRO 
_struct_mon_prot_cis.pdbx_auth_seq_id_2     76 
_struct_mon_prot_cis.pdbx_auth_asym_id_2    A 
_struct_mon_prot_cis.pdbx_PDB_model_num     1 
_struct_mon_prot_cis.pdbx_omega_angle       3.47 
# 
_struct_sheet.id               A 
_struct_sheet.type             ? 
_struct_sheet.number_strands   4 
_struct_sheet.details          ? 
# 
loop_
_struct_sheet_order.sheet_id 
_struct_sheet_order.range_id_1 
_struct_sheet_order.range_id_2 
_struct_sheet_order.offset 
_struct_sheet_order.sense 
A 1 2 ? parallel      
A 2 3 ? anti-parallel 
A 3 4 ? anti-parallel 
# 
loop_
_struct_sheet_range.sheet_id 
_struct_sheet_range.id 
_struct_sheet_range.beg_label_comp_id 
_struct_sheet_range.beg_label_asym_id 
_struct_sheet_range.beg_label_seq_id 
_struct_sheet_range.pdbx_beg_PDB_ins_code 
_struct_sheet_range.end_label_comp_id 
_struct_sheet_range.end_label_asym_id 
_struct_sheet_range.end_label_seq_id 
_struct_sheet_range.pdbx_end_PDB_ins_code 
_struct_sheet_range.beg_auth_comp_id 
_struct_sheet_range.beg_auth_asym_id 
_struct_sheet_range.beg_auth_seq_id 
_struct_sheet_range.end_auth_comp_id 
_struct_sheet_range.end_auth_asym_id 
_struct_sheet_range.end_auth_seq_id 
A 1 MET A 48 ? ASN A 52 ? MET A 48 ASN A 52 
A 2 ILE A 21 ? ALA A 25 ? ILE A 21 ALA A 25 
A 3 ARG A 77 ? ILE A 80 ? ARG A 77 ILE A 80 
A 4 ASP A 83 ? GLY A 86 ? ASP A 83 GLY A 86 
# 
loop_
_pdbx_struct_sheet_hbond.sheet_id 
_pdbx_struct_sheet_hbond.range_id_1 
_pdbx_struct_sheet_hbond.range_id_2 
_pdbx_struct_sheet_hbond.range_1_label_atom_id 
_pdbx_struct_sheet_hbond.range_1_label_comp_id 
_pdbx_struct_sheet_hbond.range_1_label_asym_id 
_pdbx_struct_sheet_hbond.range_1_label_seq_id 
_pdbx_struct_sheet_hbond.range_1_PDB_ins_code 
_pdbx_struct_sheet_hbond.range_1_auth_atom_id 
_pdbx_struct_sheet_hbond.range_1_auth_comp_id 
_pdbx_struct_sheet_hbond.range_1_auth_asym_id 
_pdbx_struct_sheet_hbond.range_1_auth_seq_id 
_pdbx_struct_sheet_hbond.range_2_label_atom_id 
_pdbx_struct_sheet_hbond.range_2_label_comp_id 
_pdbx_struct_sheet_hbond.range_2_label_asym_id 
_pdbx_struct_sheet_hbond.range_2_label_seq_id 
_pdbx_struct_sheet_hbond.range_2_PDB_ins_code 
_pdbx_struct_sheet_hbond.range_2_auth_atom_id 
_pdbx_struct_sheet_hbond.range_2_auth_comp_id 
_pdbx_struct_sheet_hbond.range_2_auth_asym_id 
_pdbx_struct_sheet_hbond.range_2_auth_seq_id 
A 1 2 O GLU A 51 ? O GLU A 51 N ALA A 25 ? N ALA A 25 
A 2 3 N PHE A 24 ? N PHE A 24 O ARG A 77 ? O ARG A 77 
A 3 4 N ILE A 78 ? N ILE A 78 O GLY A 86 ? O GLY A 86 
# 
loop_
_struct_site.id 
_struct_site.pdbx_evidence_code 
_struct_site.pdbx_auth_asym_id 
_struct_site.pdbx_auth_comp_id 
_struct_site.pdbx_auth_seq_id 
_struct_site.pdbx_auth_ins_code 
_struct_site.pdbx_num_residues 
_struct_site.details 
AC1 Software A MPO 201 ? 11 'BINDING SITE FOR RESIDUE MPO A 201' 
AC2 Software A MPD 202 ? 3  'BINDING SITE FOR RESIDUE MPD A 202' 
# 
loop_
_struct_site_gen.id 
_struct_site_gen.site_id 
_struct_site_gen.pdbx_num_res 
_struct_site_gen.label_comp_id 
_struct_site_gen.label_asym_id 
_struct_site_gen.label_seq_id 
_struct_site_gen.pdbx_auth_ins_code 
_struct_site_gen.auth_comp_id 
_struct_site_gen.auth_asym_id 
_struct_site_gen.auth_seq_id 
_struct_site_gen.label_atom_id 
_struct_site_gen.label_alt_id 
_struct_site_gen.symmetry 
_struct_site_gen.details 
1  AC1 11 LYS A 9  ? LYS A 9   . ? 4_545 ? 
2  AC1 11 TYR A 31 ? TYR A 31  . ? 1_555 ? 
3  AC1 11 TYR A 65 ? TYR A 65  . ? 4_545 ? 
4  AC1 11 GLU A 68 ? GLU A 68  . ? 4_545 ? 
5  AC1 11 PRO A 76 ? PRO A 76  . ? 1_555 ? 
6  AC1 11 GLY A 87 ? GLY A 87  . ? 1_555 ? 
7  AC1 11 CYS A 88 ? CYS A 88  . ? 1_555 ? 
8  AC1 11 ASP A 89 ? ASP A 89  . ? 1_555 ? 
9  AC1 11 HOH D .  ? HOH A 309 . ? 1_555 ? 
10 AC1 11 HOH D .  ? HOH A 315 . ? 1_555 ? 
11 AC1 11 HOH D .  ? HOH A 354 . ? 1_555 ? 
12 AC2 3  ASN A 13 ? ASN A 13  . ? 1_555 ? 
13 AC2 3  LYS A 82 ? LYS A 82  . ? 1_555 ? 
14 AC2 3  HOH D .  ? HOH A 435 . ? 1_555 ? 
# 
_pdbx_entry_details.entry_id                   4HJM 
_pdbx_entry_details.compound_details           ? 
_pdbx_entry_details.source_details             ? 
_pdbx_entry_details.nonpolymer_details         ? 
_pdbx_entry_details.sequence_details           ? 
_pdbx_entry_details.has_ligand_of_interest     ? 
_pdbx_entry_details.has_protein_modification   Y 
# 
loop_
_pdbx_validate_torsion.id 
_pdbx_validate_torsion.PDB_model_num 
_pdbx_validate_torsion.auth_comp_id 
_pdbx_validate_torsion.auth_asym_id 
_pdbx_validate_torsion.auth_seq_id 
_pdbx_validate_torsion.PDB_ins_code 
_pdbx_validate_torsion.label_alt_id 
_pdbx_validate_torsion.phi 
_pdbx_validate_torsion.psi 
1 1 LYS A 82 ? A 72.05 -5.26 
2 1 LYS A 82 ? B 72.96 -8.34 
# 
_phasing.method   SAD 
# 
loop_
_pdbx_unobs_or_zero_occ_residues.id 
_pdbx_unobs_or_zero_occ_residues.PDB_model_num 
_pdbx_unobs_or_zero_occ_residues.polymer_flag 
_pdbx_unobs_or_zero_occ_residues.occupancy_flag 
_pdbx_unobs_or_zero_occ_residues.auth_asym_id 
_pdbx_unobs_or_zero_occ_residues.auth_comp_id 
_pdbx_unobs_or_zero_occ_residues.auth_seq_id 
_pdbx_unobs_or_zero_occ_residues.PDB_ins_code 
_pdbx_unobs_or_zero_occ_residues.label_asym_id 
_pdbx_unobs_or_zero_occ_residues.label_comp_id 
_pdbx_unobs_or_zero_occ_residues.label_seq_id 
1 1 Y 1 A MET 1 ? A MET 1 
2 1 Y 1 A ALA 2 ? A ALA 2 
3 1 Y 1 A GLY 3 ? A GLY 3 
4 1 Y 1 A THR 4 ? A THR 4 
5 1 Y 1 A SER 5 ? A SER 5 
# 
loop_
_chem_comp_atom.comp_id 
_chem_comp_atom.atom_id 
_chem_comp_atom.type_symbol 
_chem_comp_atom.pdbx_aromatic_flag 
_chem_comp_atom.pdbx_stereo_config 
_chem_comp_atom.pdbx_ordinal 
ALA N    N N N 1   
ALA CA   C N S 2   
ALA C    C N N 3   
ALA O    O N N 4   
ALA CB   C N N 5   
ALA OXT  O N N 6   
ALA H    H N N 7   
ALA H2   H N N 8   
ALA HA   H N N 9   
ALA HB1  H N N 10  
ALA HB2  H N N 11  
ALA HB3  H N N 12  
ALA HXT  H N N 13  
ARG N    N N N 14  
ARG CA   C N S 15  
ARG C    C N N 16  
ARG O    O N N 17  
ARG CB   C N N 18  
ARG CG   C N N 19  
ARG CD   C N N 20  
ARG NE   N N N 21  
ARG CZ   C N N 22  
ARG NH1  N N N 23  
ARG NH2  N N N 24  
ARG OXT  O N N 25  
ARG H    H N N 26  
ARG H2   H N N 27  
ARG HA   H N N 28  
ARG HB2  H N N 29  
ARG HB3  H N N 30  
ARG HG2  H N N 31  
ARG HG3  H N N 32  
ARG HD2  H N N 33  
ARG HD3  H N N 34  
ARG HE   H N N 35  
ARG HH11 H N N 36  
ARG HH12 H N N 37  
ARG HH21 H N N 38  
ARG HH22 H N N 39  
ARG HXT  H N N 40  
ASN N    N N N 41  
ASN CA   C N S 42  
ASN C    C N N 43  
ASN O    O N N 44  
ASN CB   C N N 45  
ASN CG   C N N 46  
ASN OD1  O N N 47  
ASN ND2  N N N 48  
ASN OXT  O N N 49  
ASN H    H N N 50  
ASN H2   H N N 51  
ASN HA   H N N 52  
ASN HB2  H N N 53  
ASN HB3  H N N 54  
ASN HD21 H N N 55  
ASN HD22 H N N 56  
ASN HXT  H N N 57  
ASP N    N N N 58  
ASP CA   C N S 59  
ASP C    C N N 60  
ASP O    O N N 61  
ASP CB   C N N 62  
ASP CG   C N N 63  
ASP OD1  O N N 64  
ASP OD2  O N N 65  
ASP OXT  O N N 66  
ASP H    H N N 67  
ASP H2   H N N 68  
ASP HA   H N N 69  
ASP HB2  H N N 70  
ASP HB3  H N N 71  
ASP HD2  H N N 72  
ASP HXT  H N N 73  
CYS N    N N N 74  
CYS CA   C N R 75  
CYS C    C N N 76  
CYS O    O N N 77  
CYS CB   C N N 78  
CYS SG   S N N 79  
CYS OXT  O N N 80  
CYS H    H N N 81  
CYS H2   H N N 82  
CYS HA   H N N 83  
CYS HB2  H N N 84  
CYS HB3  H N N 85  
CYS HG   H N N 86  
CYS HXT  H N N 87  
GLN N    N N N 88  
GLN CA   C N S 89  
GLN C    C N N 90  
GLN O    O N N 91  
GLN CB   C N N 92  
GLN CG   C N N 93  
GLN CD   C N N 94  
GLN OE1  O N N 95  
GLN NE2  N N N 96  
GLN OXT  O N N 97  
GLN H    H N N 98  
GLN H2   H N N 99  
GLN HA   H N N 100 
GLN HB2  H N N 101 
GLN HB3  H N N 102 
GLN HG2  H N N 103 
GLN HG3  H N N 104 
GLN HE21 H N N 105 
GLN HE22 H N N 106 
GLN HXT  H N N 107 
GLU N    N N N 108 
GLU CA   C N S 109 
GLU C    C N N 110 
GLU O    O N N 111 
GLU CB   C N N 112 
GLU CG   C N N 113 
GLU CD   C N N 114 
GLU OE1  O N N 115 
GLU OE2  O N N 116 
GLU OXT  O N N 117 
GLU H    H N N 118 
GLU H2   H N N 119 
GLU HA   H N N 120 
GLU HB2  H N N 121 
GLU HB3  H N N 122 
GLU HG2  H N N 123 
GLU HG3  H N N 124 
GLU HE2  H N N 125 
GLU HXT  H N N 126 
GLY N    N N N 127 
GLY CA   C N N 128 
GLY C    C N N 129 
GLY O    O N N 130 
GLY OXT  O N N 131 
GLY H    H N N 132 
GLY H2   H N N 133 
GLY HA2  H N N 134 
GLY HA3  H N N 135 
GLY HXT  H N N 136 
HIS N    N N N 137 
HIS CA   C N S 138 
HIS C    C N N 139 
HIS O    O N N 140 
HIS CB   C N N 141 
HIS CG   C Y N 142 
HIS ND1  N Y N 143 
HIS CD2  C Y N 144 
HIS CE1  C Y N 145 
HIS NE2  N Y N 146 
HIS OXT  O N N 147 
HIS H    H N N 148 
HIS H2   H N N 149 
HIS HA   H N N 150 
HIS HB2  H N N 151 
HIS HB3  H N N 152 
HIS HD1  H N N 153 
HIS HD2  H N N 154 
HIS HE1  H N N 155 
HIS HE2  H N N 156 
HIS HXT  H N N 157 
HOH O    O N N 158 
HOH H1   H N N 159 
HOH H2   H N N 160 
ILE N    N N N 161 
ILE CA   C N S 162 
ILE C    C N N 163 
ILE O    O N N 164 
ILE CB   C N S 165 
ILE CG1  C N N 166 
ILE CG2  C N N 167 
ILE CD1  C N N 168 
ILE OXT  O N N 169 
ILE H    H N N 170 
ILE H2   H N N 171 
ILE HA   H N N 172 
ILE HB   H N N 173 
ILE HG12 H N N 174 
ILE HG13 H N N 175 
ILE HG21 H N N 176 
ILE HG22 H N N 177 
ILE HG23 H N N 178 
ILE HD11 H N N 179 
ILE HD12 H N N 180 
ILE HD13 H N N 181 
ILE HXT  H N N 182 
LEU N    N N N 183 
LEU CA   C N S 184 
LEU C    C N N 185 
LEU O    O N N 186 
LEU CB   C N N 187 
LEU CG   C N N 188 
LEU CD1  C N N 189 
LEU CD2  C N N 190 
LEU OXT  O N N 191 
LEU H    H N N 192 
LEU H2   H N N 193 
LEU HA   H N N 194 
LEU HB2  H N N 195 
LEU HB3  H N N 196 
LEU HG   H N N 197 
LEU HD11 H N N 198 
LEU HD12 H N N 199 
LEU HD13 H N N 200 
LEU HD21 H N N 201 
LEU HD22 H N N 202 
LEU HD23 H N N 203 
LEU HXT  H N N 204 
LYS N    N N N 205 
LYS CA   C N S 206 
LYS C    C N N 207 
LYS O    O N N 208 
LYS CB   C N N 209 
LYS CG   C N N 210 
LYS CD   C N N 211 
LYS CE   C N N 212 
LYS NZ   N N N 213 
LYS OXT  O N N 214 
LYS H    H N N 215 
LYS H2   H N N 216 
LYS HA   H N N 217 
LYS HB2  H N N 218 
LYS HB3  H N N 219 
LYS HG2  H N N 220 
LYS HG3  H N N 221 
LYS HD2  H N N 222 
LYS HD3  H N N 223 
LYS HE2  H N N 224 
LYS HE3  H N N 225 
LYS HZ1  H N N 226 
LYS HZ2  H N N 227 
LYS HZ3  H N N 228 
LYS HXT  H N N 229 
MET N    N N N 230 
MET CA   C N S 231 
MET C    C N N 232 
MET O    O N N 233 
MET CB   C N N 234 
MET CG   C N N 235 
MET SD   S N N 236 
MET CE   C N N 237 
MET OXT  O N N 238 
MET H    H N N 239 
MET H2   H N N 240 
MET HA   H N N 241 
MET HB2  H N N 242 
MET HB3  H N N 243 
MET HG2  H N N 244 
MET HG3  H N N 245 
MET HE1  H N N 246 
MET HE2  H N N 247 
MET HE3  H N N 248 
MET HXT  H N N 249 
MPD C1   C N N 250 
MPD C2   C N N 251 
MPD O2   O N N 252 
MPD CM   C N N 253 
MPD C3   C N N 254 
MPD C4   C N S 255 
MPD O4   O N N 256 
MPD C5   C N N 257 
MPD H11  H N N 258 
MPD H12  H N N 259 
MPD H13  H N N 260 
MPD HO2  H N N 261 
MPD HM1  H N N 262 
MPD HM2  H N N 263 
MPD HM3  H N N 264 
MPD H31  H N N 265 
MPD H32  H N N 266 
MPD H4   H N N 267 
MPD HO4  H N N 268 
MPD H51  H N N 269 
MPD H52  H N N 270 
MPD H53  H N N 271 
MPO S1   S N N 272 
MPO O1   O N N 273 
MPO O2   O N N 274 
MPO O4   O N N 275 
MPO N1   N N N 276 
MPO C1   C N N 277 
MPO O3   O N N 278 
MPO C2   C N N 279 
MPO C3   C N N 280 
MPO C4   C N N 281 
MPO C5   C N N 282 
MPO C6   C N N 283 
MPO C7   C N N 284 
MPO H11  H N N 285 
MPO H12  H N N 286 
MPO HO3  H N N 287 
MPO H21  H N N 288 
MPO H22  H N N 289 
MPO H31  H N N 290 
MPO H32  H N N 291 
MPO H41  H N N 292 
MPO H42  H N N 293 
MPO H51  H N N 294 
MPO H52  H N N 295 
MPO H61  H N N 296 
MPO H62  H N N 297 
MPO H71  H N N 298 
MPO H72  H N N 299 
PHE N    N N N 300 
PHE CA   C N S 301 
PHE C    C N N 302 
PHE O    O N N 303 
PHE CB   C N N 304 
PHE CG   C Y N 305 
PHE CD1  C Y N 306 
PHE CD2  C Y N 307 
PHE CE1  C Y N 308 
PHE CE2  C Y N 309 
PHE CZ   C Y N 310 
PHE OXT  O N N 311 
PHE H    H N N 312 
PHE H2   H N N 313 
PHE HA   H N N 314 
PHE HB2  H N N 315 
PHE HB3  H N N 316 
PHE HD1  H N N 317 
PHE HD2  H N N 318 
PHE HE1  H N N 319 
PHE HE2  H N N 320 
PHE HZ   H N N 321 
PHE HXT  H N N 322 
PRO N    N N N 323 
PRO CA   C N S 324 
PRO C    C N N 325 
PRO O    O N N 326 
PRO CB   C N N 327 
PRO CG   C N N 328 
PRO CD   C N N 329 
PRO OXT  O N N 330 
PRO H    H N N 331 
PRO HA   H N N 332 
PRO HB2  H N N 333 
PRO HB3  H N N 334 
PRO HG2  H N N 335 
PRO HG3  H N N 336 
PRO HD2  H N N 337 
PRO HD3  H N N 338 
PRO HXT  H N N 339 
SER N    N N N 340 
SER CA   C N S 341 
SER C    C N N 342 
SER O    O N N 343 
SER CB   C N N 344 
SER OG   O N N 345 
SER OXT  O N N 346 
SER H    H N N 347 
SER H2   H N N 348 
SER HA   H N N 349 
SER HB2  H N N 350 
SER HB3  H N N 351 
SER HG   H N N 352 
SER HXT  H N N 353 
THR N    N N N 354 
THR CA   C N S 355 
THR C    C N N 356 
THR O    O N N 357 
THR CB   C N R 358 
THR OG1  O N N 359 
THR CG2  C N N 360 
THR OXT  O N N 361 
THR H    H N N 362 
THR H2   H N N 363 
THR HA   H N N 364 
THR HB   H N N 365 
THR HG1  H N N 366 
THR HG21 H N N 367 
THR HG22 H N N 368 
THR HG23 H N N 369 
THR HXT  H N N 370 
TRP N    N N N 371 
TRP CA   C N S 372 
TRP C    C N N 373 
TRP O    O N N 374 
TRP CB   C N N 375 
TRP CG   C Y N 376 
TRP CD1  C Y N 377 
TRP CD2  C Y N 378 
TRP NE1  N Y N 379 
TRP CE2  C Y N 380 
TRP CE3  C Y N 381 
TRP CZ2  C Y N 382 
TRP CZ3  C Y N 383 
TRP CH2  C Y N 384 
TRP OXT  O N N 385 
TRP H    H N N 386 
TRP H2   H N N 387 
TRP HA   H N N 388 
TRP HB2  H N N 389 
TRP HB3  H N N 390 
TRP HD1  H N N 391 
TRP HE1  H N N 392 
TRP HE3  H N N 393 
TRP HZ2  H N N 394 
TRP HZ3  H N N 395 
TRP HH2  H N N 396 
TRP HXT  H N N 397 
TYR N    N N N 398 
TYR CA   C N S 399 
TYR C    C N N 400 
TYR O    O N N 401 
TYR CB   C N N 402 
TYR CG   C Y N 403 
TYR CD1  C Y N 404 
TYR CD2  C Y N 405 
TYR CE1  C Y N 406 
TYR CE2  C Y N 407 
TYR CZ   C Y N 408 
TYR OH   O N N 409 
TYR OXT  O N N 410 
TYR H    H N N 411 
TYR H2   H N N 412 
TYR HA   H N N 413 
TYR HB2  H N N 414 
TYR HB3  H N N 415 
TYR HD1  H N N 416 
TYR HD2  H N N 417 
TYR HE1  H N N 418 
TYR HE2  H N N 419 
TYR HH   H N N 420 
TYR HXT  H N N 421 
VAL N    N N N 422 
VAL CA   C N S 423 
VAL C    C N N 424 
VAL O    O N N 425 
VAL CB   C N N 426 
VAL CG1  C N N 427 
VAL CG2  C N N 428 
VAL OXT  O N N 429 
VAL H    H N N 430 
VAL H2   H N N 431 
VAL HA   H N N 432 
VAL HB   H N N 433 
VAL HG11 H N N 434 
VAL HG12 H N N 435 
VAL HG13 H N N 436 
VAL HG21 H N N 437 
VAL HG22 H N N 438 
VAL HG23 H N N 439 
VAL HXT  H N N 440 
# 
loop_
_chem_comp_bond.comp_id 
_chem_comp_bond.atom_id_1 
_chem_comp_bond.atom_id_2 
_chem_comp_bond.value_order 
_chem_comp_bond.pdbx_aromatic_flag 
_chem_comp_bond.pdbx_stereo_config 
_chem_comp_bond.pdbx_ordinal 
ALA N   CA   sing N N 1   
ALA N   H    sing N N 2   
ALA N   H2   sing N N 3   
ALA CA  C    sing N N 4   
ALA CA  CB   sing N N 5   
ALA CA  HA   sing N N 6   
ALA C   O    doub N N 7   
ALA C   OXT  sing N N 8   
ALA CB  HB1  sing N N 9   
ALA CB  HB2  sing N N 10  
ALA CB  HB3  sing N N 11  
ALA OXT HXT  sing N N 12  
ARG N   CA   sing N N 13  
ARG N   H    sing N N 14  
ARG N   H2   sing N N 15  
ARG CA  C    sing N N 16  
ARG CA  CB   sing N N 17  
ARG CA  HA   sing N N 18  
ARG C   O    doub N N 19  
ARG C   OXT  sing N N 20  
ARG CB  CG   sing N N 21  
ARG CB  HB2  sing N N 22  
ARG CB  HB3  sing N N 23  
ARG CG  CD   sing N N 24  
ARG CG  HG2  sing N N 25  
ARG CG  HG3  sing N N 26  
ARG CD  NE   sing N N 27  
ARG CD  HD2  sing N N 28  
ARG CD  HD3  sing N N 29  
ARG NE  CZ   sing N N 30  
ARG NE  HE   sing N N 31  
ARG CZ  NH1  sing N N 32  
ARG CZ  NH2  doub N N 33  
ARG NH1 HH11 sing N N 34  
ARG NH1 HH12 sing N N 35  
ARG NH2 HH21 sing N N 36  
ARG NH2 HH22 sing N N 37  
ARG OXT HXT  sing N N 38  
ASN N   CA   sing N N 39  
ASN N   H    sing N N 40  
ASN N   H2   sing N N 41  
ASN CA  C    sing N N 42  
ASN CA  CB   sing N N 43  
ASN CA  HA   sing N N 44  
ASN C   O    doub N N 45  
ASN C   OXT  sing N N 46  
ASN CB  CG   sing N N 47  
ASN CB  HB2  sing N N 48  
ASN CB  HB3  sing N N 49  
ASN CG  OD1  doub N N 50  
ASN CG  ND2  sing N N 51  
ASN ND2 HD21 sing N N 52  
ASN ND2 HD22 sing N N 53  
ASN OXT HXT  sing N N 54  
ASP N   CA   sing N N 55  
ASP N   H    sing N N 56  
ASP N   H2   sing N N 57  
ASP CA  C    sing N N 58  
ASP CA  CB   sing N N 59  
ASP CA  HA   sing N N 60  
ASP C   O    doub N N 61  
ASP C   OXT  sing N N 62  
ASP CB  CG   sing N N 63  
ASP CB  HB2  sing N N 64  
ASP CB  HB3  sing N N 65  
ASP CG  OD1  doub N N 66  
ASP CG  OD2  sing N N 67  
ASP OD2 HD2  sing N N 68  
ASP OXT HXT  sing N N 69  
CYS N   CA   sing N N 70  
CYS N   H    sing N N 71  
CYS N   H2   sing N N 72  
CYS CA  C    sing N N 73  
CYS CA  CB   sing N N 74  
CYS CA  HA   sing N N 75  
CYS C   O    doub N N 76  
CYS C   OXT  sing N N 77  
CYS CB  SG   sing N N 78  
CYS CB  HB2  sing N N 79  
CYS CB  HB3  sing N N 80  
CYS SG  HG   sing N N 81  
CYS OXT HXT  sing N N 82  
GLN N   CA   sing N N 83  
GLN N   H    sing N N 84  
GLN N   H2   sing N N 85  
GLN CA  C    sing N N 86  
GLN CA  CB   sing N N 87  
GLN CA  HA   sing N N 88  
GLN C   O    doub N N 89  
GLN C   OXT  sing N N 90  
GLN CB  CG   sing N N 91  
GLN CB  HB2  sing N N 92  
GLN CB  HB3  sing N N 93  
GLN CG  CD   sing N N 94  
GLN CG  HG2  sing N N 95  
GLN CG  HG3  sing N N 96  
GLN CD  OE1  doub N N 97  
GLN CD  NE2  sing N N 98  
GLN NE2 HE21 sing N N 99  
GLN NE2 HE22 sing N N 100 
GLN OXT HXT  sing N N 101 
GLU N   CA   sing N N 102 
GLU N   H    sing N N 103 
GLU N   H2   sing N N 104 
GLU CA  C    sing N N 105 
GLU CA  CB   sing N N 106 
GLU CA  HA   sing N N 107 
GLU C   O    doub N N 108 
GLU C   OXT  sing N N 109 
GLU CB  CG   sing N N 110 
GLU CB  HB2  sing N N 111 
GLU CB  HB3  sing N N 112 
GLU CG  CD   sing N N 113 
GLU CG  HG2  sing N N 114 
GLU CG  HG3  sing N N 115 
GLU CD  OE1  doub N N 116 
GLU CD  OE2  sing N N 117 
GLU OE2 HE2  sing N N 118 
GLU OXT HXT  sing N N 119 
GLY N   CA   sing N N 120 
GLY N   H    sing N N 121 
GLY N   H2   sing N N 122 
GLY CA  C    sing N N 123 
GLY CA  HA2  sing N N 124 
GLY CA  HA3  sing N N 125 
GLY C   O    doub N N 126 
GLY C   OXT  sing N N 127 
GLY OXT HXT  sing N N 128 
HIS N   CA   sing N N 129 
HIS N   H    sing N N 130 
HIS N   H2   sing N N 131 
HIS CA  C    sing N N 132 
HIS CA  CB   sing N N 133 
HIS CA  HA   sing N N 134 
HIS C   O    doub N N 135 
HIS C   OXT  sing N N 136 
HIS CB  CG   sing N N 137 
HIS CB  HB2  sing N N 138 
HIS CB  HB3  sing N N 139 
HIS CG  ND1  sing Y N 140 
HIS CG  CD2  doub Y N 141 
HIS ND1 CE1  doub Y N 142 
HIS ND1 HD1  sing N N 143 
HIS CD2 NE2  sing Y N 144 
HIS CD2 HD2  sing N N 145 
HIS CE1 NE2  sing Y N 146 
HIS CE1 HE1  sing N N 147 
HIS NE2 HE2  sing N N 148 
HIS OXT HXT  sing N N 149 
HOH O   H1   sing N N 150 
HOH O   H2   sing N N 151 
ILE N   CA   sing N N 152 
ILE N   H    sing N N 153 
ILE N   H2   sing N N 154 
ILE CA  C    sing N N 155 
ILE CA  CB   sing N N 156 
ILE CA  HA   sing N N 157 
ILE C   O    doub N N 158 
ILE C   OXT  sing N N 159 
ILE CB  CG1  sing N N 160 
ILE CB  CG2  sing N N 161 
ILE CB  HB   sing N N 162 
ILE CG1 CD1  sing N N 163 
ILE CG1 HG12 sing N N 164 
ILE CG1 HG13 sing N N 165 
ILE CG2 HG21 sing N N 166 
ILE CG2 HG22 sing N N 167 
ILE CG2 HG23 sing N N 168 
ILE CD1 HD11 sing N N 169 
ILE CD1 HD12 sing N N 170 
ILE CD1 HD13 sing N N 171 
ILE OXT HXT  sing N N 172 
LEU N   CA   sing N N 173 
LEU N   H    sing N N 174 
LEU N   H2   sing N N 175 
LEU CA  C    sing N N 176 
LEU CA  CB   sing N N 177 
LEU CA  HA   sing N N 178 
LEU C   O    doub N N 179 
LEU C   OXT  sing N N 180 
LEU CB  CG   sing N N 181 
LEU CB  HB2  sing N N 182 
LEU CB  HB3  sing N N 183 
LEU CG  CD1  sing N N 184 
LEU CG  CD2  sing N N 185 
LEU CG  HG   sing N N 186 
LEU CD1 HD11 sing N N 187 
LEU CD1 HD12 sing N N 188 
LEU CD1 HD13 sing N N 189 
LEU CD2 HD21 sing N N 190 
LEU CD2 HD22 sing N N 191 
LEU CD2 HD23 sing N N 192 
LEU OXT HXT  sing N N 193 
LYS N   CA   sing N N 194 
LYS N   H    sing N N 195 
LYS N   H2   sing N N 196 
LYS CA  C    sing N N 197 
LYS CA  CB   sing N N 198 
LYS CA  HA   sing N N 199 
LYS C   O    doub N N 200 
LYS C   OXT  sing N N 201 
LYS CB  CG   sing N N 202 
LYS CB  HB2  sing N N 203 
LYS CB  HB3  sing N N 204 
LYS CG  CD   sing N N 205 
LYS CG  HG2  sing N N 206 
LYS CG  HG3  sing N N 207 
LYS CD  CE   sing N N 208 
LYS CD  HD2  sing N N 209 
LYS CD  HD3  sing N N 210 
LYS CE  NZ   sing N N 211 
LYS CE  HE2  sing N N 212 
LYS CE  HE3  sing N N 213 
LYS NZ  HZ1  sing N N 214 
LYS NZ  HZ2  sing N N 215 
LYS NZ  HZ3  sing N N 216 
LYS OXT HXT  sing N N 217 
MET N   CA   sing N N 218 
MET N   H    sing N N 219 
MET N   H2   sing N N 220 
MET CA  C    sing N N 221 
MET CA  CB   sing N N 222 
MET CA  HA   sing N N 223 
MET C   O    doub N N 224 
MET C   OXT  sing N N 225 
MET CB  CG   sing N N 226 
MET CB  HB2  sing N N 227 
MET CB  HB3  sing N N 228 
MET CG  SD   sing N N 229 
MET CG  HG2  sing N N 230 
MET CG  HG3  sing N N 231 
MET SD  CE   sing N N 232 
MET CE  HE1  sing N N 233 
MET CE  HE2  sing N N 234 
MET CE  HE3  sing N N 235 
MET OXT HXT  sing N N 236 
MPD C1  C2   sing N N 237 
MPD C1  H11  sing N N 238 
MPD C1  H12  sing N N 239 
MPD C1  H13  sing N N 240 
MPD C2  O2   sing N N 241 
MPD C2  CM   sing N N 242 
MPD C2  C3   sing N N 243 
MPD O2  HO2  sing N N 244 
MPD CM  HM1  sing N N 245 
MPD CM  HM2  sing N N 246 
MPD CM  HM3  sing N N 247 
MPD C3  C4   sing N N 248 
MPD C3  H31  sing N N 249 
MPD C3  H32  sing N N 250 
MPD C4  O4   sing N N 251 
MPD C4  C5   sing N N 252 
MPD C4  H4   sing N N 253 
MPD O4  HO4  sing N N 254 
MPD C5  H51  sing N N 255 
MPD C5  H52  sing N N 256 
MPD C5  H53  sing N N 257 
MPO S1  O1   doub N N 258 
MPO S1  O2   doub N N 259 
MPO S1  C1   sing N N 260 
MPO S1  O3   sing N N 261 
MPO O4  C5   sing N N 262 
MPO O4  C6   sing N N 263 
MPO N1  C3   sing N N 264 
MPO N1  C4   sing N N 265 
MPO N1  C7   sing N N 266 
MPO C1  C2   sing N N 267 
MPO C1  H11  sing N N 268 
MPO C1  H12  sing N N 269 
MPO O3  HO3  sing N N 270 
MPO C2  C3   sing N N 271 
MPO C2  H21  sing N N 272 
MPO C2  H22  sing N N 273 
MPO C3  H31  sing N N 274 
MPO C3  H32  sing N N 275 
MPO C4  C5   sing N N 276 
MPO C4  H41  sing N N 277 
MPO C4  H42  sing N N 278 
MPO C5  H51  sing N N 279 
MPO C5  H52  sing N N 280 
MPO C6  C7   sing N N 281 
MPO C6  H61  sing N N 282 
MPO C6  H62  sing N N 283 
MPO C7  H71  sing N N 284 
MPO C7  H72  sing N N 285 
PHE N   CA   sing N N 286 
PHE N   H    sing N N 287 
PHE N   H2   sing N N 288 
PHE CA  C    sing N N 289 
PHE CA  CB   sing N N 290 
PHE CA  HA   sing N N 291 
PHE C   O    doub N N 292 
PHE C   OXT  sing N N 293 
PHE CB  CG   sing N N 294 
PHE CB  HB2  sing N N 295 
PHE CB  HB3  sing N N 296 
PHE CG  CD1  doub Y N 297 
PHE CG  CD2  sing Y N 298 
PHE CD1 CE1  sing Y N 299 
PHE CD1 HD1  sing N N 300 
PHE CD2 CE2  doub Y N 301 
PHE CD2 HD2  sing N N 302 
PHE CE1 CZ   doub Y N 303 
PHE CE1 HE1  sing N N 304 
PHE CE2 CZ   sing Y N 305 
PHE CE2 HE2  sing N N 306 
PHE CZ  HZ   sing N N 307 
PHE OXT HXT  sing N N 308 
PRO N   CA   sing N N 309 
PRO N   CD   sing N N 310 
PRO N   H    sing N N 311 
PRO CA  C    sing N N 312 
PRO CA  CB   sing N N 313 
PRO CA  HA   sing N N 314 
PRO C   O    doub N N 315 
PRO C   OXT  sing N N 316 
PRO CB  CG   sing N N 317 
PRO CB  HB2  sing N N 318 
PRO CB  HB3  sing N N 319 
PRO CG  CD   sing N N 320 
PRO CG  HG2  sing N N 321 
PRO CG  HG3  sing N N 322 
PRO CD  HD2  sing N N 323 
PRO CD  HD3  sing N N 324 
PRO OXT HXT  sing N N 325 
SER N   CA   sing N N 326 
SER N   H    sing N N 327 
SER N   H2   sing N N 328 
SER CA  C    sing N N 329 
SER CA  CB   sing N N 330 
SER CA  HA   sing N N 331 
SER C   O    doub N N 332 
SER C   OXT  sing N N 333 
SER CB  OG   sing N N 334 
SER CB  HB2  sing N N 335 
SER CB  HB3  sing N N 336 
SER OG  HG   sing N N 337 
SER OXT HXT  sing N N 338 
THR N   CA   sing N N 339 
THR N   H    sing N N 340 
THR N   H2   sing N N 341 
THR CA  C    sing N N 342 
THR CA  CB   sing N N 343 
THR CA  HA   sing N N 344 
THR C   O    doub N N 345 
THR C   OXT  sing N N 346 
THR CB  OG1  sing N N 347 
THR CB  CG2  sing N N 348 
THR CB  HB   sing N N 349 
THR OG1 HG1  sing N N 350 
THR CG2 HG21 sing N N 351 
THR CG2 HG22 sing N N 352 
THR CG2 HG23 sing N N 353 
THR OXT HXT  sing N N 354 
TRP N   CA   sing N N 355 
TRP N   H    sing N N 356 
TRP N   H2   sing N N 357 
TRP CA  C    sing N N 358 
TRP CA  CB   sing N N 359 
TRP CA  HA   sing N N 360 
TRP C   O    doub N N 361 
TRP C   OXT  sing N N 362 
TRP CB  CG   sing N N 363 
TRP CB  HB2  sing N N 364 
TRP CB  HB3  sing N N 365 
TRP CG  CD1  doub Y N 366 
TRP CG  CD2  sing Y N 367 
TRP CD1 NE1  sing Y N 368 
TRP CD1 HD1  sing N N 369 
TRP CD2 CE2  doub Y N 370 
TRP CD2 CE3  sing Y N 371 
TRP NE1 CE2  sing Y N 372 
TRP NE1 HE1  sing N N 373 
TRP CE2 CZ2  sing Y N 374 
TRP CE3 CZ3  doub Y N 375 
TRP CE3 HE3  sing N N 376 
TRP CZ2 CH2  doub Y N 377 
TRP CZ2 HZ2  sing N N 378 
TRP CZ3 CH2  sing Y N 379 
TRP CZ3 HZ3  sing N N 380 
TRP CH2 HH2  sing N N 381 
TRP OXT HXT  sing N N 382 
TYR N   CA   sing N N 383 
TYR N   H    sing N N 384 
TYR N   H2   sing N N 385 
TYR CA  C    sing N N 386 
TYR CA  CB   sing N N 387 
TYR CA  HA   sing N N 388 
TYR C   O    doub N N 389 
TYR C   OXT  sing N N 390 
TYR CB  CG   sing N N 391 
TYR CB  HB2  sing N N 392 
TYR CB  HB3  sing N N 393 
TYR CG  CD1  doub Y N 394 
TYR CG  CD2  sing Y N 395 
TYR CD1 CE1  sing Y N 396 
TYR CD1 HD1  sing N N 397 
TYR CD2 CE2  doub Y N 398 
TYR CD2 HD2  sing N N 399 
TYR CE1 CZ   doub Y N 400 
TYR CE1 HE1  sing N N 401 
TYR CE2 CZ   sing Y N 402 
TYR CE2 HE2  sing N N 403 
TYR CZ  OH   sing N N 404 
TYR OH  HH   sing N N 405 
TYR OXT HXT  sing N N 406 
VAL N   CA   sing N N 407 
VAL N   H    sing N N 408 
VAL N   H2   sing N N 409 
VAL CA  C    sing N N 410 
VAL CA  CB   sing N N 411 
VAL CA  HA   sing N N 412 
VAL C   O    doub N N 413 
VAL C   OXT  sing N N 414 
VAL CB  CG1  sing N N 415 
VAL CB  CG2  sing N N 416 
VAL CB  HB   sing N N 417 
VAL CG1 HG11 sing N N 418 
VAL CG1 HG12 sing N N 419 
VAL CG1 HG13 sing N N 420 
VAL CG2 HG21 sing N N 421 
VAL CG2 HG22 sing N N 422 
VAL CG2 HG23 sing N N 423 
VAL OXT HXT  sing N N 424 
# 
_atom_sites.entry_id                    4HJM 
_atom_sites.fract_transf_matrix[1][1]   -0.00598613 
_atom_sites.fract_transf_matrix[1][2]   -0.01986228 
_atom_sites.fract_transf_matrix[1][3]   0.01208822 
_atom_sites.fract_transf_matrix[2][1]   -0.00367216 
_atom_sites.fract_transf_matrix[2][2]   0.00102200 
_atom_sites.fract_transf_matrix[2][3]   0.02370550 
_atom_sites.fract_transf_matrix[3][1]   -0.01171800 
_atom_sites.fract_transf_matrix[3][2]   0.00236481 
_atom_sites.fract_transf_matrix[3][3]   -0.00191716 
_atom_sites.fract_transf_vector[1]      0.236194 
_atom_sites.fract_transf_vector[2]      -0.418080 
_atom_sites.fract_transf_vector[3]      0.106054 
# 
loop_
_atom_type.symbol 
C 
N 
O 
S 
# 
loop_
_atom_site.group_PDB 
_atom_site.id 
_atom_site.type_symbol 
_atom_site.label_atom_id 
_atom_site.label_alt_id 
_atom_site.label_comp_id 
_atom_site.label_asym_id 
_atom_site.label_entity_id 
_atom_site.label_seq_id 
_atom_site.pdbx_PDB_ins_code 
_atom_site.Cartn_x 
_atom_site.Cartn_y 
_atom_site.Cartn_z 
_atom_site.occupancy 
_atom_site.B_iso_or_equiv 
_atom_site.pdbx_formal_charge 
_atom_site.auth_seq_id 
_atom_site.auth_comp_id 
_atom_site.auth_asym_id 
_atom_site.auth_atom_id 
_atom_site.pdbx_PDB_model_num 
ATOM   1    N N   . GLU A 1 6   ? 0.509   -12.904 16.837  1.00 41.44 ? 6   GLU A N   1 
ATOM   2    C CA  . GLU A 1 6   ? -0.219  -13.735 15.887  1.00 31.62 ? 6   GLU A CA  1 
ATOM   3    C C   . GLU A 1 6   ? -1.426  -12.983 15.336  1.00 27.39 ? 6   GLU A C   1 
ATOM   4    O O   . GLU A 1 6   ? -1.584  -12.860 14.122  1.00 26.64 ? 6   GLU A O   1 
ATOM   5    C CB  . GLU A 1 6   ? -0.658  -15.045 16.541  1.00 43.50 ? 6   GLU A CB  1 
ATOM   6    N N   . ALA A 1 7   ? -2.268  -12.472 16.230  1.00 26.14 ? 7   ALA A N   1 
ATOM   7    C CA  . ALA A 1 7   ? -3.477  -11.760 15.821  1.00 25.10 ? 7   ALA A CA  1 
ATOM   8    C C   . ALA A 1 7   ? -3.186  -10.550 14.933  1.00 21.79 ? 7   ALA A C   1 
ATOM   9    O O   . ALA A 1 7   ? -3.847  -10.348 13.910  1.00 22.05 ? 7   ALA A O   1 
ATOM   10   C CB  . ALA A 1 7   ? -4.278  -11.342 17.032  1.00 29.99 ? 7   ALA A CB  1 
ATOM   11   N N   . VAL A 1 8   ? -2.210  -9.740  15.331  1.00 19.75 ? 8   VAL A N   1 
ATOM   12   C CA  . VAL A 1 8   ? -1.853  -8.561  14.549  1.00 17.89 ? 8   VAL A CA  1 
ATOM   13   C C   . VAL A 1 8   ? -1.357  -8.958  13.160  1.00 18.79 ? 8   VAL A C   1 
ATOM   14   O O   . VAL A 1 8   ? -1.780  -8.371  12.158  1.00 18.44 ? 8   VAL A O   1 
ATOM   15   C CB  . VAL A 1 8   ? -0.792  -7.718  15.271  1.00 19.20 ? 8   VAL A CB  1 
ATOM   16   C CG1 . VAL A 1 8   ? -0.250  -6.629  14.354  1.00 21.62 ? 8   VAL A CG1 1 
ATOM   17   C CG2 . VAL A 1 8   ? -1.391  -7.098  16.527  1.00 23.15 ? 8   VAL A CG2 1 
ATOM   18   N N   . LYS A 1 9   ? -0.467  -9.948  13.090  1.00 17.60 ? 9   LYS A N   1 
ATOM   19   C CA  . LYS A 1 9   ? 0.068   -10.375 11.793  1.00 17.55 ? 9   LYS A CA  1 
ATOM   20   C C   . LYS A 1 9   ? -1.052  -10.898 10.900  1.00 19.05 ? 9   LYS A C   1 
ATOM   21   O O   . LYS A 1 9   ? -1.106  -10.571 9.714   1.00 18.74 ? 9   LYS A O   1 
ATOM   22   C CB  . LYS A 1 9   ? 1.184   -11.422 11.938  1.00 18.57 ? 9   LYS A CB  1 
ATOM   23   C CG  . LYS A 1 9   ? 2.483   -10.868 12.529  1.00 20.42 ? 9   LYS A CG  1 
ATOM   24   C CD  . LYS A 1 9   ? 3.667   -11.845 12.433  1.00 20.54 ? 9   LYS A CD  1 
ATOM   25   C CE  . LYS A 1 9   ? 4.962   -11.163 12.937  1.00 27.89 ? 9   LYS A CE  1 
ATOM   26   N NZ  . LYS A 1 9   ? 6.221   -11.986 12.893  1.00 28.29 ? 9   LYS A NZ  1 
ATOM   27   N N   . LYS A 1 10  ? -1.957  -11.691 11.473  1.00 19.37 ? 10  LYS A N   1 
ATOM   28   C CA  . LYS A 1 10  ? -3.085  -12.221 10.706  1.00 20.02 ? 10  LYS A CA  1 
ATOM   29   C C   . LYS A 1 10  ? -3.988  -11.126 10.151  1.00 18.70 ? 10  LYS A C   1 
ATOM   30   O O   . LYS A 1 10  ? -4.470  -11.224 9.015   1.00 20.13 ? 10  LYS A O   1 
ATOM   31   C CB  . LYS A 1 10  ? -3.906  -13.173 11.570  1.00 22.10 ? 10  LYS A CB  1 
ATOM   32   C CG  . LYS A 1 10  ? -3.186  -14.470 11.874  1.00 28.50 ? 10  LYS A CG  1 
ATOM   33   C CD  . LYS A 1 10  ? -3.935  -15.258 12.934  1.00 33.78 ? 10  LYS A CD  1 
ATOM   34   C CE  . LYS A 1 10  ? -3.248  -16.583 13.215  1.00 47.36 ? 10  LYS A CE  1 
ATOM   35   N NZ  . LYS A 1 10  ? -3.919  -17.323 14.322  1.00 55.09 ? 10  LYS A NZ  1 
ATOM   36   N N   . TRP A 1 11  ? -4.206  -10.088 10.952  1.00 17.31 ? 11  TRP A N   1 
ATOM   37   C CA  . TRP A 1 11  ? -5.036  -8.951  10.565  1.00 16.16 ? 11  TRP A CA  1 
ATOM   38   C C   . TRP A 1 11  ? -4.390  -8.143  9.431   1.00 19.15 ? 11  TRP A C   1 
ATOM   39   O O   . TRP A 1 11  ? -5.059  -7.759  8.461   1.00 17.91 ? 11  TRP A O   1 
ATOM   40   C CB  . TRP A 1 11  ? -5.250  -8.077  11.797  1.00 18.62 ? 11  TRP A CB  1 
ATOM   41   C CG  . TRP A 1 11  ? -6.077  -6.845  11.609  1.00 18.23 ? 11  TRP A CG  1 
ATOM   42   C CD1 . TRP A 1 11  ? -7.438  -6.733  11.710  1.00 21.81 ? 11  TRP A CD1 1 
ATOM   43   C CD2 . TRP A 1 11  ? -5.585  -5.533  11.340  1.00 14.50 ? 11  TRP A CD2 1 
ATOM   44   N NE1 . TRP A 1 11  ? -7.820  -5.423  11.503  1.00 27.15 ? 11  TRP A NE1 1 
ATOM   45   C CE2 . TRP A 1 11  ? -6.697  -4.665  11.280  1.00 18.18 ? 11  TRP A CE2 1 
ATOM   46   C CE3 . TRP A 1 11  ? -4.309  -5.000  11.148  1.00 17.21 ? 11  TRP A CE3 1 
ATOM   47   C CZ2 . TRP A 1 11  ? -6.563  -3.299  11.024  1.00 18.59 ? 11  TRP A CZ2 1 
ATOM   48   C CZ3 . TRP A 1 11  ? -4.178  -3.655  10.899  1.00 15.20 ? 11  TRP A CZ3 1 
ATOM   49   C CH2 . TRP A 1 11  ? -5.297  -2.815  10.842  1.00 17.51 ? 11  TRP A CH2 1 
ATOM   50   N N   . VAL A 1 12  ? -3.090  -7.881  9.550   1.00 15.91 ? 12  VAL A N   1 
ATOM   51   C CA  . VAL A 1 12  ? -2.352  -7.226  8.472   1.00 14.72 ? 12  VAL A CA  1 
ATOM   52   C C   . VAL A 1 12  ? -2.354  -8.070  7.193   1.00 15.94 ? 12  VAL A C   1 
ATOM   53   O O   . VAL A 1 12  ? -2.613  -7.543  6.102   1.00 15.49 ? 12  VAL A O   1 
ATOM   54   C CB  . VAL A 1 12  ? -0.902  -6.897  8.894   1.00 13.86 ? 12  VAL A CB  1 
ATOM   55   C CG1 . VAL A 1 12  ? -0.105  -6.397  7.706   1.00 14.07 ? 12  VAL A CG1 1 
ATOM   56   C CG2 . VAL A 1 12  ? -0.899  -5.843  9.995   1.00 15.93 ? 12  VAL A CG2 1 
ATOM   57   N N   . ASN A 1 13  ? -2.062  -9.365  7.328   1.00 16.69 ? 13  ASN A N   1 
ATOM   58   C CA  . ASN A 1 13  ? -2.093  -10.274 6.187   1.00 15.13 ? 13  ASN A CA  1 
ATOM   59   C C   . ASN A 1 13  ? -3.428  -10.260 5.462   1.00 17.06 ? 13  ASN A C   1 
ATOM   60   O O   . ASN A 1 13  ? -3.453  -10.242 4.232   1.00 15.44 ? 13  ASN A O   1 
ATOM   61   C CB  . ASN A 1 13  ? -1.779  -11.707 6.617   1.00 18.64 ? 13  ASN A CB  1 
ATOM   62   C CG  . ASN A 1 13  ? -0.341  -11.893 7.042   1.00 17.48 ? 13  ASN A CG  1 
ATOM   63   O OD1 . ASN A 1 13  ? 0.524   -11.050 6.779   1.00 16.77 ? 13  ASN A OD1 1 
ATOM   64   N ND2 . ASN A 1 13  ? -0.068  -13.024 7.697   1.00 22.76 ? 13  ASN A ND2 1 
ATOM   65   N N   . LYS A 1 14  ? -4.532  -10.282 6.211   1.00 16.70 ? 14  LYS A N   1 
ATOM   66   C CA  . LYS A 1 14  ? -5.859  -10.285 5.593   1.00 16.93 ? 14  LYS A CA  1 
ATOM   67   C C   . LYS A 1 14  ? -6.060  -9.046  4.726   1.00 19.42 ? 14  LYS A C   1 
ATOM   68   O O   . LYS A 1 14  ? -6.588  -9.134  3.618   1.00 18.01 ? 14  LYS A O   1 
ATOM   69   C CB  . LYS A 1 14  ? -6.966  -10.406 6.647   1.00 19.20 ? 14  LYS A CB  1 
ATOM   70   C CG  . LYS A 1 14  ? -7.134  -11.816 7.240   1.00 35.41 ? 14  LYS A CG  1 
ATOM   71   C CD  . LYS A 1 14  ? -7.648  -12.837 6.218   1.00 33.33 ? 14  LYS A CD  1 
ATOM   72   C CE  . LYS A 1 14  ? -7.623  -14.260 6.794   1.00 33.89 ? 14  LYS A CE  1 
ATOM   73   N NZ  . LYS A 1 14  ? -7.963  -15.316 5.788   1.00 32.89 ? 14  LYS A NZ  1 
ATOM   74   N N   . ILE A 1 15  ? -5.600  -7.896  5.208   1.00 13.96 ? 15  ILE A N   1 
ATOM   75   C CA  . ILE A 1 15  ? -5.705  -6.663  4.431   1.00 13.44 ? 15  ILE A CA  1 
ATOM   76   C C   . ILE A 1 15  ? -4.902  -6.766  3.123   1.00 16.21 ? 15  ILE A C   1 
ATOM   77   O O   . ILE A 1 15  ? -5.401  -6.402  2.051   1.00 15.59 ? 15  ILE A O   1 
ATOM   78   C CB  . ILE A 1 15  ? -5.261  -5.446  5.280   1.00 13.83 ? 15  ILE A CB  1 
ATOM   79   C CG1 . ILE A 1 15  ? -6.296  -5.173  6.377   1.00 18.14 ? 15  ILE A CG1 1 
ATOM   80   C CG2 . ILE A 1 15  ? -5.072  -4.200  4.409   1.00 14.75 ? 15  ILE A CG2 1 
ATOM   81   C CD1 . ILE A 1 15  ? -5.805  -4.246  7.494   1.00 20.20 ? 15  ILE A CD1 1 
ATOM   82   N N   . ILE A 1 16  ? -3.671  -7.270  3.207   1.00 15.05 ? 16  ILE A N   1 
ATOM   83   C CA  . ILE A 1 16  ? -2.812  -7.403  2.030   1.00 13.62 ? 16  ILE A CA  1 
ATOM   84   C C   . ILE A 1 16  ? -3.357  -8.462  1.062   1.00 17.74 ? 16  ILE A C   1 
ATOM   85   O O   . ILE A 1 16  ? -3.297  -8.299  -0.162  1.00 16.44 ? 16  ILE A O   1 
ATOM   86   C CB  . ILE A 1 16  ? -1.355  -7.730  2.446   1.00 13.74 ? 16  ILE A CB  1 
ATOM   87   C CG1 . ILE A 1 16  ? -0.799  -6.597  3.321   1.00 15.93 ? 16  ILE A CG1 1 
ATOM   88   C CG2 . ILE A 1 16  ? -0.460  -7.938  1.223   1.00 16.59 ? 16  ILE A CG2 1 
ATOM   89   C CD1 . ILE A 1 16  ? 0.501   -6.935  4.026   1.00 16.27 ? 16  ILE A CD1 1 
ATOM   90   N N   . GLU A 1 17  ? -3.911  -9.537  1.607   1.00 17.44 ? 17  GLU A N   1 
ATOM   91   C CA  . GLU A 1 17  ? -4.314  -10.651 0.759   1.00 18.23 ? 17  GLU A CA  1 
ATOM   92   C C   . GLU A 1 17  ? -5.704  -10.478 0.158   1.00 20.50 ? 17  GLU A C   1 
ATOM   93   O O   . GLU A 1 17  ? -5.979  -10.997 -0.922  1.00 24.01 ? 17  GLU A O   1 
ATOM   94   C CB  . GLU A 1 17  ? -4.160  -11.976 1.521   1.00 19.72 ? 17  GLU A CB  1 
ATOM   95   C CG  . GLU A 1 17  ? -2.695  -12.275 1.841   1.00 20.59 ? 17  GLU A CG  1 
ATOM   96   C CD  . GLU A 1 17  ? -2.488  -13.595 2.558   1.00 24.29 ? 17  GLU A CD  1 
ATOM   97   O OE1 . GLU A 1 17  ? -2.747  -13.651 3.781   1.00 22.85 ? 17  GLU A OE1 1 
ATOM   98   O OE2 . GLU A 1 17  ? -2.060  -14.567 1.894   1.00 25.75 ? 17  GLU A OE2 1 
ATOM   99   N N   . GLU A 1 18  ? -6.578  -9.727  0.817   1.00 16.71 ? 18  GLU A N   1 
ATOM   100  C CA  . GLU A 1 18  ? -7.949  -9.613  0.318   1.00 18.88 ? 18  GLU A CA  1 
ATOM   101  C C   . GLU A 1 18  ? -8.144  -8.408  -0.630  1.00 17.52 ? 18  GLU A C   1 
ATOM   102  O O   . GLU A 1 18  ? -9.177  -8.271  -1.290  1.00 18.86 ? 18  GLU A O   1 
ATOM   103  C CB  . GLU A 1 18  ? -8.963  -9.702  1.486   1.00 20.61 ? 18  GLU A CB  1 
ATOM   104  C CG  . GLU A 1 18  ? -8.759  -11.018 2.306   1.00 26.17 ? 18  GLU A CG  1 
ATOM   105  C CD  . GLU A 1 18  ? -9.828  -11.315 3.360   1.00 31.60 ? 18  GLU A CD  1 
ATOM   106  O OE1 . GLU A 1 18  ? -10.528 -10.378 3.804   1.00 25.92 ? 18  GLU A OE1 1 
ATOM   107  O OE2 . GLU A 1 18  ? -9.953  -12.506 3.759   1.00 24.99 ? 18  GLU A OE2 1 
ATOM   108  N N   . ASN A 1 19  ? -7.113  -7.574  -0.745  1.00 14.68 ? 19  ASN A N   1 
ATOM   109  C CA  . ASN A 1 19  ? -7.172  -6.384  -1.576  1.00 13.04 ? 19  ASN A CA  1 
ATOM   110  C C   . ASN A 1 19  ? -5.969  -6.332  -2.494  1.00 18.93 ? 19  ASN A C   1 
ATOM   111  O O   . ASN A 1 19  ? -4.830  -6.398  -2.022  1.00 20.21 ? 19  ASN A O   1 
ATOM   112  C CB  . ASN A 1 19  ? -7.163  -5.128  -0.703  1.00 15.24 ? 19  ASN A CB  1 
ATOM   113  C CG  . ASN A 1 19  ? -8.302  -5.105  0.285   1.00 15.81 ? 19  ASN A CG  1 
ATOM   114  O OD1 . ASN A 1 19  ? -9.449  -4.846  -0.079  1.00 16.77 ? 19  ASN A OD1 1 
ATOM   115  N ND2 . ASN A 1 19  ? -7.994  -5.375  1.548   1.00 18.99 ? 19  ASN A ND2 1 
ATOM   116  N N   . ILE A 1 20  ? -6.198  -6.209  -3.799  1.00 13.94 ? 20  ILE A N   1 
ATOM   117  C CA  . ILE A 1 20  ? -5.068  -6.154  -4.723  1.00 14.47 ? 20  ILE A CA  1 
ATOM   118  C C   . ILE A 1 20  ? -4.143  -4.988  -4.388  1.00 14.24 ? 20  ILE A C   1 
ATOM   119  O O   . ILE A 1 20  ? -2.930  -5.158  -4.325  1.00 16.70 ? 20  ILE A O   1 
ATOM   120  C CB  . ILE A 1 20  ? -5.514  -6.104  -6.191  1.00 13.53 ? 20  ILE A CB  1 
ATOM   121  C CG1 . ILE A 1 20  ? -6.298  -7.371  -6.541  1.00 14.33 ? 20  ILE A CG1 1 
ATOM   122  C CG2 . ILE A 1 20  ? -4.301  -5.959  -7.123  1.00 17.53 ? 20  ILE A CG2 1 
ATOM   123  C CD1 . ILE A 1 20  ? -6.890  -7.345  -7.946  1.00 15.04 ? 20  ILE A CD1 1 
ATOM   124  N N   . ILE A 1 21  ? -4.711  -3.814  -4.150  1.00 14.82 ? 21  ILE A N   1 
ATOM   125  C CA  A ILE A 1 21  ? -3.894  -2.683  -3.736  0.42 13.14 ? 21  ILE A CA  1 
ATOM   126  C CA  B ILE A 1 21  ? -3.923  -2.646  -3.757  0.58 13.03 ? 21  ILE A CA  1 
ATOM   127  C C   . ILE A 1 21  ? -4.170  -2.383  -2.274  1.00 14.92 ? 21  ILE A C   1 
ATOM   128  O O   . ILE A 1 21  ? -5.288  -2.042  -1.894  1.00 15.92 ? 21  ILE A O   1 
ATOM   129  C CB  A ILE A 1 21  ? -4.160  -1.437  -4.579  0.42 12.55 ? 21  ILE A CB  1 
ATOM   130  C CB  B ILE A 1 21  ? -4.332  -1.384  -4.548  0.58 12.17 ? 21  ILE A CB  1 
ATOM   131  C CG1 A ILE A 1 21  ? -3.883  -1.727  -6.054  0.42 19.55 ? 21  ILE A CG1 1 
ATOM   132  C CG1 B ILE A 1 21  ? -4.490  -1.693  -6.048  0.58 16.75 ? 21  ILE A CG1 1 
ATOM   133  C CG2 A ILE A 1 21  ? -3.297  -0.276  -4.099  0.42 15.82 ? 21  ILE A CG2 1 
ATOM   134  C CG2 B ILE A 1 21  ? -3.331  -0.243  -4.299  0.58 16.56 ? 21  ILE A CG2 1 
ATOM   135  C CD1 A ILE A 1 21  ? -5.079  -1.519  -6.950  0.42 18.77 ? 21  ILE A CD1 1 
ATOM   136  C CD1 B ILE A 1 21  ? -3.186  -1.971  -6.777  0.58 18.37 ? 21  ILE A CD1 1 
ATOM   137  N N   . ALA A 1 22  ? -3.142  -2.542  -1.441  1.00 13.51 ? 22  ALA A N   1 
ATOM   138  C CA  . ALA A 1 22  ? -3.308  -2.307  -0.006  1.00 12.27 ? 22  ALA A CA  1 
ATOM   139  C C   . ALA A 1 22  ? -2.365  -1.200  0.426   1.00 13.70 ? 22  ALA A C   1 
ATOM   140  O O   . ALA A 1 22  ? -1.159  -1.278  0.182   1.00 14.60 ? 22  ALA A O   1 
ATOM   141  C CB  . ALA A 1 22  ? -3.022  -3.571  0.786   1.00 14.83 ? 22  ALA A CB  1 
ATOM   142  N N   . VAL A 1 23  ? -2.916  -0.173  1.066   1.00 12.16 ? 23  VAL A N   1 
ATOM   143  C CA  . VAL A 1 23  ? -2.115  0.950   1.545   1.00 11.75 ? 23  VAL A CA  1 
ATOM   144  C C   . VAL A 1 23  ? -2.322  1.131   3.042   1.00 12.61 ? 23  VAL A C   1 
ATOM   145  O O   . VAL A 1 23  ? -3.458  1.272   3.510   1.00 14.06 ? 23  VAL A O   1 
ATOM   146  C CB  . VAL A 1 23  ? -2.504  2.260   0.830   1.00 12.16 ? 23  VAL A CB  1 
ATOM   147  C CG1 . VAL A 1 23  ? -1.664  3.421   1.370   1.00 14.92 ? 23  VAL A CG1 1 
ATOM   148  C CG2 . VAL A 1 23  ? -2.328  2.125   -0.669  1.00 13.16 ? 23  VAL A CG2 1 
ATOM   149  N N   . PHE A 1 24  ? -1.224  1.106   3.791   1.00 11.71 ? 24  PHE A N   1 
ATOM   150  C CA  . PHE A 1 24  ? -1.256  1.416   5.218   1.00 12.59 ? 24  PHE A CA  1 
ATOM   151  C C   . PHE A 1 24  ? -0.829  2.861   5.409   1.00 11.85 ? 24  PHE A C   1 
ATOM   152  O O   . PHE A 1 24  ? 0.218   3.286   4.903   1.00 12.65 ? 24  PHE A O   1 
ATOM   153  C CB  . PHE A 1 24  ? -0.356  0.448   5.984   1.00 12.06 ? 24  PHE A CB  1 
ATOM   154  C CG  . PHE A 1 24  ? -0.813  -0.976  5.888   1.00 12.88 ? 24  PHE A CG  1 
ATOM   155  C CD1 . PHE A 1 24  ? -1.698  -1.500  6.820   1.00 13.77 ? 24  PHE A CD1 1 
ATOM   156  C CD2 . PHE A 1 24  ? -0.395  -1.775  4.829   1.00 12.75 ? 24  PHE A CD2 1 
ATOM   157  C CE1 . PHE A 1 24  ? -2.145  -2.819  6.709   1.00 15.38 ? 24  PHE A CE1 1 
ATOM   158  C CE2 . PHE A 1 24  ? -0.835  -3.085  4.719   1.00 15.46 ? 24  PHE A CE2 1 
ATOM   159  C CZ  . PHE A 1 24  ? -1.709  -3.603  5.664   1.00 14.57 ? 24  PHE A CZ  1 
ATOM   160  N N   . ALA A 1 25  ? -1.658  3.621   6.123   1.00 12.79 ? 25  ALA A N   1 
ATOM   161  C CA  . ALA A 1 25  ? -1.485  5.064   6.222   1.00 11.32 ? 25  ALA A CA  1 
ATOM   162  C C   . ALA A 1 25  ? -1.678  5.527   7.655   1.00 13.34 ? 25  ALA A C   1 
ATOM   163  O O   . ALA A 1 25  ? -1.909  4.716   8.555   1.00 14.46 ? 25  ALA A O   1 
ATOM   164  C CB  . ALA A 1 25  ? -2.489  5.751   5.305   1.00 14.52 ? 25  ALA A CB  1 
ATOM   165  N N   . LYS A 1 26  ? -1.551  6.829   7.884   1.00 15.03 ? 26  LYS A N   1 
ATOM   166  C CA  A LYS A 1 26  ? -1.863  7.418   9.181   0.45 17.16 ? 26  LYS A CA  1 
ATOM   167  C CA  B LYS A 1 26  ? -1.927  7.387   9.175   0.55 17.21 ? 26  LYS A CA  1 
ATOM   168  C C   . LYS A 1 26  ? -2.626  8.710   8.952   1.00 19.26 ? 26  LYS A C   1 
ATOM   169  O O   . LYS A 1 26  ? -2.824  9.131   7.808   1.00 18.37 ? 26  LYS A O   1 
ATOM   170  C CB  A LYS A 1 26  ? -0.587  7.694   9.984   0.45 17.38 ? 26  LYS A CB  1 
ATOM   171  C CB  B LYS A 1 26  ? -0.722  7.547   10.101  0.55 17.16 ? 26  LYS A CB  1 
ATOM   172  C CG  A LYS A 1 26  ? 0.224   8.867   9.455   0.45 18.59 ? 26  LYS A CG  1 
ATOM   173  C CG  B LYS A 1 26  ? 0.279   8.603   9.682   0.55 19.04 ? 26  LYS A CG  1 
ATOM   174  C CD  A LYS A 1 26  ? 1.640   8.906   10.005  0.45 23.77 ? 26  LYS A CD  1 
ATOM   175  C CD  B LYS A 1 26  ? 1.434   8.634   10.672  0.55 21.62 ? 26  LYS A CD  1 
ATOM   176  C CE  A LYS A 1 26  ? 1.662   9.041   11.504  0.45 27.13 ? 26  LYS A CE  1 
ATOM   177  C CE  B LYS A 1 26  ? 2.425   9.726   10.338  0.55 22.16 ? 26  LYS A CE  1 
ATOM   178  N NZ  A LYS A 1 26  ? 2.995   9.513   11.976  0.45 33.90 ? 26  LYS A NZ  1 
ATOM   179  N NZ  B LYS A 1 26  ? 3.393   9.940   11.452  0.55 38.34 ? 26  LYS A NZ  1 
ATOM   180  N N   . THR A 1 27  ? -3.020  9.344   10.048  1.00 17.81 ? 27  THR A N   1 
ATOM   181  C CA  . THR A 1 27  ? -3.776  10.582  10.002  1.00 19.98 ? 27  THR A CA  1 
ATOM   182  C C   . THR A 1 27  ? -2.913  11.744  9.526   1.00 16.08 ? 27  THR A C   1 
ATOM   183  O O   . THR A 1 27  ? -1.763  11.873  9.945   1.00 20.29 ? 27  THR A O   1 
ATOM   184  C CB  . THR A 1 27  ? -4.305  10.889  11.400  1.00 20.33 ? 27  THR A CB  1 
ATOM   185  O OG1 . THR A 1 27  ? -4.990  9.727   11.896  1.00 21.80 ? 27  THR A OG1 1 
ATOM   186  C CG2 . THR A 1 27  ? -5.244  12.082  11.380  1.00 22.75 ? 27  THR A CG2 1 
ATOM   187  N N   . GLU A 1 28  ? -3.464  12.570  8.633   1.00 19.47 ? 28  GLU A N   1 
ATOM   188  C CA  . GLU A 1 28  ? -2.802  13.811  8.202   1.00 20.13 ? 28  GLU A CA  1 
ATOM   189  C C   . GLU A 1 28  ? -1.354  13.592  7.752   1.00 19.97 ? 28  GLU A C   1 
ATOM   190  O O   . GLU A 1 28  ? -0.411  14.172  8.292   1.00 20.60 ? 28  GLU A O   1 
ATOM   191  C CB  . GLU A 1 28  ? -2.881  14.868  9.312   1.00 25.48 ? 28  GLU A CB  1 
ATOM   192  C CG  . GLU A 1 28  ? -4.319  15.202  9.685   1.00 26.07 ? 28  GLU A CG  1 
ATOM   193  C CD  . GLU A 1 28  ? -4.430  16.162  10.855  1.00 35.07 ? 28  GLU A CD  1 
ATOM   194  O OE1 . GLU A 1 28  ? -3.394  16.478  11.482  1.00 36.43 ? 28  GLU A OE1 1 
ATOM   195  O OE2 . GLU A 1 28  ? -5.564  16.595  11.144  1.00 44.90 ? 28  GLU A OE2 1 
ATOM   196  N N   . CYS A 1 29  ? -1.211  12.740  6.744   1.00 16.42 ? 29  CYS A N   1 
ATOM   197  C CA  . CYS A 1 29  ? 0.068   12.242  6.274   1.00 13.98 ? 29  CYS A CA  1 
ATOM   198  C C   . CYS A 1 29  ? 0.172   12.603  4.792   1.00 14.95 ? 29  CYS A C   1 
ATOM   199  O O   . CYS A 1 29  ? -0.421  11.934  3.947   1.00 14.46 ? 29  CYS A O   1 
ATOM   200  C CB  . CYS A 1 29  ? 0.047   10.719  6.451   1.00 15.87 ? 29  CYS A CB  1 
ATOM   201  S SG  . CYS A 1 29  ? 1.335   9.726   5.653   1.00 16.26 ? 29  CYS A SG  1 
ATOM   202  N N   . PRO A 1 30  ? 0.906   13.679  4.468   1.00 14.36 ? 30  PRO A N   1 
ATOM   203  C CA  . PRO A 1 30  ? 0.927   14.178  3.087   1.00 13.31 ? 30  PRO A CA  1 
ATOM   204  C C   . PRO A 1 30  ? 1.400   13.141  2.069   1.00 13.51 ? 30  PRO A C   1 
ATOM   205  O O   . PRO A 1 30  ? 0.835   13.076  0.969   1.00 13.25 ? 30  PRO A O   1 
ATOM   206  C CB  . PRO A 1 30  ? 1.911   15.351  3.156   1.00 18.40 ? 30  PRO A CB  1 
ATOM   207  C CG  . PRO A 1 30  ? 1.790   15.846  4.560   1.00 22.31 ? 30  PRO A CG  1 
ATOM   208  C CD  . PRO A 1 30  ? 1.528   14.626  5.411   1.00 16.08 ? 30  PRO A CD  1 
ATOM   209  N N   . TYR A 1 31  ? 2.398   12.332  2.413   1.00 12.81 ? 31  TYR A N   1 
ATOM   210  C CA  . TYR A 1 31  ? 2.866   11.344  1.453   1.00 12.10 ? 31  TYR A CA  1 
ATOM   211  C C   . TYR A 1 31  ? 1.908   10.161  1.341   1.00 13.43 ? 31  TYR A C   1 
ATOM   212  O O   . TYR A 1 31  ? 1.858   9.511   0.312   1.00 12.26 ? 31  TYR A O   1 
ATOM   213  C CB  . TYR A 1 31  ? 4.316   10.917  1.726   1.00 13.00 ? 31  TYR A CB  1 
ATOM   214  C CG  . TYR A 1 31  ? 5.282   12.022  1.378   1.00 12.59 ? 31  TYR A CG  1 
ATOM   215  C CD1 . TYR A 1 31  ? 5.668   12.242  0.062   1.00 13.59 ? 31  TYR A CD1 1 
ATOM   216  C CD2 . TYR A 1 31  ? 5.769   12.874  2.358   1.00 15.31 ? 31  TYR A CD2 1 
ATOM   217  C CE1 . TYR A 1 31  ? 6.536   13.278  -0.263  1.00 14.98 ? 31  TYR A CE1 1 
ATOM   218  C CE2 . TYR A 1 31  ? 6.638   13.906  2.042   1.00 14.68 ? 31  TYR A CE2 1 
ATOM   219  C CZ  . TYR A 1 31  ? 7.013   14.105  0.734   1.00 16.18 ? 31  TYR A CZ  1 
ATOM   220  O OH  . TYR A 1 31  ? 7.875   15.136  0.429   1.00 16.76 ? 31  TYR A OH  1 
ATOM   221  N N   . CYS A 1 32  ? 1.125   9.895   2.383   1.00 13.07 ? 32  CYS A N   1 
ATOM   222  C CA  . CYS A 1 32  ? 0.026   8.929   2.262   1.00 13.09 ? 32  CYS A CA  1 
ATOM   223  C C   . CYS A 1 32  ? -1.011  9.429   1.260   1.00 12.29 ? 32  CYS A C   1 
ATOM   224  O O   . CYS A 1 32  ? -1.434  8.700   0.356   1.00 14.03 ? 32  CYS A O   1 
ATOM   225  C CB  . CYS A 1 32  ? -0.675  8.716   3.612   1.00 12.65 ? 32  CYS A CB  1 
ATOM   226  S SG  . CYS A 1 32  ? 0.337   8.067   4.968   1.00 13.95 ? 32  CYS A SG  1 
ATOM   227  N N   . ILE A 1 33  ? -1.413  10.686  1.442   1.00 13.04 ? 33  ILE A N   1 
ATOM   228  C CA  . ILE A 1 33  ? -2.406  11.330  0.611   1.00 14.29 ? 33  ILE A CA  1 
ATOM   229  C C   . ILE A 1 33  ? -1.928  11.366  -0.839  1.00 13.74 ? 33  ILE A C   1 
ATOM   230  O O   . ILE A 1 33  ? -2.686  11.017  -1.739  1.00 14.41 ? 33  ILE A O   1 
ATOM   231  C CB  . ILE A 1 33  ? -2.728  12.731  1.162   1.00 13.35 ? 33  ILE A CB  1 
ATOM   232  C CG1 . ILE A 1 33  ? -3.449  12.585  2.501   1.00 17.29 ? 33  ILE A CG1 1 
ATOM   233  C CG2 . ILE A 1 33  ? -3.591  13.514  0.178   1.00 15.36 ? 33  ILE A CG2 1 
ATOM   234  C CD1 . ILE A 1 33  ? -3.505  13.843  3.327   1.00 20.13 ? 33  ILE A CD1 1 
ATOM   235  N N   . LYS A 1 34  ? -0.675  11.762  -1.063  1.00 13.35 ? 34  LYS A N   1 
ATOM   236  C CA  . LYS A 1 34  ? -0.129  11.760  -2.415  1.00 12.21 ? 34  LYS A CA  1 
ATOM   237  C C   . LYS A 1 34  ? -0.158  10.361  -3.052  1.00 13.48 ? 34  LYS A C   1 
ATOM   238  O O   . LYS A 1 34  ? -0.585  10.202  -4.203  1.00 14.14 ? 34  LYS A O   1 
ATOM   239  C CB  . LYS A 1 34  ? 1.294   12.334  -2.404  1.00 13.62 ? 34  LYS A CB  1 
ATOM   240  C CG  . LYS A 1 34  ? 1.943   12.418  -3.773  1.00 12.99 ? 34  LYS A CG  1 
ATOM   241  C CD  . LYS A 1 34  ? 3.387   12.851  -3.644  1.00 13.05 ? 34  LYS A CD  1 
ATOM   242  C CE  . LYS A 1 34  ? 4.083   12.904  -4.986  1.00 14.09 ? 34  LYS A CE  1 
ATOM   243  N NZ  . LYS A 1 34  ? 3.836   14.200  -5.678  1.00 18.40 ? 34  LYS A NZ  1 
ATOM   244  N N   . ALA A 1 35  ? 0.293   9.349   -2.312  1.00 11.94 ? 35  ALA A N   1 
ATOM   245  C CA  . ALA A 1 35  ? 0.358   7.993   -2.851  1.00 11.14 ? 35  ALA A CA  1 
ATOM   246  C C   . ALA A 1 35  ? -1.038  7.483   -3.216  1.00 11.88 ? 35  ALA A C   1 
ATOM   247  O O   . ALA A 1 35  ? -1.237  6.895   -4.284  1.00 13.86 ? 35  ALA A O   1 
ATOM   248  C CB  . ALA A 1 35  ? 1.012   7.056   -1.843  1.00 12.63 ? 35  ALA A CB  1 
ATOM   249  N N   . ILE A 1 36  ? -1.996  7.699   -2.317  1.00 13.30 ? 36  ILE A N   1 
ATOM   250  C CA  . ILE A 1 36  ? -3.372  7.275   -2.541  1.00 13.97 ? 36  ILE A CA  1 
ATOM   251  C C   . ILE A 1 36  ? -3.971  7.972   -3.763  1.00 13.90 ? 36  ILE A C   1 
ATOM   252  O O   . ILE A 1 36  ? -4.660  7.345   -4.570  1.00 15.19 ? 36  ILE A O   1 
ATOM   253  C CB  . ILE A 1 36  ? -4.217  7.506   -1.274  1.00 13.55 ? 36  ILE A CB  1 
ATOM   254  C CG1 . ILE A 1 36  ? -3.753  6.554   -0.168  1.00 15.43 ? 36  ILE A CG1 1 
ATOM   255  C CG2 . ILE A 1 36  ? -5.702  7.301   -1.558  1.00 14.98 ? 36  ILE A CG2 1 
ATOM   256  C CD1 . ILE A 1 36  ? -4.181  6.976   1.229   1.00 18.31 ? 36  ILE A CD1 1 
ATOM   257  N N   . SER A 1 37  ? -3.674  9.258   -3.914  1.00 13.08 ? 37  SER A N   1 
ATOM   258  C CA  A SER A 1 37  ? -4.162  10.045  -5.043  0.50 14.28 ? 37  SER A CA  1 
ATOM   259  C CA  B SER A 1 37  ? -4.180  10.023  -5.044  0.50 14.29 ? 37  SER A CA  1 
ATOM   260  C C   . SER A 1 37  ? -3.588  9.539   -6.368  1.00 15.39 ? 37  SER A C   1 
ATOM   261  O O   . SER A 1 37  ? -4.295  9.461   -7.375  1.00 15.09 ? 37  SER A O   1 
ATOM   262  C CB  A SER A 1 37  ? -3.817  11.521  -4.839  0.50 14.63 ? 37  SER A CB  1 
ATOM   263  C CB  B SER A 1 37  ? -3.927  11.512  -4.826  0.50 14.75 ? 37  SER A CB  1 
ATOM   264  O OG  A SER A 1 37  ? -4.480  12.335  -5.794  0.50 15.45 ? 37  SER A OG  1 
ATOM   265  O OG  B SER A 1 37  ? -4.797  12.012  -3.831  0.50 19.86 ? 37  SER A OG  1 
ATOM   266  N N   . ILE A 1 38  ? -2.299  9.204   -6.370  1.00 13.49 ? 38  ILE A N   1 
ATOM   267  C CA  . ILE A 1 38  ? -1.666  8.653   -7.576  1.00 13.07 ? 38  ILE A CA  1 
ATOM   268  C C   . ILE A 1 38  ? -2.343  7.344   -7.968  1.00 15.06 ? 38  ILE A C   1 
ATOM   269  O O   . ILE A 1 38  ? -2.662  7.117   -9.139  1.00 15.67 ? 38  ILE A O   1 
ATOM   270  C CB  . ILE A 1 38  ? -0.148  8.434   -7.378  1.00 12.02 ? 38  ILE A CB  1 
ATOM   271  C CG1 . ILE A 1 38  ? 0.578   9.785   -7.332  1.00 14.42 ? 38  ILE A CG1 1 
ATOM   272  C CG2 . ILE A 1 38  ? 0.442   7.559   -8.500  1.00 14.40 ? 38  ILE A CG2 1 
ATOM   273  C CD1 . ILE A 1 38  ? 2.034   9.695   -6.872  1.00 16.99 ? 38  ILE A CD1 1 
ATOM   274  N N   . LEU A 1 39  ? -2.566  6.474   -6.991  1.00 12.67 ? 39  LEU A N   1 
ATOM   275  C CA  . LEU A 1 39  ? -3.216  5.197   -7.260  1.00 15.52 ? 39  LEU A CA  1 
ATOM   276  C C   . LEU A 1 39  ? -4.662  5.368   -7.739  1.00 14.21 ? 39  LEU A C   1 
ATOM   277  O O   . LEU A 1 39  ? -5.085  4.687   -8.686  1.00 14.56 ? 39  LEU A O   1 
ATOM   278  C CB  . LEU A 1 39  ? -3.140  4.302   -6.023  1.00 11.92 ? 39  LEU A CB  1 
ATOM   279  C CG  . LEU A 1 39  ? -1.722  3.828   -5.711  1.00 13.09 ? 39  LEU A CG  1 
ATOM   280  C CD1 . LEU A 1 39  ? -1.615  3.369   -4.259  1.00 14.78 ? 39  LEU A CD1 1 
ATOM   281  C CD2 . LEU A 1 39  ? -1.326  2.695   -6.663  1.00 15.37 ? 39  LEU A CD2 1 
ATOM   282  N N   . LYS A 1 40  ? -5.417  6.275   -7.119  1.00 14.88 ? 40  LYS A N   1 
ATOM   283  C CA  . LYS A 1 40  ? -6.781  6.530   -7.573  1.00 14.81 ? 40  LYS A CA  1 
ATOM   284  C C   . LYS A 1 40  ? -6.795  7.134   -8.971  1.00 16.60 ? 40  LYS A C   1 
ATOM   285  O O   . LYS A 1 40  ? -7.773  6.970   -9.703  1.00 18.98 ? 40  LYS A O   1 
ATOM   286  C CB  . LYS A 1 40  ? -7.546  7.397   -6.576  1.00 15.33 ? 40  LYS A CB  1 
ATOM   287  C CG  . LYS A 1 40  ? -7.901  6.616   -5.322  1.00 18.98 ? 40  LYS A CG  1 
ATOM   288  C CD  . LYS A 1 40  ? -8.769  7.405   -4.370  1.00 21.10 ? 40  LYS A CD  1 
ATOM   289  C CE  . LYS A 1 40  ? -9.160  6.530   -3.182  1.00 28.50 ? 40  LYS A CE  1 
ATOM   290  N NZ  . LYS A 1 40  ? -10.031 7.249   -2.207  1.00 36.93 ? 40  LYS A NZ  1 
ATOM   291  N N   . GLY A 1 41  ? -5.700  7.790   -9.348  1.00 16.26 ? 41  GLY A N   1 
ATOM   292  C CA  . GLY A 1 41  ? -5.544  8.345   -10.685 1.00 17.13 ? 41  GLY A CA  1 
ATOM   293  C C   . GLY A 1 41  ? -5.529  7.283   -11.775 1.00 20.96 ? 41  GLY A C   1 
ATOM   294  O O   . GLY A 1 41  ? -5.812  7.575   -12.942 1.00 24.97 ? 41  GLY A O   1 
ATOM   295  N N   . TYR A 1 42  ? -5.183  6.053   -11.401 1.00 16.64 ? 42  TYR A N   1 
ATOM   296  C CA  . TYR A 1 42  ? -5.254  4.918   -12.316 1.00 16.89 ? 42  TYR A CA  1 
ATOM   297  C C   . TYR A 1 42  ? -6.606  4.210   -12.214 1.00 18.79 ? 42  TYR A C   1 
ATOM   298  O O   . TYR A 1 42  ? -6.762  3.083   -12.699 1.00 20.19 ? 42  TYR A O   1 
ATOM   299  C CB  . TYR A 1 42  ? -4.121  3.919   -12.032 1.00 16.48 ? 42  TYR A CB  1 
ATOM   300  C CG  . TYR A 1 42  ? -2.783  4.326   -12.618 1.00 16.48 ? 42  TYR A CG  1 
ATOM   301  C CD1 . TYR A 1 42  ? -2.436  3.969   -13.914 1.00 19.70 ? 42  TYR A CD1 1 
ATOM   302  C CD2 . TYR A 1 42  ? -1.870  5.053   -11.874 1.00 16.71 ? 42  TYR A CD2 1 
ATOM   303  C CE1 . TYR A 1 42  ? -1.220  4.336   -14.454 1.00 23.13 ? 42  TYR A CE1 1 
ATOM   304  C CE2 . TYR A 1 42  ? -0.646  5.430   -12.406 1.00 20.29 ? 42  TYR A CE2 1 
ATOM   305  C CZ  . TYR A 1 42  ? -0.332  5.070   -13.697 1.00 27.74 ? 42  TYR A CZ  1 
ATOM   306  O OH  . TYR A 1 42  ? 0.876   5.433   -14.243 1.00 31.03 ? 42  TYR A OH  1 
ATOM   307  N N   . ASN A 1 43  ? -7.572  4.873   -11.578 1.00 19.07 ? 43  ASN A N   1 
ATOM   308  C CA  A ASN A 1 43  ? -8.916  4.323   -11.400 0.45 19.35 ? 43  ASN A CA  1 
ATOM   309  C CA  B ASN A 1 43  ? -8.919  4.326   -11.404 0.55 19.32 ? 43  ASN A CA  1 
ATOM   310  C C   . ASN A 1 43  ? -8.895  2.975   -10.693 1.00 22.94 ? 43  ASN A C   1 
ATOM   311  O O   . ASN A 1 43  ? -9.589  2.037   -11.087 1.00 22.96 ? 43  ASN A O   1 
ATOM   312  C CB  A ASN A 1 43  ? -9.645  4.232   -12.744 0.45 21.97 ? 43  ASN A CB  1 
ATOM   313  C CB  B ASN A 1 43  ? -9.649  4.215   -12.751 0.55 21.94 ? 43  ASN A CB  1 
ATOM   314  C CG  A ASN A 1 43  ? -9.779  5.581   -13.422 0.45 29.19 ? 43  ASN A CG  1 
ATOM   315  C CG  B ASN A 1 43  ? -11.151 4.067   -12.591 0.55 23.06 ? 43  ASN A CG  1 
ATOM   316  O OD1 A ASN A 1 43  ? -10.051 6.590   -12.771 0.45 30.68 ? 43  ASN A OD1 1 
ATOM   317  O OD1 B ASN A 1 43  ? -11.744 4.599   -11.651 0.55 34.67 ? 43  ASN A OD1 1 
ATOM   318  N ND2 A ASN A 1 43  ? -9.578  5.609   -14.734 0.45 26.88 ? 43  ASN A ND2 1 
ATOM   319  N ND2 B ASN A 1 43  ? -11.774 3.341   -13.510 0.55 36.64 ? 43  ASN A ND2 1 
ATOM   320  N N   . LEU A 1 44  ? -8.093  2.889   -9.638  1.00 15.88 ? 44  LEU A N   1 
ATOM   321  C CA  . LEU A 1 44  ? -7.905  1.633   -8.921  1.00 18.89 ? 44  LEU A CA  1 
ATOM   322  C C   . LEU A 1 44  ? -8.811  1.507   -7.711  1.00 21.24 ? 44  LEU A C   1 
ATOM   323  O O   . LEU A 1 44  ? -8.729  0.516   -6.987  1.00 16.98 ? 44  LEU A O   1 
ATOM   324  C CB  . LEU A 1 44  ? -6.446  1.502   -8.480  1.00 15.41 ? 44  LEU A CB  1 
ATOM   325  C CG  . LEU A 1 44  ? -5.420  1.494   -9.608  1.00 14.61 ? 44  LEU A CG  1 
ATOM   326  C CD1 . LEU A 1 44  ? -4.015  1.408   -9.036  1.00 16.50 ? 44  LEU A CD1 1 
ATOM   327  C CD2 . LEU A 1 44  ? -5.675  0.321   -10.552 1.00 20.81 ? 44  LEU A CD2 1 
ATOM   328  N N   . ASN A 1 45  ? -9.675  2.499   -7.503  1.00 17.52 ? 45  ASN A N   1 
ATOM   329  C CA  . ASN A 1 45  ? -10.519 2.570   -6.317  1.00 17.79 ? 45  ASN A CA  1 
ATOM   330  C C   . ASN A 1 45  ? -11.187 1.233   -5.949  1.00 18.07 ? 45  ASN A C   1 
ATOM   331  O O   . ASN A 1 45  ? -11.178 0.824   -4.784  1.00 19.54 ? 45  ASN A O   1 
ATOM   332  C CB  . ASN A 1 45  ? -11.595 3.654   -6.509  1.00 20.92 ? 45  ASN A CB  1 
ATOM   333  C CG  . ASN A 1 45  ? -11.024 5.001   -6.996  1.00 34.11 ? 45  ASN A CG  1 
ATOM   334  O OD1 . ASN A 1 45  ? -10.253 5.073   -7.964  1.00 24.60 ? 45  ASN A OD1 1 
ATOM   335  N ND2 . ASN A 1 45  ? -11.431 6.078   -6.328  1.00 35.72 ? 45  ASN A ND2 1 
ATOM   336  N N   . SER A 1 46  ? -11.716 0.538   -6.956  1.00 19.93 ? 46  SER A N   1 
ATOM   337  C CA  A SER A 1 46  ? -12.482 -0.683  -6.719  0.61 18.57 ? 46  SER A CA  1 
ATOM   338  C CA  B SER A 1 46  ? -12.472 -0.699  -6.757  0.39 18.63 ? 46  SER A CA  1 
ATOM   339  C C   . SER A 1 46  ? -11.649 -1.806  -6.124  1.00 16.53 ? 46  SER A C   1 
ATOM   340  O O   . SER A 1 46  ? -12.197 -2.734  -5.525  1.00 17.49 ? 46  SER A O   1 
ATOM   341  C CB  A SER A 1 46  ? -13.152 -1.173  -8.007  0.61 19.71 ? 46  SER A CB  1 
ATOM   342  C CB  B SER A 1 46  ? -13.028 -1.205  -8.090  0.39 19.61 ? 46  SER A CB  1 
ATOM   343  O OG  A SER A 1 46  ? -12.196 -1.417  -9.026  0.61 19.58 ? 46  SER A OG  1 
ATOM   344  O OG  B SER A 1 46  ? -13.829 -0.227  -8.725  0.39 23.02 ? 46  SER A OG  1 
ATOM   345  N N   . HIS A 1 47  ? -10.330 -1.725  -6.285  1.00 15.92 ? 47  HIS A N   1 
ATOM   346  C CA  . HIS A 1 47  ? -9.450  -2.768  -5.788  1.00 15.14 ? 47  HIS A CA  1 
ATOM   347  C C   . HIS A 1 47  ? -8.450  -2.242  -4.770  1.00 13.56 ? 47  HIS A C   1 
ATOM   348  O O   . HIS A 1 47  ? -7.402  -2.853  -4.557  1.00 15.51 ? 47  HIS A O   1 
ATOM   349  C CB  . HIS A 1 47  ? -8.735  -3.452  -6.958  1.00 15.08 ? 47  HIS A CB  1 
ATOM   350  C CG  . HIS A 1 47  ? -9.645  -4.307  -7.775  1.00 17.36 ? 47  HIS A CG  1 
ATOM   351  N ND1 . HIS A 1 47  ? -10.107 -5.529  -7.333  1.00 19.53 ? 47  HIS A ND1 1 
ATOM   352  C CD2 . HIS A 1 47  ? -10.217 -4.101  -8.983  1.00 18.38 ? 47  HIS A CD2 1 
ATOM   353  C CE1 . HIS A 1 47  ? -10.910 -6.046  -8.246  1.00 19.35 ? 47  HIS A CE1 1 
ATOM   354  N NE2 . HIS A 1 47  ? -10.987 -5.202  -9.259  1.00 18.55 ? 47  HIS A NE2 1 
ATOM   355  N N   . MET A 1 48  ? -8.795  -1.123  -4.136  1.00 13.77 ? 48  MET A N   1 
ATOM   356  C CA  . MET A 1 48  ? -7.920  -0.496  -3.149  1.00 13.14 ? 48  MET A CA  1 
ATOM   357  C C   . MET A 1 48  ? -8.526  -0.536  -1.767  1.00 17.02 ? 48  MET A C   1 
ATOM   358  O O   . MET A 1 48  ? -9.725  -0.293  -1.587  1.00 17.91 ? 48  MET A O   1 
ATOM   359  C CB  . MET A 1 48  ? -7.691  0.980   -3.475  1.00 19.44 ? 48  MET A CB  1 
ATOM   360  C CG  . MET A 1 48  ? -6.782  1.271   -4.633  1.00 20.74 ? 48  MET A CG  1 
ATOM   361  S SD  . MET A 1 48  ? -6.717  3.053   -4.947  1.00 22.35 ? 48  MET A SD  1 
ATOM   362  C CE  . MET A 1 48  ? -5.915  3.624   -3.463  1.00 24.19 ? 48  MET A CE  1 
ATOM   363  N N   . HIS A 1 49  ? -7.683  -0.798  -0.777  1.00 15.57 ? 49  HIS A N   1 
ATOM   364  C CA  . HIS A 1 49  ? -8.068  -0.596  0.602   1.00 14.47 ? 49  HIS A CA  1 
ATOM   365  C C   . HIS A 1 49  ? -7.004  0.238   1.297   1.00 14.18 ? 49  HIS A C   1 
ATOM   366  O O   . HIS A 1 49  ? -5.807  -0.051  1.180   1.00 16.11 ? 49  HIS A O   1 
ATOM   367  C CB  . HIS A 1 49  ? -8.222  -1.921  1.315   1.00 15.68 ? 49  HIS A CB  1 
ATOM   368  C CG  . HIS A 1 49  ? -8.498  -1.775  2.773   1.00 17.48 ? 49  HIS A CG  1 
ATOM   369  N ND1 . HIS A 1 49  ? -9.765  -1.555  3.273   1.00 27.72 ? 49  HIS A ND1 1 
ATOM   370  C CD2 . HIS A 1 49  ? -7.663  -1.761  3.841   1.00 18.03 ? 49  HIS A CD2 1 
ATOM   371  C CE1 . HIS A 1 49  ? -9.701  -1.443  4.586   1.00 28.33 ? 49  HIS A CE1 1 
ATOM   372  N NE2 . HIS A 1 49  ? -8.443  -1.569  4.957   1.00 19.81 ? 49  HIS A NE2 1 
ATOM   373  N N   . VAL A 1 50  ? -7.448  1.276   2.001   1.00 12.71 ? 50  VAL A N   1 
ATOM   374  C CA  . VAL A 1 50  ? -6.552  2.103   2.799   1.00 13.83 ? 50  VAL A CA  1 
ATOM   375  C C   . VAL A 1 50  ? -6.881  1.893   4.265   1.00 13.34 ? 50  VAL A C   1 
ATOM   376  O O   . VAL A 1 50  ? -8.037  2.072   4.687   1.00 15.78 ? 50  VAL A O   1 
ATOM   377  C CB  . VAL A 1 50  ? -6.727  3.585   2.449   1.00 12.72 ? 50  VAL A CB  1 
ATOM   378  C CG1 . VAL A 1 50  ? -5.852  4.470   3.346   1.00 15.88 ? 50  VAL A CG1 1 
ATOM   379  C CG2 . VAL A 1 50  ? -6.367  3.816   0.980   1.00 14.45 ? 50  VAL A CG2 1 
ATOM   380  N N   . GLU A 1 51  ? -5.870  1.507   5.042   1.00 12.90 ? 51  GLU A N   1 
ATOM   381  C CA  . GLU A 1 51  ? -6.044  1.293   6.469   1.00 12.59 ? 51  GLU A CA  1 
ATOM   382  C C   . GLU A 1 51  ? -5.270  2.351   7.227   1.00 13.93 ? 51  GLU A C   1 
ATOM   383  O O   . GLU A 1 51  ? -4.053  2.495   7.034   1.00 14.76 ? 51  GLU A O   1 
ATOM   384  C CB  . GLU A 1 51  ? -5.536  -0.094  6.852   1.00 15.56 ? 51  GLU A CB  1 
ATOM   385  C CG  . GLU A 1 51  ? -5.877  -0.503  8.285   1.00 17.44 ? 51  GLU A CG  1 
ATOM   386  C CD  . GLU A 1 51  ? -7.360  -0.745  8.490   1.00 21.21 ? 51  GLU A CD  1 
ATOM   387  O OE1 . GLU A 1 51  ? -8.038  -1.216  7.549   1.00 22.54 ? 51  GLU A OE1 1 
ATOM   388  O OE2 . GLU A 1 51  ? -7.857  -0.478  9.602   1.00 18.15 ? 51  GLU A OE2 1 
ATOM   389  N N   . ASN A 1 52  ? -5.964  3.098   8.084   1.00 14.16 ? 52  ASN A N   1 
ATOM   390  C CA  . ASN A 1 52  ? -5.288  4.065   8.953   1.00 13.89 ? 52  ASN A CA  1 
ATOM   391  C C   . ASN A 1 52  ? -4.803  3.357   10.206  1.00 17.57 ? 52  ASN A C   1 
ATOM   392  O O   . ASN A 1 52  ? -5.594  3.069   11.116  1.00 16.66 ? 52  ASN A O   1 
ATOM   393  C CB  . ASN A 1 52  ? -6.234  5.208   9.325   1.00 14.61 ? 52  ASN A CB  1 
ATOM   394  C CG  . ASN A 1 52  ? -5.558  6.289   10.157  1.00 17.78 ? 52  ASN A CG  1 
ATOM   395  O OD1 . ASN A 1 52  ? -4.549  6.048   10.821  1.00 15.99 ? 52  ASN A OD1 1 
ATOM   396  N ND2 . ASN A 1 52  ? -6.133  7.489   10.144  1.00 20.74 ? 52  ASN A ND2 1 
ATOM   397  N N   . ILE A 1 53  ? -3.504  3.093   10.268  1.00 14.48 ? 53  ILE A N   1 
ATOM   398  C CA  . ILE A 1 53  ? -2.953  2.312   11.369  1.00 13.22 ? 53  ILE A CA  1 
ATOM   399  C C   . ILE A 1 53  ? -2.640  3.131   12.612  1.00 14.63 ? 53  ILE A C   1 
ATOM   400  O O   . ILE A 1 53  ? -2.349  2.559   13.669  1.00 14.95 ? 53  ILE A O   1 
ATOM   401  C CB  . ILE A 1 53  ? -1.714  1.512   10.939  1.00 12.76 ? 53  ILE A CB  1 
ATOM   402  C CG1 . ILE A 1 53  ? -0.529  2.431   10.621  1.00 15.18 ? 53  ILE A CG1 1 
ATOM   403  C CG2 . ILE A 1 53  ? -2.063  0.595   9.766   1.00 14.69 ? 53  ILE A CG2 1 
ATOM   404  C CD1 . ILE A 1 53  ? 0.787   1.652   10.494  1.00 16.23 ? 53  ILE A CD1 1 
ATOM   405  N N   . GLU A 1 54  ? -2.707  4.454   12.497  1.00 15.41 ? 54  GLU A N   1 
ATOM   406  C CA  . GLU A 1 54  ? -2.554  5.308   13.668  1.00 15.14 ? 54  GLU A CA  1 
ATOM   407  C C   . GLU A 1 54  ? -3.807  5.235   14.519  1.00 15.68 ? 54  GLU A C   1 
ATOM   408  O O   . GLU A 1 54  ? -3.732  5.262   15.757  1.00 18.14 ? 54  GLU A O   1 
ATOM   409  C CB  . GLU A 1 54  ? -2.268  6.752   13.261  1.00 16.29 ? 54  GLU A CB  1 
ATOM   410  C CG  . GLU A 1 54  ? -2.022  7.670   14.450  1.00 18.57 ? 54  GLU A CG  1 
ATOM   411  C CD  . GLU A 1 54  ? -1.625  9.064   14.038  1.00 27.80 ? 54  GLU A CD  1 
ATOM   412  O OE1 . GLU A 1 54  ? -1.670  9.363   12.825  1.00 23.68 ? 54  GLU A OE1 1 
ATOM   413  O OE2 . GLU A 1 54  ? -1.267  9.858   14.932  1.00 31.35 ? 54  GLU A OE2 1 
ATOM   414  N N   . LYS A 1 55  ? -4.957  5.137   13.857  1.00 15.36 ? 55  LYS A N   1 
ATOM   415  C CA  A LYS A 1 55  ? -6.233  4.954   14.538  0.27 16.40 ? 55  LYS A CA  1 
ATOM   416  C CA  B LYS A 1 55  ? -6.228  4.953   14.551  0.73 16.30 ? 55  LYS A CA  1 
ATOM   417  C C   . LYS A 1 55  ? -6.412  3.473   14.833  1.00 14.07 ? 55  LYS A C   1 
ATOM   418  O O   . LYS A 1 55  ? -7.284  2.809   14.260  1.00 17.11 ? 55  LYS A O   1 
ATOM   419  C CB  A LYS A 1 55  ? -7.381  5.440   13.655  0.27 21.94 ? 55  LYS A CB  1 
ATOM   420  C CB  B LYS A 1 55  ? -7.388  5.459   13.695  0.73 21.93 ? 55  LYS A CB  1 
ATOM   421  C CG  A LYS A 1 55  ? -7.342  6.919   13.323  0.27 28.04 ? 55  LYS A CG  1 
ATOM   422  C CG  B LYS A 1 55  ? -7.564  6.957   13.706  0.73 26.58 ? 55  LYS A CG  1 
ATOM   423  C CD  A LYS A 1 55  ? -7.939  7.748   14.433  0.27 28.60 ? 55  LYS A CD  1 
ATOM   424  C CD  B LYS A 1 55  ? -8.556  7.368   12.622  0.73 29.47 ? 55  LYS A CD  1 
ATOM   425  C CE  A LYS A 1 55  ? -8.508  9.048   13.882  0.27 34.53 ? 55  LYS A CE  1 
ATOM   426  C CE  B LYS A 1 55  ? -9.189  8.708   12.939  0.73 45.25 ? 55  LYS A CE  1 
ATOM   427  N NZ  A LYS A 1 55  ? -9.449  8.800   12.755  0.27 43.13 ? 55  LYS A NZ  1 
ATOM   428  N NZ  B LYS A 1 55  ? -8.168  9.720   13.320  0.73 45.47 ? 55  LYS A NZ  1 
ATOM   429  N N   . ASN A 1 56  ? -5.566  2.949   15.713  1.00 15.44 ? 56  ASN A N   1 
ATOM   430  C CA  . ASN A 1 56  ? -5.537  1.533   16.022  1.00 15.09 ? 56  ASN A CA  1 
ATOM   431  C C   . ASN A 1 56  ? -4.752  1.386   17.320  1.00 17.15 ? 56  ASN A C   1 
ATOM   432  O O   . ASN A 1 56  ? -3.728  2.056   17.494  1.00 16.68 ? 56  ASN A O   1 
ATOM   433  C CB  . ASN A 1 56  ? -4.829  0.778   14.889  1.00 13.87 ? 56  ASN A CB  1 
ATOM   434  C CG  . ASN A 1 56  ? -4.999  -0.716  14.982  1.00 13.20 ? 56  ASN A CG  1 
ATOM   435  O OD1 . ASN A 1 56  ? -4.529  -1.356  15.929  1.00 16.54 ? 56  ASN A OD1 1 
ATOM   436  N ND2 . ASN A 1 56  ? -5.656  -1.297  13.982  1.00 14.44 ? 56  ASN A ND2 1 
ATOM   437  N N   . PRO A 1 57  ? -5.224  0.527   18.243  1.00 14.33 ? 57  PRO A N   1 
ATOM   438  C CA  . PRO A 1 57  ? -4.495  0.373   19.507  1.00 14.90 ? 57  PRO A CA  1 
ATOM   439  C C   . PRO A 1 57  ? -3.149  -0.322  19.333  1.00 17.22 ? 57  PRO A C   1 
ATOM   440  O O   . PRO A 1 57  ? -2.286  -0.246  20.221  1.00 19.40 ? 57  PRO A O   1 
ATOM   441  C CB  . PRO A 1 57  ? -5.434  -0.507  20.349  1.00 15.73 ? 57  PRO A CB  1 
ATOM   442  C CG  . PRO A 1 57  ? -6.249  -1.252  19.366  1.00 19.41 ? 57  PRO A CG  1 
ATOM   443  C CD  . PRO A 1 57  ? -6.444  -0.301  18.203  1.00 16.77 ? 57  PRO A CD  1 
ATOM   444  N N   . ASP A 1 58  ? -2.961  -0.973  18.191  1.00 15.87 ? 58  ASP A N   1 
ATOM   445  C CA  . ASP A 1 58  ? -1.753  -1.759  17.966  1.00 14.34 ? 58  ASP A CA  1 
ATOM   446  C C   . ASP A 1 58  ? -0.874  -1.169  16.875  1.00 14.39 ? 58  ASP A C   1 
ATOM   447  O O   . ASP A 1 58  ? -0.199  -1.908  16.166  1.00 13.58 ? 58  ASP A O   1 
ATOM   448  C CB  . ASP A 1 58  ? -2.125  -3.201  17.612  1.00 16.36 ? 58  ASP A CB  1 
ATOM   449  C CG  . ASP A 1 58  ? -2.951  -3.876  18.692  1.00 21.34 ? 58  ASP A CG  1 
ATOM   450  O OD1 . ASP A 1 58  ? -2.637  -3.702  19.887  1.00 25.19 ? 58  ASP A OD1 1 
ATOM   451  O OD2 . ASP A 1 58  ? -3.913  -4.584  18.336  1.00 28.27 ? 58  ASP A OD2 1 
ATOM   452  N N   . MET A 1 59  ? -0.860  0.155   16.759  1.00 13.79 ? 59  MET A N   1 
ATOM   453  C CA  . MET A 1 59  ? -0.029  0.815   15.741  1.00 10.34 ? 59  MET A CA  1 
ATOM   454  C C   . MET A 1 59  ? 1.428   0.331   15.702  1.00 12.00 ? 59  MET A C   1 
ATOM   455  O O   . MET A 1 59  ? 1.952   -0.003  14.633  1.00 13.47 ? 59  MET A O   1 
ATOM   456  C CB  . MET A 1 59  ? -0.054  2.337   15.911  1.00 12.44 ? 59  MET A CB  1 
ATOM   457  C CG  . MET A 1 59  ? 0.620   3.064   14.752  1.00 14.81 ? 59  MET A CG  1 
ATOM   458  S SD  . MET A 1 59  ? 0.816   4.815   15.086  1.00 15.92 ? 59  MET A SD  1 
ATOM   459  C CE  . MET A 1 59  ? 1.407   5.355   13.487  1.00 19.75 ? 59  MET A CE  1 
ATOM   460  N N   . ALA A 1 60  ? 2.076   0.279   16.861  1.00 13.93 ? 60  ALA A N   1 
ATOM   461  C CA  . ALA A 1 60  ? 3.481   -0.111  16.911  1.00 13.23 ? 60  ALA A CA  1 
ATOM   462  C C   . ALA A 1 60  ? 3.683   -1.529  16.420  1.00 13.10 ? 60  ALA A C   1 
ATOM   463  O O   . ALA A 1 60  ? 4.659   -1.812  15.713  1.00 13.48 ? 60  ALA A O   1 
ATOM   464  C CB  . ALA A 1 60  ? 4.039   0.038   18.322  1.00 15.16 ? 60  ALA A CB  1 
ATOM   465  N N   A ASN A 1 61  ? 2.777   -2.429  16.799  0.53 14.35 ? 61  ASN A N   1 
ATOM   466  N N   B ASN A 1 61  ? 2.777   -2.429  16.799  0.47 14.36 ? 61  ASN A N   1 
ATOM   467  C CA  A ASN A 1 61  ? 2.868   -3.811  16.352  0.53 13.98 ? 61  ASN A CA  1 
ATOM   468  C CA  B ASN A 1 61  ? 2.868   -3.811  16.352  0.47 13.98 ? 61  ASN A CA  1 
ATOM   469  C C   A ASN A 1 61  ? 2.704   -3.901  14.848  0.53 12.49 ? 61  ASN A C   1 
ATOM   470  C C   B ASN A 1 61  ? 2.704   -3.901  14.848  0.47 12.51 ? 61  ASN A C   1 
ATOM   471  O O   A ASN A 1 61  ? 3.425   -4.642  14.179  0.53 12.95 ? 61  ASN A O   1 
ATOM   472  O O   B ASN A 1 61  ? 3.424   -4.643  14.179  0.47 12.96 ? 61  ASN A O   1 
ATOM   473  C CB  A ASN A 1 61  ? 1.822   -4.678  17.047  0.53 13.44 ? 61  ASN A CB  1 
ATOM   474  C CB  B ASN A 1 61  ? 1.820   -4.677  17.047  0.47 13.46 ? 61  ASN A CB  1 
ATOM   475  C CG  A ASN A 1 61  ? 1.907   -4.591  18.553  0.53 23.11 ? 61  ASN A CG  1 
ATOM   476  C CG  B ASN A 1 61  ? 1.907   -4.591  18.553  0.47 23.09 ? 61  ASN A CG  1 
ATOM   477  O OD1 A ASN A 1 61  ? 0.990   -4.094  19.206  0.53 29.26 ? 61  ASN A OD1 1 
ATOM   478  O OD1 B ASN A 1 61  ? 0.991   -4.094  19.208  0.47 29.22 ? 61  ASN A OD1 1 
ATOM   479  N ND2 A ASN A 1 61  ? 3.015   -5.068  19.117  0.53 18.73 ? 61  ASN A ND2 1 
ATOM   480  N ND2 B ASN A 1 61  ? 3.014   -5.070  19.115  0.47 18.74 ? 61  ASN A ND2 1 
ATOM   481  N N   . ILE A 1 62  ? 1.761   -3.131  14.315  1.00 12.22 ? 62  ILE A N   1 
ATOM   482  C CA  . ILE A 1 62  ? 1.532   -3.112  12.876  1.00 12.92 ? 62  ILE A CA  1 
ATOM   483  C C   . ILE A 1 62  ? 2.762   -2.565  12.151  1.00 11.72 ? 62  ILE A C   1 
ATOM   484  O O   . ILE A 1 62  ? 3.216   -3.168  11.175  1.00 12.34 ? 62  ILE A O   1 
ATOM   485  C CB  . ILE A 1 62  ? 0.262   -2.298  12.523  1.00 12.06 ? 62  ILE A CB  1 
ATOM   486  C CG1 . ILE A 1 62  ? -0.984  -2.970  13.112  1.00 14.59 ? 62  ILE A CG1 1 
ATOM   487  C CG2 . ILE A 1 62  ? 0.105   -2.152  11.011  1.00 12.29 ? 62  ILE A CG2 1 
ATOM   488  C CD1 . ILE A 1 62  ? -2.171  -2.017  13.275  1.00 14.87 ? 62  ILE A CD1 1 
ATOM   489  N N   . GLN A 1 63  ? 3.312   -1.449  12.632  1.00 12.25 ? 63  GLN A N   1 
ATOM   490  C CA  . GLN A 1 63  ? 4.506   -0.851  12.032  1.00 14.08 ? 63  GLN A CA  1 
ATOM   491  C C   . GLN A 1 63  ? 5.695   -1.794  12.066  1.00 12.57 ? 63  GLN A C   1 
ATOM   492  O O   . GLN A 1 63  ? 6.437   -1.907  11.081  1.00 12.96 ? 63  GLN A O   1 
ATOM   493  C CB  . GLN A 1 63  ? 4.871   0.439   12.747  1.00 14.08 ? 63  GLN A CB  1 
ATOM   494  C CG  . GLN A 1 63  ? 3.950   1.592   12.394  1.00 15.79 ? 63  GLN A CG  1 
ATOM   495  C CD  . GLN A 1 63  ? 4.407   2.878   13.025  1.00 15.05 ? 63  GLN A CD  1 
ATOM   496  O OE1 . GLN A 1 63  ? 3.998   3.209   14.135  1.00 16.66 ? 63  GLN A OE1 1 
ATOM   497  N NE2 . GLN A 1 63  ? 5.265   3.617   12.322  1.00 19.50 ? 63  GLN A NE2 1 
ATOM   498  N N   . ALA A 1 64  ? 5.873   -2.487  13.189  1.00 12.43 ? 64  ALA A N   1 
ATOM   499  C CA  . ALA A 1 64  ? 6.969   -3.446  13.284  1.00 13.11 ? 64  ALA A CA  1 
ATOM   500  C C   . ALA A 1 64  ? 6.820   -4.581  12.275  1.00 13.08 ? 64  ALA A C   1 
ATOM   501  O O   . ALA A 1 64  ? 7.808   -4.976  11.639  1.00 13.81 ? 64  ALA A O   1 
ATOM   502  C CB  . ALA A 1 64  ? 7.095   -3.991  14.703  1.00 13.62 ? 64  ALA A CB  1 
ATOM   503  N N   . TYR A 1 65  ? 5.601   -5.097  12.117  1.00 13.56 ? 65  TYR A N   1 
ATOM   504  C CA  . TYR A 1 65  ? 5.344   -6.144  11.131  1.00 13.12 ? 65  TYR A CA  1 
ATOM   505  C C   . TYR A 1 65  ? 5.570   -5.629  9.705   1.00 13.41 ? 65  TYR A C   1 
ATOM   506  O O   . TYR A 1 65  ? 6.154   -6.335  8.878   1.00 13.52 ? 65  TYR A O   1 
ATOM   507  C CB  . TYR A 1 65  ? 3.937   -6.729  11.306  1.00 13.58 ? 65  TYR A CB  1 
ATOM   508  C CG  . TYR A 1 65  ? 3.656   -7.899  10.397  1.00 13.91 ? 65  TYR A CG  1 
ATOM   509  C CD1 . TYR A 1 65  ? 4.612   -8.890  10.198  1.00 14.54 ? 65  TYR A CD1 1 
ATOM   510  C CD2 . TYR A 1 65  ? 2.433   -8.025  9.755   1.00 14.52 ? 65  TYR A CD2 1 
ATOM   511  C CE1 . TYR A 1 65  ? 4.361   -9.976  9.360   1.00 16.57 ? 65  TYR A CE1 1 
ATOM   512  C CE2 . TYR A 1 65  ? 2.168   -9.106  8.911   1.00 14.51 ? 65  TYR A CE2 1 
ATOM   513  C CZ  . TYR A 1 65  ? 3.137   -10.077 8.724   1.00 15.55 ? 65  TYR A CZ  1 
ATOM   514  O OH  . TYR A 1 65  ? 2.889   -11.160 7.905   1.00 19.35 ? 65  TYR A OH  1 
ATOM   515  N N   . LEU A 1 66  ? 5.127   -4.405  9.421   1.00 13.56 ? 66  LEU A N   1 
ATOM   516  C CA  . LEU A 1 66  ? 5.340   -3.823  8.104   1.00 13.62 ? 66  LEU A CA  1 
ATOM   517  C C   . LEU A 1 66  ? 6.830   -3.676  7.820   1.00 13.50 ? 66  LEU A C   1 
ATOM   518  O O   . LEU A 1 66  ? 7.259   -3.827  6.681   1.00 14.77 ? 66  LEU A O   1 
ATOM   519  C CB  . LEU A 1 66  ? 4.620   -2.479  7.961   1.00 14.72 ? 66  LEU A CB  1 
ATOM   520  C CG  . LEU A 1 66  ? 3.091   -2.525  7.933   1.00 14.70 ? 66  LEU A CG  1 
ATOM   521  C CD1 . LEU A 1 66  ? 2.527   -1.108  7.966   1.00 14.56 ? 66  LEU A CD1 1 
ATOM   522  C CD2 . LEU A 1 66  ? 2.565   -3.289  6.714   1.00 14.84 ? 66  LEU A CD2 1 
ATOM   523  N N   . LYS A 1 67  ? 7.626   -3.400  8.850   1.00 13.00 ? 67  LYS A N   1 
ATOM   524  C CA  . LYS A 1 67  ? 9.074   -3.358  8.667   1.00 13.43 ? 67  LYS A CA  1 
ATOM   525  C C   . LYS A 1 67  ? 9.643   -4.755  8.406   1.00 15.58 ? 67  LYS A C   1 
ATOM   526  O O   . LYS A 1 67  ? 10.545  -4.914  7.576   1.00 15.66 ? 67  LYS A O   1 
ATOM   527  C CB  . LYS A 1 67  ? 9.757   -2.698  9.872   1.00 14.40 ? 67  LYS A CB  1 
ATOM   528  C CG  . LYS A 1 67  ? 11.238  -2.409  9.649   1.00 14.83 ? 67  LYS A CG  1 
ATOM   529  C CD  . LYS A 1 67  ? 11.847  -1.638  10.813  1.00 15.82 ? 67  LYS A CD  1 
ATOM   530  C CE  . LYS A 1 67  ? 13.283  -1.245  10.487  1.00 20.17 ? 67  LYS A CE  1 
ATOM   531  N NZ  . LYS A 1 67  ? 13.855  -0.318  11.515  1.00 20.80 ? 67  LYS A NZ  1 
ATOM   532  N N   . GLU A 1 68  ? 9.119   -5.770  9.090   1.00 13.97 ? 68  GLU A N   1 
ATOM   533  C CA  . GLU A 1 68  ? 9.550   -7.144  8.815   1.00 14.92 ? 68  GLU A CA  1 
ATOM   534  C C   . GLU A 1 68  ? 9.265   -7.522  7.367   1.00 15.40 ? 68  GLU A C   1 
ATOM   535  O O   . GLU A 1 68  ? 10.067  -8.209  6.728   1.00 18.06 ? 68  GLU A O   1 
ATOM   536  C CB  . GLU A 1 68  ? 8.879   -8.137  9.764   1.00 15.45 ? 68  GLU A CB  1 
ATOM   537  C CG  . GLU A 1 68  ? 9.326   -7.968  11.211  1.00 13.45 ? 68  GLU A CG  1 
ATOM   538  C CD  . GLU A 1 68  ? 8.591   -8.870  12.176  1.00 17.33 ? 68  GLU A CD  1 
ATOM   539  O OE1 . GLU A 1 68  ? 7.824   -9.757  11.730  1.00 16.57 ? 68  GLU A OE1 1 
ATOM   540  O OE2 . GLU A 1 68  ? 8.783   -8.687  13.399  1.00 17.60 ? 68  GLU A OE2 1 
ATOM   541  N N   . LEU A 1 69  ? 8.136   -7.053  6.846   1.00 14.48 ? 69  LEU A N   1 
ATOM   542  C CA  . LEU A 1 69  ? 7.742   -7.383  5.472   1.00 15.11 ? 69  LEU A CA  1 
ATOM   543  C C   . LEU A 1 69  ? 8.456   -6.561  4.390   1.00 19.01 ? 69  LEU A C   1 
ATOM   544  O O   . LEU A 1 69  ? 8.682   -7.059  3.279   1.00 18.99 ? 69  LEU A O   1 
ATOM   545  C CB  . LEU A 1 69  ? 6.230   -7.201  5.312   1.00 15.57 ? 69  LEU A CB  1 
ATOM   546  C CG  . LEU A 1 69  ? 5.330   -8.151  6.098   1.00 15.51 ? 69  LEU A CG  1 
ATOM   547  C CD1 . LEU A 1 69  ? 3.860   -7.802  5.902   1.00 17.34 ? 69  LEU A CD1 1 
ATOM   548  C CD2 . LEU A 1 69  ? 5.592   -9.611  5.711   1.00 17.31 ? 69  LEU A CD2 1 
ATOM   549  N N   . THR A 1 70  ? 8.804   -5.311  4.704   1.00 14.45 ? 70  THR A N   1 
ATOM   550  C CA  . THR A 1 70  ? 9.212   -4.355  3.668   1.00 14.97 ? 70  THR A CA  1 
ATOM   551  C C   . THR A 1 70  ? 10.535  -3.645  3.915   1.00 19.93 ? 70  THR A C   1 
ATOM   552  O O   . THR A 1 70  ? 11.070  -3.002  3.002   1.00 18.96 ? 70  THR A O   1 
ATOM   553  C CB  . THR A 1 70  ? 8.162   -3.248  3.477   1.00 14.04 ? 70  THR A CB  1 
ATOM   554  O OG1 . THR A 1 70  ? 8.219   -2.353  4.600   1.00 16.42 ? 70  THR A OG1 1 
ATOM   555  C CG2 . THR A 1 70  ? 6.750   -3.842  3.351   1.00 14.68 ? 70  THR A CG2 1 
ATOM   556  N N   . GLY A 1 71  ? 11.043  -3.712  5.142   1.00 16.15 ? 71  GLY A N   1 
ATOM   557  C CA  . GLY A 1 71  ? 12.279  -3.029  5.478   1.00 15.49 ? 71  GLY A CA  1 
ATOM   558  C C   . GLY A 1 71  ? 12.109  -1.669  6.136   1.00 16.36 ? 71  GLY A C   1 
ATOM   559  O O   . GLY A 1 71  ? 13.082  -1.108  6.650   1.00 17.01 ? 71  GLY A O   1 
ATOM   560  N N   . LYS A 1 72  ? 10.895  -1.123  6.117   1.00 15.37 ? 72  LYS A N   1 
ATOM   561  C CA  A LYS A 1 72  ? 10.631  0.159   6.768   0.67 13.68 ? 72  LYS A CA  1 
ATOM   562  C CA  B LYS A 1 72  ? 10.627  0.161   6.760   0.33 13.78 ? 72  LYS A CA  1 
ATOM   563  C C   . LYS A 1 72  ? 9.361   0.111   7.604   1.00 13.18 ? 72  LYS A C   1 
ATOM   564  O O   . LYS A 1 72  ? 8.416   -0.604  7.270   1.00 15.24 ? 72  LYS A O   1 
ATOM   565  C CB  A LYS A 1 72  ? 10.523  1.285   5.736   0.67 16.41 ? 72  LYS A CB  1 
ATOM   566  C CB  B LYS A 1 72  ? 10.491  1.277   5.721   0.33 16.52 ? 72  LYS A CB  1 
ATOM   567  C CG  A LYS A 1 72  ? 11.796  1.530   4.947   0.67 19.87 ? 72  LYS A CG  1 
ATOM   568  C CG  B LYS A 1 72  ? 11.742  1.541   4.905   0.33 19.92 ? 72  LYS A CG  1 
ATOM   569  C CD  A LYS A 1 72  ? 11.671  2.799   4.121   0.67 25.38 ? 72  LYS A CD  1 
ATOM   570  C CD  B LYS A 1 72  ? 11.627  2.860   4.156   0.33 25.18 ? 72  LYS A CD  1 
ATOM   571  C CE  A LYS A 1 72  ? 12.933  3.059   3.315   0.67 29.30 ? 72  LYS A CE  1 
ATOM   572  C CE  B LYS A 1 72  ? 12.756  3.024   3.151   0.33 29.50 ? 72  LYS A CE  1 
ATOM   573  N NZ  A LYS A 1 72  ? 12.733  4.178   2.351   0.67 27.35 ? 72  LYS A NZ  1 
ATOM   574  N NZ  B LYS A 1 72  ? 14.096  2.984   3.792   0.33 29.19 ? 72  LYS A NZ  1 
ATOM   575  N N   . SER A 1 73  ? 9.349   0.884   8.685   1.00 14.52 ? 73  SER A N   1 
ATOM   576  C CA  . SER A 1 73  ? 8.199   0.961   9.580   1.00 13.26 ? 73  SER A CA  1 
ATOM   577  C C   . SER A 1 73  ? 7.304   2.167   9.302   1.00 15.42 ? 73  SER A C   1 
ATOM   578  O O   . SER A 1 73  ? 6.250   2.311   9.921   1.00 15.32 ? 73  SER A O   1 
ATOM   579  C CB  . SER A 1 73  ? 8.666   1.016   11.033  1.00 15.43 ? 73  SER A CB  1 
ATOM   580  O OG  . SER A 1 73  ? 9.450   2.181   11.247  1.00 14.83 ? 73  SER A OG  1 
ATOM   581  N N   . SER A 1 74  ? 7.721   3.027   8.377   1.00 15.05 ? 74  SER A N   1 
ATOM   582  C CA  . SER A 1 74  ? 7.012   4.275   8.113   1.00 15.76 ? 74  SER A CA  1 
ATOM   583  C C   . SER A 1 74  ? 5.809   4.063   7.210   1.00 14.30 ? 74  SER A C   1 
ATOM   584  O O   . SER A 1 74  ? 5.751   3.089   6.456   1.00 16.01 ? 74  SER A O   1 
ATOM   585  C CB  . SER A 1 74  ? 7.954   5.277   7.443   1.00 16.77 ? 74  SER A CB  1 
ATOM   586  O OG  . SER A 1 74  ? 8.542   4.716   6.276   1.00 16.27 ? 74  SER A OG  1 
ATOM   587  N N   . VAL A 1 75  ? 4.848   4.975   7.297   1.00 14.98 ? 75  VAL A N   1 
ATOM   588  C CA  . VAL A 1 75  ? 3.736   4.989   6.357   1.00 14.98 ? 75  VAL A CA  1 
ATOM   589  C C   . VAL A 1 75  ? 3.896   6.189   5.424   1.00 14.22 ? 75  VAL A C   1 
ATOM   590  O O   . VAL A 1 75  ? 4.491   7.213   5.799   1.00 15.57 ? 75  VAL A O   1 
ATOM   591  C CB  . VAL A 1 75  ? 2.351   4.973   7.064   1.00 15.25 ? 75  VAL A CB  1 
ATOM   592  C CG1 . VAL A 1 75  ? 2.126   3.649   7.767   1.00 16.44 ? 75  VAL A CG1 1 
ATOM   593  C CG2 . VAL A 1 75  ? 2.225   6.118   8.032   1.00 18.51 ? 75  VAL A CG2 1 
ATOM   594  N N   . PRO A 1 76  ? 3.386   6.079   4.191   1.00 12.36 ? 76  PRO A N   1 
ATOM   595  C CA  . PRO A 1 76  ? 2.624   4.933   3.680   1.00 12.77 ? 76  PRO A CA  1 
ATOM   596  C C   . PRO A 1 76  ? 3.464   3.692   3.371   1.00 12.70 ? 76  PRO A C   1 
ATOM   597  O O   . PRO A 1 76  ? 4.661   3.791   3.082   1.00 13.14 ? 76  PRO A O   1 
ATOM   598  C CB  . PRO A 1 76  ? 1.999   5.483   2.399   1.00 13.23 ? 76  PRO A CB  1 
ATOM   599  C CG  . PRO A 1 76  ? 2.991   6.520   1.929   1.00 13.08 ? 76  PRO A CG  1 
ATOM   600  C CD  . PRO A 1 76  ? 3.490   7.165   3.199   1.00 13.98 ? 76  PRO A CD  1 
ATOM   601  N N   . ARG A 1 77  ? 2.821   2.532   3.484   1.00 12.67 ? 77  ARG A N   1 
ATOM   602  C CA  A ARG A 1 77  ? 3.389   1.249   3.071   0.55 11.62 ? 77  ARG A CA  1 
ATOM   603  C CA  B ARG A 1 77  ? 3.404   1.269   3.056   0.45 11.60 ? 77  ARG A CA  1 
ATOM   604  C C   . ARG A 1 77  ? 2.425   0.680   2.052   1.00 12.05 ? 77  ARG A C   1 
ATOM   605  O O   . ARG A 1 77  ? 1.236   0.527   2.348   1.00 13.98 ? 77  ARG A O   1 
ATOM   606  C CB  A ARG A 1 77  ? 3.474   0.273   4.247   0.55 12.60 ? 77  ARG A CB  1 
ATOM   607  C CB  B ARG A 1 77  ? 3.586   0.323   4.244   0.45 12.50 ? 77  ARG A CB  1 
ATOM   608  C CG  A ARG A 1 77  ? 4.498   0.596   5.330   0.55 15.22 ? 77  ARG A CG  1 
ATOM   609  C CG  B ARG A 1 77  ? 4.866   -0.507  4.218   0.45 15.63 ? 77  ARG A CG  1 
ATOM   610  C CD  A ARG A 1 77  ? 5.923   0.263   4.914   0.55 14.98 ? 77  ARG A CD  1 
ATOM   611  C CD  B ARG A 1 77  ? 5.991   0.143   5.039   0.45 14.30 ? 77  ARG A CD  1 
ATOM   612  N NE  A ARG A 1 77  ? 6.599   1.410   4.311   0.55 13.40 ? 77  ARG A NE  1 
ATOM   613  N NE  B ARG A 1 77  ? 6.549   1.321   4.379   0.45 13.35 ? 77  ARG A NE  1 
ATOM   614  C CZ  A ARG A 1 77  ? 7.611   1.322   3.448   0.55 12.17 ? 77  ARG A CZ  1 
ATOM   615  C CZ  B ARG A 1 77  ? 7.537   1.282   3.484   0.45 12.20 ? 77  ARG A CZ  1 
ATOM   616  N NH1 A ARG A 1 77  ? 8.078   0.139   3.077   0.55 14.57 ? 77  ARG A NH1 1 
ATOM   617  N NH1 B ARG A 1 77  ? 8.091   0.126   3.142   0.45 14.57 ? 77  ARG A NH1 1 
ATOM   618  N NH2 A ARG A 1 77  ? 8.163   2.427   2.956   0.55 14.11 ? 77  ARG A NH2 1 
ATOM   619  N NH2 B ARG A 1 77  ? 7.980   2.406   2.934   0.45 14.76 ? 77  ARG A NH2 1 
ATOM   620  N N   . ILE A 1 78  ? 2.932   0.369   0.862   1.00 11.56 ? 78  ILE A N   1 
ATOM   621  C CA  . ILE A 1 78  ? 2.095   0.005   -0.278  1.00 11.83 ? 78  ILE A CA  1 
ATOM   622  C C   . ILE A 1 78  ? 2.420   -1.384  -0.803  1.00 13.01 ? 78  ILE A C   1 
ATOM   623  O O   . ILE A 1 78  ? 3.581   -1.696  -1.082  1.00 12.48 ? 78  ILE A O   1 
ATOM   624  C CB  . ILE A 1 78  ? 2.301   1.032   -1.413  1.00 12.25 ? 78  ILE A CB  1 
ATOM   625  C CG1 . ILE A 1 78  ? 2.035   2.450   -0.898  1.00 13.92 ? 78  ILE A CG1 1 
ATOM   626  C CG2 . ILE A 1 78  ? 1.431   0.686   -2.615  1.00 13.29 ? 78  ILE A CG2 1 
ATOM   627  C CD1 . ILE A 1 78  ? 2.574   3.536   -1.813  1.00 14.02 ? 78  ILE A CD1 1 
ATOM   628  N N   . PHE A 1 79  ? 1.382   -2.209  -0.942  1.00 13.54 ? 79  PHE A N   1 
ATOM   629  C CA  . PHE A 1 79  ? 1.483   -3.534  -1.544  1.00 12.50 ? 79  PHE A CA  1 
ATOM   630  C C   . PHE A 1 79  ? 0.580   -3.604  -2.766  1.00 13.37 ? 79  PHE A C   1 
ATOM   631  O O   . PHE A 1 79  ? -0.529  -3.064  -2.756  1.00 14.11 ? 79  PHE A O   1 
ATOM   632  C CB  . PHE A 1 79  ? 1.040   -4.618  -0.551  1.00 12.49 ? 79  PHE A CB  1 
ATOM   633  C CG  . PHE A 1 79  ? 1.839   -4.644  0.723   1.00 11.99 ? 79  PHE A CG  1 
ATOM   634  C CD1 . PHE A 1 79  ? 1.575   -3.737  1.742   1.00 12.91 ? 79  PHE A CD1 1 
ATOM   635  C CD2 . PHE A 1 79  ? 2.845   -5.580  0.901   1.00 13.76 ? 79  PHE A CD2 1 
ATOM   636  C CE1 . PHE A 1 79  ? 2.315   -3.752  2.921   1.00 13.41 ? 79  PHE A CE1 1 
ATOM   637  C CE2 . PHE A 1 79  ? 3.585   -5.610  2.078   1.00 14.22 ? 79  PHE A CE2 1 
ATOM   638  C CZ  . PHE A 1 79  ? 3.319   -4.690  3.089   1.00 14.29 ? 79  PHE A CZ  1 
ATOM   639  N N   . ILE A 1 80  ? 1.061   -4.264  -3.819  1.00 13.38 ? 80  ILE A N   1 
ATOM   640  C CA  . ILE A 1 80  ? 0.230   -4.524  -5.002  1.00 13.97 ? 80  ILE A CA  1 
ATOM   641  C C   . ILE A 1 80  ? 0.281   -6.016  -5.329  1.00 12.91 ? 80  ILE A C   1 
ATOM   642  O O   . ILE A 1 80  ? 1.353   -6.550  -5.639  1.00 13.32 ? 80  ILE A O   1 
ATOM   643  C CB  . ILE A 1 80  ? 0.663   -3.663  -6.203  1.00 13.91 ? 80  ILE A CB  1 
ATOM   644  C CG1 . ILE A 1 80  ? 0.396   -2.177  -5.913  1.00 15.24 ? 80  ILE A CG1 1 
ATOM   645  C CG2 . ILE A 1 80  ? -0.069  -4.113  -7.483  1.00 14.19 ? 80  ILE A CG2 1 
ATOM   646  C CD1 . ILE A 1 80  ? 0.848   -1.245  -7.035  1.00 16.18 ? 80  ILE A CD1 1 
ATOM   647  N N   A ASN A 1 81  ? -0.876  -6.676  -5.256  0.45 15.48 ? 81  ASN A N   1 
ATOM   648  N N   B ASN A 1 81  ? -0.878  -6.673  -5.263  0.55 15.46 ? 81  ASN A N   1 
ATOM   649  C CA  A ASN A 1 81  ? -0.965  -8.135  -5.366  0.45 17.10 ? 81  ASN A CA  1 
ATOM   650  C CA  B ASN A 1 81  ? -0.967  -8.132  -5.373  0.55 17.11 ? 81  ASN A CA  1 
ATOM   651  C C   A ASN A 1 81  ? 0.056   -8.842  -4.473  0.45 17.07 ? 81  ASN A C   1 
ATOM   652  C C   B ASN A 1 81  ? 0.061   -8.841  -4.494  0.55 17.04 ? 81  ASN A C   1 
ATOM   653  O O   A ASN A 1 81  ? 0.769   -9.739  -4.926  0.45 17.14 ? 81  ASN A O   1 
ATOM   654  O O   B ASN A 1 81  ? 0.762   -9.745  -4.951  0.55 17.11 ? 81  ASN A O   1 
ATOM   655  C CB  A ASN A 1 81  ? -0.826  -8.600  -6.823  0.45 18.82 ? 81  ASN A CB  1 
ATOM   656  C CB  B ASN A 1 81  ? -0.843  -8.596  -6.833  0.55 18.82 ? 81  ASN A CB  1 
ATOM   657  C CG  A ASN A 1 81  ? -1.259  -10.050 -7.021  0.45 18.55 ? 81  ASN A CG  1 
ATOM   658  C CG  B ASN A 1 81  ? -1.267  -10.051 -7.026  0.55 18.49 ? 81  ASN A CG  1 
ATOM   659  O OD1 A ASN A 1 81  ? -2.149  -10.547 -6.331  0.45 24.14 ? 81  ASN A OD1 1 
ATOM   660  O OD1 B ASN A 1 81  ? -2.153  -10.551 -6.333  0.55 24.16 ? 81  ASN A OD1 1 
ATOM   661  N ND2 A ASN A 1 81  ? -0.618  -10.732 -7.960  0.45 24.89 ? 81  ASN A ND2 1 
ATOM   662  N ND2 B ASN A 1 81  ? -0.621  -10.732 -7.961  0.55 24.90 ? 81  ASN A ND2 1 
ATOM   663  N N   A LYS A 1 82  ? 0.123   -8.398  -3.217  0.45 14.60 ? 82  LYS A N   1 
ATOM   664  N N   B LYS A 1 82  ? 0.153   -8.391  -3.240  0.55 14.55 ? 82  LYS A N   1 
ATOM   665  C CA  A LYS A 1 82  ? 1.017   -8.950  -2.191  0.45 15.70 ? 82  LYS A CA  1 
ATOM   666  C CA  B LYS A 1 82  ? 1.057   -8.945  -2.225  0.55 15.71 ? 82  LYS A CA  1 
ATOM   667  C C   A LYS A 1 82  ? 2.502   -8.616  -2.375  0.45 16.06 ? 82  LYS A C   1 
ATOM   668  C C   B LYS A 1 82  ? 2.544   -8.608  -2.419  0.55 16.05 ? 82  LYS A C   1 
ATOM   669  O O   A LYS A 1 82  ? 3.320   -8.929  -1.509  0.45 20.77 ? 82  LYS A O   1 
ATOM   670  O O   B LYS A 1 82  ? 3.360   -8.875  -1.532  0.55 20.73 ? 82  LYS A O   1 
ATOM   671  C CB  A LYS A 1 82  ? 0.804   -10.463 -2.013  0.45 17.98 ? 82  LYS A CB  1 
ATOM   672  C CB  B LYS A 1 82  ? 0.837   -10.457 -2.035  0.55 17.92 ? 82  LYS A CB  1 
ATOM   673  C CG  A LYS A 1 82  ? -0.585  -10.820 -1.488  0.45 19.69 ? 82  LYS A CG  1 
ATOM   674  C CG  B LYS A 1 82  ? -0.560  -10.800 -1.510  0.55 19.67 ? 82  LYS A CG  1 
ATOM   675  C CD  A LYS A 1 82  ? -0.852  -12.313 -1.574  0.45 24.15 ? 82  LYS A CD  1 
ATOM   676  C CD  B LYS A 1 82  ? -0.845  -12.292 -1.580  0.55 24.19 ? 82  LYS A CD  1 
ATOM   677  C CE  A LYS A 1 82  ? -1.139  -12.733 -3.001  0.45 24.00 ? 82  LYS A CE  1 
ATOM   678  C CE  B LYS A 1 82  ? -1.140  -12.726 -3.002  0.55 24.01 ? 82  LYS A CE  1 
ATOM   679  N NZ  A LYS A 1 82  ? -1.399  -14.195 -3.094  0.45 29.99 ? 82  LYS A NZ  1 
ATOM   680  N NZ  B LYS A 1 82  ? -1.399  -14.188 -3.085  0.55 30.01 ? 82  LYS A NZ  1 
ATOM   681  N N   A ASP A 1 83  ? 2.850   -7.963  -3.481  0.45 14.14 ? 83  ASP A N   1 
ATOM   682  N N   B ASP A 1 83  ? 2.894   -8.007  -3.555  0.55 14.26 ? 83  ASP A N   1 
ATOM   683  C CA  A ASP A 1 83  ? 4.236   -7.578  -3.733  0.45 13.54 ? 83  ASP A CA  1 
ATOM   684  C CA  B ASP A 1 83  ? 4.266   -7.560  -3.789  0.55 13.57 ? 83  ASP A CA  1 
ATOM   685  C C   A ASP A 1 83  ? 4.515   -6.218  -3.099  0.45 14.21 ? 83  ASP A C   1 
ATOM   686  C C   B ASP A 1 83  ? 4.503   -6.238  -3.069  0.55 14.18 ? 83  ASP A C   1 
ATOM   687  O O   A ASP A 1 83  ? 3.665   -5.325  -3.129  0.45 14.96 ? 83  ASP A O   1 
ATOM   688  O O   B ASP A 1 83  ? 3.612   -5.389  -3.010  0.55 15.04 ? 83  ASP A O   1 
ATOM   689  C CB  A ASP A 1 83  ? 4.496   -7.517  -5.240  0.45 14.36 ? 83  ASP A CB  1 
ATOM   690  C CB  B ASP A 1 83  ? 4.531   -7.371  -5.288  0.55 14.24 ? 83  ASP A CB  1 
ATOM   691  C CG  A ASP A 1 83  ? 5.968   -7.452  -5.578  0.45 19.11 ? 83  ASP A CG  1 
ATOM   692  C CG  B ASP A 1 83  ? 4.350   -8.648  -6.082  0.55 19.91 ? 83  ASP A CG  1 
ATOM   693  O OD1 A ASP A 1 83  ? 6.760   -8.207  -4.971  0.45 25.24 ? 83  ASP A OD1 1 
ATOM   694  O OD1 B ASP A 1 83  ? 4.786   -9.717  -5.607  0.55 20.31 ? 83  ASP A OD1 1 
ATOM   695  O OD2 A ASP A 1 83  ? 6.336   -6.644  -6.455  0.45 22.18 ? 83  ASP A OD2 1 
ATOM   696  O OD2 B ASP A 1 83  ? 3.771   -8.579  -7.190  0.55 25.55 ? 83  ASP A OD2 1 
ATOM   697  N N   . VAL A 1 84  ? 5.703   -6.056  -2.529  1.00 14.00 ? 84  VAL A N   1 
ATOM   698  C CA  . VAL A 1 84  ? 6.050   -4.796  -1.876  1.00 13.72 ? 84  VAL A CA  1 
ATOM   699  C C   . VAL A 1 84  ? 6.418   -3.717  -2.889  1.00 13.03 ? 84  VAL A C   1 
ATOM   700  O O   . VAL A 1 84  ? 7.384   -3.867  -3.653  1.00 16.14 ? 84  VAL A O   1 
ATOM   701  C CB  . VAL A 1 84  ? 7.222   -4.965  -0.908  1.00 16.13 ? 84  VAL A CB  1 
ATOM   702  C CG1 . VAL A 1 84  ? 7.572   -3.619  -0.279  1.00 15.89 ? 84  VAL A CG1 1 
ATOM   703  C CG2 . VAL A 1 84  ? 6.893   -6.003  0.167   1.00 14.21 ? 84  VAL A CG2 1 
ATOM   704  N N   . VAL A 1 85  ? 5.653   -2.627  -2.899  1.00 13.08 ? 85  VAL A N   1 
ATOM   705  C CA  . VAL A 1 85  ? 6.046   -1.456  -3.669  1.00 13.87 ? 85  VAL A CA  1 
ATOM   706  C C   . VAL A 1 85  ? 6.925   -0.596  -2.778  1.00 13.77 ? 85  VAL A C   1 
ATOM   707  O O   . VAL A 1 85  ? 8.016   -0.171  -3.183  1.00 16.14 ? 85  VAL A O   1 
ATOM   708  C CB  . VAL A 1 85  ? 4.837   -0.648  -4.166  1.00 15.23 ? 85  VAL A CB  1 
ATOM   709  C CG1 . VAL A 1 85  ? 5.291   0.673   -4.794  1.00 14.36 ? 85  VAL A CG1 1 
ATOM   710  C CG2 . VAL A 1 85  ? 4.031   -1.465  -5.166  1.00 18.29 ? 85  VAL A CG2 1 
ATOM   711  N N   . GLY A 1 86  ? 6.453   -0.359  -1.556  1.00 12.40 ? 86  GLY A N   1 
ATOM   712  C CA  . GLY A 1 86  ? 7.215   0.423   -0.602  1.00 13.08 ? 86  GLY A CA  1 
ATOM   713  C C   . GLY A 1 86  ? 6.454   1.649   -0.143  1.00 12.18 ? 86  GLY A C   1 
ATOM   714  O O   . GLY A 1 86  ? 5.287   1.567   0.261   1.00 14.41 ? 86  GLY A O   1 
ATOM   715  N N   . GLY A 1 87  ? 7.121   2.797   -0.201  1.00 12.78 ? 87  GLY A N   1 
ATOM   716  C CA  . GLY A 1 87  ? 6.502   4.048   0.196   1.00 12.98 ? 87  GLY A CA  1 
ATOM   717  C C   . GLY A 1 87  ? 6.102   4.889   -0.999  1.00 10.54 ? 87  GLY A C   1 
ATOM   718  O O   . GLY A 1 87  ? 6.135   4.421   -2.152  1.00 13.06 ? 87  GLY A O   1 
ATOM   719  N N   . CYS A 1 88  ? 5.707   6.132   -0.727  1.00 11.47 ? 88  CYS A N   1 
ATOM   720  C CA  . CYS A 1 88  ? 5.293   7.036   -1.783  1.00 10.62 ? 88  CYS A CA  1 
ATOM   721  C C   . CYS A 1 88  ? 6.444   7.298   -2.760  1.00 13.70 ? 88  CYS A C   1 
ATOM   722  O O   . CYS A 1 88  ? 6.216   7.345   -3.966  1.00 12.62 ? 88  CYS A O   1 
ATOM   723  C CB  . CYS A 1 88  ? 4.773   8.352   -1.200  1.00 12.30 ? 88  CYS A CB  1 
ATOM   724  S SG  . CYS A 1 88  ? 4.023   9.428   -2.436  1.00 14.18 ? 88  CYS A SG  1 
ATOM   725  N N   . ASP A 1 89  ? 7.667   7.468   -2.252  1.00 12.50 ? 89  ASP A N   1 
ATOM   726  C CA  . ASP A 1 89  ? 8.806   7.738   -3.144  1.00 11.58 ? 89  ASP A CA  1 
ATOM   727  C C   . ASP A 1 89  ? 9.052   6.553   -4.080  1.00 12.53 ? 89  ASP A C   1 
ATOM   728  O O   . ASP A 1 89  ? 9.357   6.747   -5.259  1.00 12.23 ? 89  ASP A O   1 
ATOM   729  C CB  . ASP A 1 89  ? 10.075  8.035   -2.343  1.00 12.24 ? 89  ASP A CB  1 
ATOM   730  C CG  . ASP A 1 89  ? 9.980   9.313   -1.531  1.00 13.31 ? 89  ASP A CG  1 
ATOM   731  O OD1 . ASP A 1 89  ? 8.961   10.045  -1.607  1.00 13.66 ? 89  ASP A OD1 1 
ATOM   732  O OD2 . ASP A 1 89  ? 10.962  9.613   -0.819  1.00 13.41 ? 89  ASP A OD2 1 
ATOM   733  N N   . ASP A 1 90  ? 8.927   5.335   -3.547  1.00 13.88 ? 90  ASP A N   1 
ATOM   734  C CA  . ASP A 1 90  ? 9.031   4.132   -4.374  1.00 12.73 ? 90  ASP A CA  1 
ATOM   735  C C   . ASP A 1 90  ? 7.949   4.114   -5.448  1.00 13.76 ? 90  ASP A C   1 
ATOM   736  O O   . ASP A 1 90  ? 8.201   3.725   -6.582  1.00 13.56 ? 90  ASP A O   1 
ATOM   737  C CB  . ASP A 1 90  ? 8.894   2.873   -3.523  1.00 13.39 ? 90  ASP A CB  1 
ATOM   738  C CG  . ASP A 1 90  ? 10.030  2.695   -2.541  1.00 17.75 ? 90  ASP A CG  1 
ATOM   739  O OD1 . ASP A 1 90  ? 11.212  2.750   -2.946  1.00 16.03 ? 90  ASP A OD1 1 
ATOM   740  O OD2 . ASP A 1 90  ? 9.736   2.478   -1.345  1.00 20.43 ? 90  ASP A OD2 1 
ATOM   741  N N   . LEU A 1 91  ? 6.738   4.531   -5.082  1.00 13.47 ? 91  LEU A N   1 
ATOM   742  C CA  . LEU A 1 91  ? 5.626   4.564   -6.027  1.00 13.42 ? 91  LEU A CA  1 
ATOM   743  C C   . LEU A 1 91  ? 5.880   5.580   -7.136  1.00 14.04 ? 91  LEU A C   1 
ATOM   744  O O   . LEU A 1 91  ? 5.603   5.318   -8.308  1.00 13.95 ? 91  LEU A O   1 
ATOM   745  C CB  . LEU A 1 91  ? 4.332   4.894   -5.279  1.00 13.24 ? 91  LEU A CB  1 
ATOM   746  C CG  . LEU A 1 91  ? 3.072   4.876   -6.145  1.00 13.77 ? 91  LEU A CG  1 
ATOM   747  C CD1 . LEU A 1 91  ? 2.717   3.445   -6.504  1.00 15.12 ? 91  LEU A CD1 1 
ATOM   748  C CD2 . LEU A 1 91  ? 1.914   5.565   -5.417  1.00 14.82 ? 91  LEU A CD2 1 
ATOM   749  N N   . VAL A 1 92  ? 6.422   6.733   -6.760  1.00 12.41 ? 92  VAL A N   1 
ATOM   750  C CA  . VAL A 1 92  ? 6.731   7.794   -7.719  1.00 11.84 ? 92  VAL A CA  1 
ATOM   751  C C   . VAL A 1 92  ? 7.787   7.332   -8.716  1.00 14.16 ? 92  VAL A C   1 
ATOM   752  O O   . VAL A 1 92  ? 7.664   7.591   -9.911  1.00 14.57 ? 92  VAL A O   1 
ATOM   753  C CB  . VAL A 1 92  ? 7.171   9.076   -6.999  1.00 11.98 ? 92  VAL A CB  1 
ATOM   754  C CG1 . VAL A 1 92  ? 7.854   10.048  -7.969  1.00 15.79 ? 92  VAL A CG1 1 
ATOM   755  C CG2 . VAL A 1 92  ? 5.964   9.746   -6.316  1.00 15.49 ? 92  VAL A CG2 1 
ATOM   756  N N   . LYS A 1 93  ? 8.812   6.636   -8.228  1.00 12.84 ? 93  LYS A N   1 
ATOM   757  C CA  . LYS A 1 93  ? 9.851   6.114   -9.117  1.00 12.73 ? 93  LYS A CA  1 
ATOM   758  C C   . LYS A 1 93  ? 9.248   5.099   -10.094 1.00 15.68 ? 93  LYS A C   1 
ATOM   759  O O   . LYS A 1 93  ? 9.502   5.167   -11.304 1.00 15.54 ? 93  LYS A O   1 
ATOM   760  C CB  . LYS A 1 93  ? 10.979  5.467   -8.301  1.00 14.55 ? 93  LYS A CB  1 
ATOM   761  C CG  . LYS A 1 93  ? 12.041  4.750   -9.145  1.00 15.31 ? 93  LYS A CG  1 
ATOM   762  C CD  . LYS A 1 93  ? 13.103  4.121   -8.257  1.00 15.28 ? 93  LYS A CD  1 
ATOM   763  C CE  . LYS A 1 93  ? 14.112  3.291   -9.052  1.00 15.65 ? 93  LYS A CE  1 
ATOM   764  N NZ  . LYS A 1 93  ? 14.795  4.050   -10.139 1.00 18.52 ? 93  LYS A NZ  1 
ATOM   765  N N   . GLU A 1 94  ? 8.449   4.165   -9.580  1.00 13.72 ? 94  GLU A N   1 
ATOM   766  C CA  . GLU A 1 94  ? 7.813   3.158   -10.430 1.00 15.52 ? 94  GLU A CA  1 
ATOM   767  C C   . GLU A 1 94  ? 6.889   3.816   -11.442 1.00 15.29 ? 94  GLU A C   1 
ATOM   768  O O   . GLU A 1 94  ? 6.841   3.417   -12.611 1.00 14.52 ? 94  GLU A O   1 
ATOM   769  C CB  . GLU A 1 94  ? 7.019   2.136   -9.602  1.00 17.09 ? 94  GLU A CB  1 
ATOM   770  C CG  . GLU A 1 94  ? 7.878   1.146   -8.814  1.00 16.93 ? 94  GLU A CG  1 
ATOM   771  C CD  . GLU A 1 94  ? 7.105   -0.101  -8.447  1.00 18.79 ? 94  GLU A CD  1 
ATOM   772  O OE1 . GLU A 1 94  ? 5.973   -0.259  -8.949  1.00 20.96 ? 94  GLU A OE1 1 
ATOM   773  O OE2 . GLU A 1 94  ? 7.626   -0.924  -7.670  1.00 23.33 ? 94  GLU A OE2 1 
ATOM   774  N N   . ASN A 1 95  ? 6.159   4.831   -10.993 1.00 13.83 ? 95  ASN A N   1 
ATOM   775  C CA  . ASN A 1 95  ? 5.209   5.532   -11.854 1.00 13.47 ? 95  ASN A CA  1 
ATOM   776  C C   . ASN A 1 95  ? 5.926   6.240   -12.995 1.00 15.24 ? 95  ASN A C   1 
ATOM   777  O O   . ASN A 1 95  ? 5.560   6.086   -14.168 1.00 16.12 ? 95  ASN A O   1 
ATOM   778  C CB  . ASN A 1 95  ? 4.405   6.544   -11.032 1.00 13.39 ? 95  ASN A CB  1 
ATOM   779  C CG  . ASN A 1 95  ? 3.188   7.065   -11.774 1.00 14.87 ? 95  ASN A CG  1 
ATOM   780  O OD1 . ASN A 1 95  ? 2.589   6.355   -12.589 1.00 17.19 ? 95  ASN A OD1 1 
ATOM   781  N ND2 . ASN A 1 95  ? 2.826   8.316   -11.507 1.00 16.77 ? 95  ASN A ND2 1 
ATOM   782  N N   . ASP A 1 96  ? 6.944   7.021   -12.651 1.00 13.57 ? 96  ASP A N   1 
ATOM   783  C CA  . ASP A 1 96  ? 7.669   7.789   -13.658 1.00 13.78 ? 96  ASP A CA  1 
ATOM   784  C C   . ASP A 1 96  ? 8.433   6.915   -14.640 1.00 16.35 ? 96  ASP A C   1 
ATOM   785  O O   . ASP A 1 96  ? 8.662   7.328   -15.781 1.00 20.35 ? 96  ASP A O   1 
ATOM   786  C CB  . ASP A 1 96  ? 8.655   8.745   -12.984 1.00 14.28 ? 96  ASP A CB  1 
ATOM   787  C CG  . ASP A 1 96  ? 7.968   9.905   -12.300 1.00 17.97 ? 96  ASP A CG  1 
ATOM   788  O OD1 . ASP A 1 96  ? 6.719   9.930   -12.238 1.00 17.32 ? 96  ASP A OD1 1 
ATOM   789  O OD2 . ASP A 1 96  ? 8.687   10.790  -11.794 1.00 18.75 ? 96  ASP A OD2 1 
ATOM   790  N N   . GLU A 1 97  ? 8.837   5.723   -14.212 1.00 15.34 ? 97  GLU A N   1 
ATOM   791  C CA  . GLU A 1 97  ? 9.696   4.875   -15.041 1.00 13.93 ? 97  GLU A CA  1 
ATOM   792  C C   . GLU A 1 97  ? 8.930   3.763   -15.758 1.00 18.99 ? 97  GLU A C   1 
ATOM   793  O O   . GLU A 1 97  ? 9.523   2.933   -16.452 1.00 22.61 ? 97  GLU A O   1 
ATOM   794  C CB  . GLU A 1 97  ? 10.878  4.340   -14.221 1.00 16.23 ? 97  GLU A CB  1 
ATOM   795  C CG  . GLU A 1 97  ? 11.714  5.500   -13.680 1.00 16.43 ? 97  GLU A CG  1 
ATOM   796  C CD  . GLU A 1 97  ? 12.899  5.092   -12.822 1.00 19.44 ? 97  GLU A CD  1 
ATOM   797  O OE1 . GLU A 1 97  ? 12.995  3.922   -12.400 1.00 18.06 ? 97  GLU A OE1 1 
ATOM   798  O OE2 . GLU A 1 97  ? 13.755  5.970   -12.575 1.00 22.33 ? 97  GLU A OE2 1 
ATOM   799  N N   . GLY A 1 98  ? 7.610   3.767   -15.599 1.00 18.21 ? 98  GLY A N   1 
ATOM   800  C CA  . GLY A 1 98  ? 6.747   2.882   -16.366 1.00 17.80 ? 98  GLY A CA  1 
ATOM   801  C C   . GLY A 1 98  ? 6.470   1.557   -15.693 1.00 21.78 ? 98  GLY A C   1 
ATOM   802  O O   . GLY A 1 98  ? 5.676   0.747   -16.187 1.00 22.71 ? 98  GLY A O   1 
ATOM   803  N N   . LYS A 1 99  ? 7.116   1.348   -14.553 1.00 18.40 ? 99  LYS A N   1 
ATOM   804  C CA  A LYS A 1 99  ? 6.987   0.089   -13.841 0.71 18.96 ? 99  LYS A CA  1 
ATOM   805  C CA  B LYS A 1 99  ? 7.014   0.118   -13.780 0.29 19.13 ? 99  LYS A CA  1 
ATOM   806  C C   . LYS A 1 99  ? 5.599   -0.080  -13.233 1.00 22.25 ? 99  LYS A C   1 
ATOM   807  O O   . LYS A 1 99  ? 5.047   -1.181  -13.258 1.00 19.82 ? 99  LYS A O   1 
ATOM   808  C CB  A LYS A 1 99  ? 8.065   -0.032  -12.763 0.71 19.96 ? 99  LYS A CB  1 
ATOM   809  C CB  B LYS A 1 99  ? 8.007   0.190   -12.618 0.29 21.88 ? 99  LYS A CB  1 
ATOM   810  C CG  A LYS A 1 99  ? 7.936   -1.259  -11.878 0.71 26.47 ? 99  LYS A CG  1 
ATOM   811  C CG  B LYS A 1 99  ? 8.755   -1.094  -12.316 0.29 32.39 ? 99  LYS A CG  1 
ATOM   812  C CD  A LYS A 1 99  ? 8.239   -2.541  -12.631 0.71 37.68 ? 99  LYS A CD  1 
ATOM   813  C CD  B LYS A 1 99  ? 7.830   -2.170  -11.787 0.29 34.14 ? 99  LYS A CD  1 
ATOM   814  C CE  A LYS A 1 99  ? 8.300   -3.722  -11.670 0.71 41.05 ? 99  LYS A CE  1 
ATOM   815  C CE  B LYS A 1 99  ? 7.905   -3.419  -12.649 0.29 38.37 ? 99  LYS A CE  1 
ATOM   816  N NZ  A LYS A 1 99  ? 9.247   -3.469  -10.545 0.71 38.39 ? 99  LYS A NZ  1 
ATOM   817  N NZ  B LYS A 1 99  ? 6.770   -4.342  -12.381 0.29 32.29 ? 99  LYS A NZ  1 
ATOM   818  N N   . LEU A 1 100 ? 5.022   0.997   -12.715 1.00 16.86 ? 100 LEU A N   1 
ATOM   819  C CA  . LEU A 1 100 ? 3.707   0.910   -12.095 1.00 18.05 ? 100 LEU A CA  1 
ATOM   820  C C   . LEU A 1 100 ? 2.663   0.504   -13.123 1.00 16.86 ? 100 LEU A C   1 
ATOM   821  O O   . LEU A 1 100 ? 1.848   -0.384  -12.863 1.00 16.81 ? 100 LEU A O   1 
ATOM   822  C CB  . LEU A 1 100 ? 3.323   2.236   -11.436 1.00 14.53 ? 100 LEU A CB  1 
ATOM   823  C CG  . LEU A 1 100 ? 1.926   2.309   -10.818 1.00 14.22 ? 100 LEU A CG  1 
ATOM   824  C CD1 . LEU A 1 100 ? 1.721   1.210   -9.783  1.00 16.24 ? 100 LEU A CD1 1 
ATOM   825  C CD2 . LEU A 1 100 ? 1.721   3.667   -10.194 1.00 16.69 ? 100 LEU A CD2 1 
ATOM   826  N N   . LYS A 1 101 ? 2.696   1.135   -14.291 1.00 17.74 ? 101 LYS A N   1 
ATOM   827  C CA  . LYS A 1 101 ? 1.722   0.816   -15.332 1.00 17.84 ? 101 LYS A CA  1 
ATOM   828  C C   . LYS A 1 101 ? 1.862   -0.644  -15.750 1.00 18.61 ? 101 LYS A C   1 
ATOM   829  O O   . LYS A 1 101 ? 0.860   -1.345  -15.935 1.00 19.53 ? 101 LYS A O   1 
ATOM   830  C CB  . LYS A 1 101 ? 1.868   1.755   -16.532 1.00 18.23 ? 101 LYS A CB  1 
ATOM   831  C CG  . LYS A 1 101 ? 0.812   1.516   -17.608 1.00 24.50 ? 101 LYS A CG  1 
ATOM   832  C CD  . LYS A 1 101 ? 0.868   2.576   -18.697 1.00 31.49 ? 101 LYS A CD  1 
ATOM   833  C CE  . LYS A 1 101 ? -0.286  2.407   -19.675 1.00 51.27 ? 101 LYS A CE  1 
ATOM   834  N NZ  . LYS A 1 101 ? -0.863  3.717   -20.098 1.00 47.24 ? 101 LYS A NZ  1 
ATOM   835  N N   . GLU A 1 102 ? 3.100   -1.109  -15.880 1.00 20.85 ? 102 GLU A N   1 
ATOM   836  C CA  A GLU A 1 102 ? 3.366   -2.504  -16.215 0.38 24.92 ? 102 GLU A CA  1 
ATOM   837  C CA  B GLU A 1 102 ? 3.351   -2.504  -16.224 0.62 24.91 ? 102 GLU A CA  1 
ATOM   838  C C   . GLU A 1 102 ? 2.744   -3.459  -15.196 1.00 23.99 ? 102 GLU A C   1 
ATOM   839  O O   . GLU A 1 102 ? 2.103   -4.449  -15.570 1.00 22.41 ? 102 GLU A O   1 
ATOM   840  C CB  A GLU A 1 102 ? 4.872   -2.744  -16.319 0.38 27.19 ? 102 GLU A CB  1 
ATOM   841  C CB  B GLU A 1 102 ? 4.848   -2.770  -16.373 0.62 27.15 ? 102 GLU A CB  1 
ATOM   842  C CG  A GLU A 1 102 ? 5.253   -4.142  -16.767 0.38 36.55 ? 102 GLU A CG  1 
ATOM   843  C CG  B GLU A 1 102 ? 5.183   -4.241  -16.543 0.62 37.09 ? 102 GLU A CG  1 
ATOM   844  C CD  A GLU A 1 102 ? 6.545   -4.165  -17.561 0.38 43.53 ? 102 GLU A CD  1 
ATOM   845  C CD  B GLU A 1 102 ? 6.660   -4.483  -16.765 0.62 41.60 ? 102 GLU A CD  1 
ATOM   846  O OE1 A GLU A 1 102 ? 6.999   -3.081  -17.989 0.38 42.40 ? 102 GLU A OE1 1 
ATOM   847  O OE1 B GLU A 1 102 ? 7.311   -5.042  -15.858 0.62 43.02 ? 102 GLU A OE1 1 
ATOM   848  O OE2 A GLU A 1 102 ? 7.101   -5.266  -17.761 0.38 45.71 ? 102 GLU A OE2 1 
ATOM   849  O OE2 B GLU A 1 102 ? 7.164   -4.125  -17.851 0.62 45.42 ? 102 GLU A OE2 1 
ATOM   850  N N   . ARG A 1 103 ? 2.929   -3.156  -13.910 1.00 18.91 ? 103 ARG A N   1 
ATOM   851  C CA  . ARG A 1 103 ? 2.338   -3.962  -12.839 1.00 19.86 ? 103 ARG A CA  1 
ATOM   852  C C   . ARG A 1 103 ? 0.837   -4.067  -13.027 1.00 17.43 ? 103 ARG A C   1 
ATOM   853  O O   . ARG A 1 103 ? 0.258   -5.150  -12.925 1.00 19.90 ? 103 ARG A O   1 
ATOM   854  C CB  . ARG A 1 103 ? 2.540   -3.297  -11.483 1.00 22.25 ? 103 ARG A CB  1 
ATOM   855  C CG  . ARG A 1 103 ? 3.818   -3.576  -10.754 1.00 25.22 ? 103 ARG A CG  1 
ATOM   856  C CD  . ARG A 1 103 ? 3.683   -3.027  -9.331  1.00 17.67 ? 103 ARG A CD  1 
ATOM   857  N NE  . ARG A 1 103 ? 4.979   -2.816  -8.720  1.00 22.24 ? 103 ARG A NE  1 
ATOM   858  C CZ  . ARG A 1 103 ? 5.656   -3.750  -8.062  1.00 21.93 ? 103 ARG A CZ  1 
ATOM   859  N NH1 . ARG A 1 103 ? 5.153   -4.974  -7.926  1.00 23.97 ? 103 ARG A NH1 1 
ATOM   860  N NH2 . ARG A 1 103 ? 6.835   -3.457  -7.537  1.00 22.55 ? 103 ARG A NH2 1 
ATOM   861  N N   . LEU A 1 104 ? 0.204   -2.920  -13.258 1.00 16.37 ? 104 LEU A N   1 
ATOM   862  C CA  . LEU A 1 104 ? -1.245  -2.833  -13.327 1.00 16.00 ? 104 LEU A CA  1 
ATOM   863  C C   . LEU A 1 104 ? -1.798  -3.514  -14.577 1.00 19.43 ? 104 LEU A C   1 
ATOM   864  O O   . LEU A 1 104 ? -2.875  -4.116  -14.535 1.00 20.99 ? 104 LEU A O   1 
ATOM   865  C CB  . LEU A 1 104 ? -1.694  -1.373  -13.243 1.00 16.84 ? 104 LEU A CB  1 
ATOM   866  C CG  . LEU A 1 104 ? -1.271  -0.659  -11.952 1.00 18.11 ? 104 LEU A CG  1 
ATOM   867  C CD1 . LEU A 1 104 ? -1.641  0.809   -12.002 1.00 17.18 ? 104 LEU A CD1 1 
ATOM   868  C CD2 . LEU A 1 104 ? -1.866  -1.315  -10.701 1.00 19.22 ? 104 LEU A CD2 1 
ATOM   869  N N   . GLN A 1 105 ? -1.058  -3.436  -15.679 1.00 18.41 ? 105 GLN A N   1 
ATOM   870  C CA  . GLN A 1 105 ? -1.475  -4.113  -16.903 1.00 18.31 ? 105 GLN A CA  1 
ATOM   871  C C   . GLN A 1 105 ? -1.517  -5.626  -16.718 1.00 23.81 ? 105 GLN A C   1 
ATOM   872  O O   . GLN A 1 105 ? -2.452  -6.286  -17.174 1.00 21.96 ? 105 GLN A O   1 
ATOM   873  C CB  . GLN A 1 105 ? -0.555  -3.735  -18.065 1.00 22.44 ? 105 GLN A CB  1 
ATOM   874  C CG  . GLN A 1 105 ? -0.784  -2.318  -18.568 1.00 28.78 ? 105 GLN A CG  1 
ATOM   875  C CD  . GLN A 1 105 ? 0.183   -1.913  -19.662 1.00 30.93 ? 105 GLN A CD  1 
ATOM   876  O OE1 . GLN A 1 105 ? 1.338   -2.339  -19.680 1.00 36.63 ? 105 GLN A OE1 1 
ATOM   877  N NE2 . GLN A 1 105 ? -0.285  -1.077  -20.580 1.00 37.03 ? 105 GLN A NE2 1 
ATOM   878  N N   . LYS A 1 106 ? -0.517  -6.174  -16.037 1.00 19.95 ? 106 LYS A N   1 
ATOM   879  C CA  . LYS A 1 106 ? -0.444  -7.615  -15.823 1.00 19.99 ? 106 LYS A CA  1 
ATOM   880  C C   . LYS A 1 106 ? -1.543  -8.117  -14.891 1.00 21.67 ? 106 LYS A C   1 
ATOM   881  O O   . LYS A 1 106 ? -1.848  -9.311  -14.864 1.00 24.70 ? 106 LYS A O   1 
ATOM   882  C CB  . LYS A 1 106 ? 0.938   -8.014  -15.309 1.00 24.82 ? 106 LYS A CB  1 
ATOM   883  C CG  . LYS A 1 106 ? 2.034   -7.779  -16.344 1.00 37.82 ? 106 LYS A CG  1 
ATOM   884  C CD  . LYS A 1 106 ? 3.417   -8.135  -15.823 1.00 53.18 ? 106 LYS A CD  1 
ATOM   885  C CE  . LYS A 1 106 ? 4.492   -7.743  -16.837 1.00 53.42 ? 106 LYS A CE  1 
ATOM   886  N NZ  . LYS A 1 106 ? 5.855   -7.703  -16.239 1.00 56.42 ? 106 LYS A NZ  1 
ATOM   887  N N   . LEU A 1 107 ? -2.150  -7.197  -14.147 1.00 17.52 ? 107 LEU A N   1 
ATOM   888  C CA  . LEU A 1 107 ? -3.243  -7.533  -13.251 1.00 17.80 ? 107 LEU A CA  1 
ATOM   889  C C   . LEU A 1 107 ? -4.607  -7.257  -13.880 1.00 17.67 ? 107 LEU A C   1 
ATOM   890  O O   . LEU A 1 107 ? -5.642  -7.483  -13.256 1.00 19.32 ? 107 LEU A O   1 
ATOM   891  C CB  . LEU A 1 107 ? -3.097  -6.757  -11.939 1.00 17.86 ? 107 LEU A CB  1 
ATOM   892  C CG  . LEU A 1 107 ? -1.839  -7.078  -11.134 1.00 21.47 ? 107 LEU A CG  1 
ATOM   893  C CD1 . LEU A 1 107 ? -1.634  -6.028  -10.058 1.00 19.67 ? 107 LEU A CD1 1 
ATOM   894  C CD2 . LEU A 1 107 ? -1.911  -8.455  -10.511 1.00 21.96 ? 107 LEU A CD2 1 
ATOM   895  N N   . GLY A 1 108 ? -4.605  -6.775  -15.120 1.00 16.50 ? 108 GLY A N   1 
ATOM   896  C CA  . GLY A 1 108 ? -5.836  -6.420  -15.813 1.00 16.72 ? 108 GLY A CA  1 
ATOM   897  C C   . GLY A 1 108 ? -6.518  -5.164  -15.300 1.00 17.43 ? 108 GLY A C   1 
ATOM   898  O O   . GLY A 1 108 ? -7.703  -4.937  -15.568 1.00 20.78 ? 108 GLY A O   1 
ATOM   899  N N   . LEU A 1 109 ? -5.776  -4.338  -14.569 1.00 18.71 ? 109 LEU A N   1 
ATOM   900  C CA  . LEU A 1 109 ? -6.375  -3.185  -13.899 1.00 19.82 ? 109 LEU A CA  1 
ATOM   901  C C   . LEU A 1 109 ? -6.363  -1.948  -14.770 1.00 25.13 ? 109 LEU A C   1 
ATOM   902  O O   . LEU A 1 109 ? -7.160  -1.021  -14.567 1.00 29.66 ? 109 LEU A O   1 
ATOM   903  C CB  . LEU A 1 109 ? -5.649  -2.898  -12.590 1.00 16.32 ? 109 LEU A CB  1 
ATOM   904  C CG  . LEU A 1 109 ? -5.913  -3.899  -11.465 1.00 19.81 ? 109 LEU A CG  1 
ATOM   905  C CD1 . LEU A 1 109 ? -4.943  -3.680  -10.320 1.00 18.85 ? 109 LEU A CD1 1 
ATOM   906  C CD2 . LEU A 1 109 ? -7.343  -3.743  -10.984 1.00 20.94 ? 109 LEU A CD2 1 
ATOM   907  N N   . VAL A 1 110 ? -5.440  -1.920  -15.722 1.00 20.03 ? 110 VAL A N   1 
ATOM   908  C CA  . VAL A 1 110 ? -5.427  -0.869  -16.726 1.00 28.07 ? 110 VAL A CA  1 
ATOM   909  C C   . VAL A 1 110 ? -5.169  -1.548  -18.065 1.00 34.21 ? 110 VAL A C   1 
ATOM   910  O O   . VAL A 1 110 ? -4.502  -2.586  -18.123 1.00 31.88 ? 110 VAL A O   1 
ATOM   911  C CB  . VAL A 1 110 ? -4.358  0.223   -16.444 1.00 32.55 ? 110 VAL A CB  1 
ATOM   912  C CG1 . VAL A 1 110 ? -4.525  0.823   -15.042 1.00 29.61 ? 110 VAL A CG1 1 
ATOM   913  C CG2 . VAL A 1 110 ? -2.968  -0.331  -16.613 1.00 29.65 ? 110 VAL A CG2 1 
ATOM   914  N N   . ASN A 1 111 ? -5.724  -0.992  -19.136 1.00 38.15 ? 111 ASN A N   1 
ATOM   915  C CA  . ASN A 1 111 ? -5.509  -1.553  -20.462 1.00 38.28 ? 111 ASN A CA  1 
ATOM   916  C C   . ASN A 1 111 ? -4.085  -1.295  -20.950 1.00 45.80 ? 111 ASN A C   1 
ATOM   917  O O   . ASN A 1 111 ? -3.549  -2.024  -21.785 1.00 57.81 ? 111 ASN A O   1 
ATOM   918  C CB  . ASN A 1 111 ? -6.530  -0.992  -21.454 1.00 44.84 ? 111 ASN A CB  1 
ATOM   919  O OXT . ASN A 1 111 ? -3.426  -0.355  -20.502 1.00 49.33 ? 111 ASN A OXT 1 
HETATM 920  S S1  . MPO B 2 .   ? 7.748   7.671   1.825   1.00 14.43 ? 201 MPO A S1  1 
HETATM 921  O O1  . MPO B 2 .   ? 8.467   7.301   0.635   1.00 15.38 ? 201 MPO A O1  1 
HETATM 922  O O2  . MPO B 2 .   ? 8.446   7.034   2.927   1.00 18.60 ? 201 MPO A O2  1 
HETATM 923  O O4  . MPO B 2 .   ? 12.579  13.391  0.087   1.00 16.43 ? 201 MPO A O4  1 
HETATM 924  N N1  . MPO B 2 .   ? 10.403  11.711  0.793   1.00 15.43 ? 201 MPO A N1  1 
HETATM 925  C C1  . MPO B 2 .   ? 7.778   9.429   2.033   1.00 16.41 ? 201 MPO A C1  1 
HETATM 926  O O3  . MPO B 2 .   ? 6.339   7.243   1.797   1.00 16.16 ? 201 MPO A O3  1 
HETATM 927  C C2  . MPO B 2 .   ? 9.219   9.894   1.949   1.00 16.57 ? 201 MPO A C2  1 
HETATM 928  C C3  . MPO B 2 .   ? 9.180   11.336  1.509   1.00 15.83 ? 201 MPO A C3  1 
HETATM 929  C C4  . MPO B 2 .   ? 11.622  11.832  1.593   1.00 14.11 ? 201 MPO A C4  1 
HETATM 930  C C5  . MPO B 2 .   ? 12.806  12.171  0.718   1.00 14.62 ? 201 MPO A C5  1 
HETATM 931  C C6  . MPO B 2 .   ? 11.531  13.216  -0.802  1.00 16.85 ? 201 MPO A C6  1 
HETATM 932  C C7  . MPO B 2 .   ? 10.271  12.918  -0.026  1.00 14.58 ? 201 MPO A C7  1 
HETATM 933  C C2  . MPD C 3 .   ? 2.006   -11.849 2.952   0.84 23.72 ? 202 MPD A C2  1 
HETATM 934  O O2  . MPD C 3 .   ? 1.009   -10.855 3.294   0.84 39.04 ? 202 MPD A O2  1 
HETATM 935  C CM  . MPD C 3 .   ? 2.144   -12.821 4.118   0.84 37.85 ? 202 MPD A CM  1 
HETATM 936  C C3  . MPD C 3 .   ? 3.355   -11.172 2.709   0.84 28.87 ? 202 MPD A C3  1 
HETATM 937  C C4  . MPD C 3 .   ? 3.543   -10.567 1.321   0.84 42.74 ? 202 MPD A C4  1 
HETATM 938  O O4  . MPD C 3 .   ? 4.109   -9.278  1.433   0.84 29.97 ? 202 MPD A O4  1 
HETATM 939  C C5  . MPD C 3 .   ? 4.492   -11.423 0.491   0.84 45.74 ? 202 MPD A C5  1 
HETATM 940  O O   . HOH D 4 .   ? -6.784  10.631  -7.492  1.00 19.59 ? 301 HOH A O   1 
HETATM 941  O O   . HOH D 4 .   ? -9.013  -6.104  -4.606  1.00 14.80 ? 302 HOH A O   1 
HETATM 942  O O   . HOH D 4 .   ? -6.476  0.401   11.782  1.00 17.16 ? 303 HOH A O   1 
HETATM 943  O O   . HOH D 4 .   ? 3.768   12.099  5.124   1.00 15.97 ? 304 HOH A O   1 
HETATM 944  O O   . HOH D 4 .   ? -1.771  -6.624  -1.946  1.00 15.55 ? 305 HOH A O   1 
HETATM 945  O O   . HOH D 4 .   ? 6.955   11.003  -3.152  1.00 17.09 ? 306 HOH A O   1 
HETATM 946  O O   . HOH D 4 .   ? 4.099   3.689   -14.818 1.00 17.80 ? 307 HOH A O   1 
HETATM 947  O O   . HOH D 4 .   ? -7.944  -14.375 3.087   1.00 19.57 ? 308 HOH A O   1 
HETATM 948  O O   . HOH D 4 .   ? 6.969   4.951   4.008   1.00 15.23 ? 309 HOH A O   1 
HETATM 949  O O   . HOH D 4 .   ? -1.792  5.369   17.659  1.00 24.61 ? 310 HOH A O   1 
HETATM 950  O O   . HOH D 4 .   ? 11.973  2.133   9.185   1.00 21.45 ? 311 HOH A O   1 
HETATM 951  O O   . HOH D 4 .   ? 4.866   9.788   -10.049 1.00 17.58 ? 312 HOH A O   1 
HETATM 952  O O   . HOH D 4 .   ? 5.442   6.966   9.411   1.00 23.87 ? 313 HOH A O   1 
HETATM 953  O O   . HOH D 4 .   ? -3.965  15.231  -5.190  1.00 23.45 ? 314 HOH A O   1 
HETATM 954  O O   . HOH D 4 .   ? 9.308   5.095   -0.593  1.00 19.53 ? 315 HOH A O   1 
HETATM 955  O O   . HOH D 4 .   ? -10.189 -4.333  -2.717  1.00 19.89 ? 316 HOH A O   1 
HETATM 956  O O   A HOH D 4 .   ? 0.695   0.922   19.486  0.53 27.36 ? 317 HOH A O   1 
HETATM 957  O O   B HOH D 4 .   ? 0.694   0.932   19.489  0.47 27.37 ? 317 HOH A O   1 
HETATM 958  O O   . HOH D 4 .   ? -12.350 -5.298  -4.886  1.00 22.00 ? 318 HOH A O   1 
HETATM 959  O O   . HOH D 4 .   ? 10.446  -4.603  12.734  1.00 19.77 ? 319 HOH A O   1 
HETATM 960  O O   . HOH D 4 .   ? 7.566   -8.268  -2.726  1.00 26.29 ? 320 HOH A O   1 
HETATM 961  O O   . HOH D 4 .   ? -15.881 0.485   -7.096  1.00 26.37 ? 321 HOH A O   1 
HETATM 962  O O   . HOH D 4 .   ? -12.244 -2.648  -2.664  1.00 24.39 ? 322 HOH A O   1 
HETATM 963  O O   . HOH D 4 .   ? 10.351  -6.750  14.295  1.00 19.58 ? 323 HOH A O   1 
HETATM 964  O O   . HOH D 4 .   ? 9.179   -0.345  -5.653  1.00 21.72 ? 324 HOH A O   1 
HETATM 965  O O   . HOH D 4 .   ? -7.934  -7.602  8.574   1.00 25.92 ? 325 HOH A O   1 
HETATM 966  O O   . HOH D 4 .   ? -8.646  3.437   11.620  1.00 25.42 ? 326 HOH A O   1 
HETATM 967  O O   . HOH D 4 .   ? 1.034   -10.884 15.528  1.00 28.39 ? 327 HOH A O   1 
HETATM 968  O O   . HOH D 4 .   ? 12.237  1.768   -5.253  1.00 24.45 ? 328 HOH A O   1 
HETATM 969  O O   . HOH D 4 .   ? -2.165  -15.001 7.912   1.00 29.35 ? 329 HOH A O   1 
HETATM 970  O O   . HOH D 4 .   ? 10.392  1.920   1.110   1.00 23.07 ? 330 HOH A O   1 
HETATM 971  O O   . HOH D 4 .   ? 11.203  1.751   -11.708 1.00 28.04 ? 331 HOH A O   1 
HETATM 972  O O   . HOH D 4 .   ? 5.332   9.726   5.025   1.00 23.06 ? 332 HOH A O   1 
HETATM 973  O O   . HOH D 4 .   ? -7.629  -11.414 11.210  1.00 31.94 ? 333 HOH A O   1 
HETATM 974  O O   . HOH D 4 .   ? -12.196 1.669   -9.517  1.00 28.21 ? 334 HOH A O   1 
HETATM 975  O O   . HOH D 4 .   ? 10.098  -0.986  1.294   1.00 26.06 ? 335 HOH A O   1 
HETATM 976  O O   . HOH D 4 .   ? -6.366  -11.260 13.754  1.00 28.37 ? 336 HOH A O   1 
HETATM 977  O O   A HOH D 4 .   ? 8.844   4.844   11.054  0.46 29.58 ? 337 HOH A O   1 
HETATM 978  O O   B HOH D 4 .   ? 8.838   4.842   11.052  0.54 29.61 ? 337 HOH A O   1 
HETATM 979  O O   . HOH D 4 .   ? -3.419  10.910  5.701   1.00 23.17 ? 338 HOH A O   1 
HETATM 980  O O   . HOH D 4 .   ? 2.562   -6.256  -8.538  1.00 24.31 ? 339 HOH A O   1 
HETATM 981  O O   . HOH D 4 .   ? -4.353  -13.930 7.917   1.00 32.89 ? 340 HOH A O   1 
HETATM 982  O O   A HOH D 4 .   ? -5.256  -13.450 4.240   0.51 26.21 ? 341 HOH A O   1 
HETATM 983  O O   B HOH D 4 .   ? -4.733  -13.829 5.309   0.49 28.57 ? 341 HOH A O   1 
HETATM 984  O O   . HOH D 4 .   ? -1.747  2.787   18.950  1.00 24.85 ? 342 HOH A O   1 
HETATM 985  O O   . HOH D 4 .   ? 11.534  0.812   -9.128  1.00 25.76 ? 343 HOH A O   1 
HETATM 986  O O   . HOH D 4 .   ? 10.440  1.972   -6.845  1.00 26.20 ? 344 HOH A O   1 
HETATM 987  O O   . HOH D 4 .   ? 14.903  -2.176  13.449  1.00 26.50 ? 345 HOH A O   1 
HETATM 988  O O   . HOH D 4 .   ? -9.741  -5.997  3.809   1.00 27.77 ? 346 HOH A O   1 
HETATM 989  O O   . HOH D 4 .   ? -2.467  -15.179 -5.049  1.00 33.53 ? 347 HOH A O   1 
HETATM 990  O O   . HOH D 4 .   ? 4.610   9.329   8.034   1.00 28.76 ? 348 HOH A O   1 
HETATM 991  O O   . HOH D 4 .   ? -0.476  -2.929  21.162  1.00 32.71 ? 349 HOH A O   1 
HETATM 992  O O   . HOH D 4 .   ? 4.710   10.118  -14.014 1.00 34.02 ? 350 HOH A O   1 
HETATM 993  O O   . HOH D 4 .   ? -0.539  11.639  12.236  1.00 39.72 ? 351 HOH A O   1 
HETATM 994  O O   . HOH D 4 .   ? -10.042 -3.544  7.568   1.00 37.83 ? 352 HOH A O   1 
HETATM 995  O O   . HOH D 4 .   ? -13.789 -2.851  -10.756 1.00 35.60 ? 353 HOH A O   1 
HETATM 996  O O   . HOH D 4 .   ? 11.109  6.269   2.707   1.00 29.61 ? 354 HOH A O   1 
HETATM 997  O O   . HOH D 4 .   ? -10.250 2.027   1.758   1.00 27.21 ? 355 HOH A O   1 
HETATM 998  O O   . HOH D 4 .   ? -11.139 -8.271  3.261   1.00 27.14 ? 356 HOH A O   1 
HETATM 999  O O   . HOH D 4 .   ? 10.499  -1.206  -1.447  1.00 31.32 ? 357 HOH A O   1 
HETATM 1000 O O   . HOH D 4 .   ? -10.147 -2.133  10.038  1.00 31.50 ? 358 HOH A O   1 
HETATM 1001 O O   . HOH D 4 .   ? 1.727   -7.165  -11.387 1.00 33.77 ? 359 HOH A O   1 
HETATM 1002 O O   . HOH D 4 .   ? -5.581  11.093  -1.426  1.00 35.82 ? 360 HOH A O   1 
HETATM 1003 O O   . HOH D 4 .   ? -8.651  2.364   9.095   1.00 30.78 ? 361 HOH A O   1 
HETATM 1004 O O   . HOH D 4 .   ? -2.531  -15.632 5.356   1.00 32.95 ? 362 HOH A O   1 
HETATM 1005 O O   . HOH D 4 .   ? 2.971   11.789  7.746   1.00 28.86 ? 363 HOH A O   1 
HETATM 1006 O O   . HOH D 4 .   ? -6.190  12.058  7.753   1.00 31.80 ? 364 HOH A O   1 
HETATM 1007 O O   . HOH D 4 .   ? 11.033  5.737   6.242   1.00 31.62 ? 365 HOH A O   1 
HETATM 1008 O O   . HOH D 4 .   ? -4.065  -10.316 -5.205  1.00 36.05 ? 366 HOH A O   1 
HETATM 1009 O O   . HOH D 4 .   ? -5.465  10.091  14.476  1.00 35.63 ? 367 HOH A O   1 
HETATM 1010 O O   . HOH D 4 .   ? 16.427  5.911   -13.157 1.00 34.03 ? 368 HOH A O   1 
HETATM 1011 O O   . HOH D 4 .   ? 4.998   0.698   -18.796 1.00 34.66 ? 369 HOH A O   1 
HETATM 1012 O O   . HOH D 4 .   ? -4.458  -5.369  -18.891 1.00 39.72 ? 370 HOH A O   1 
HETATM 1013 O O   . HOH D 4 .   ? 15.438  -2.037  6.870   1.00 35.54 ? 371 HOH A O   1 
HETATM 1014 O O   . HOH D 4 .   ? 16.084  0.723   10.218  1.00 40.27 ? 372 HOH A O   1 
HETATM 1015 O O   . HOH D 4 .   ? 12.539  -5.442  10.923  1.00 32.56 ? 373 HOH A O   1 
HETATM 1016 O O   . HOH D 4 .   ? -11.978 -4.329  0.930   1.00 28.28 ? 374 HOH A O   1 
HETATM 1017 O O   . HOH D 4 .   ? 5.525   14.352  -7.715  1.00 31.17 ? 375 HOH A O   1 
HETATM 1018 O O   . HOH D 4 .   ? -11.936 -4.582  -11.958 1.00 26.46 ? 376 HOH A O   1 
HETATM 1019 O O   . HOH D 4 .   ? 5.433   14.443  5.500   1.00 30.15 ? 377 HOH A O   1 
HETATM 1020 O O   . HOH D 4 .   ? -10.292 -2.595  -12.799 1.00 39.89 ? 378 HOH A O   1 
HETATM 1021 O O   . HOH D 4 .   ? -9.640  -6.330  -17.138 1.00 46.79 ? 379 HOH A O   1 
HETATM 1022 O O   . HOH D 4 .   ? 16.815  2.306   -11.155 1.00 26.84 ? 380 HOH A O   1 
HETATM 1023 O O   . HOH D 4 .   ? 0.734   7.173   17.554  1.00 37.03 ? 381 HOH A O   1 
HETATM 1024 O O   . HOH D 4 .   ? -0.627  -6.433  20.276  1.00 36.94 ? 382 HOH A O   1 
HETATM 1025 O O   . HOH D 4 .   ? 1.414   5.436   19.638  1.00 44.07 ? 383 HOH A O   1 
HETATM 1026 O O   . HOH D 4 .   ? -1.121  -12.977 -9.340  1.00 44.24 ? 384 HOH A O   1 
HETATM 1027 O O   . HOH D 4 .   ? -11.914 -0.041  1.379   1.00 45.64 ? 385 HOH A O   1 
HETATM 1028 O O   . HOH D 4 .   ? -5.629  -16.004 9.116   1.00 37.29 ? 386 HOH A O   1 
HETATM 1029 O O   . HOH D 4 .   ? -6.928  -17.513 7.629   0.64 32.30 ? 387 HOH A O   1 
HETATM 1030 O O   . HOH D 4 .   ? 3.191   5.148   -17.166 1.00 36.82 ? 388 HOH A O   1 
HETATM 1031 O O   . HOH D 4 .   ? 0.981   6.214   -16.759 1.00 48.62 ? 389 HOH A O   1 
HETATM 1032 O O   . HOH D 4 .   ? 3.446   7.693   -15.301 1.00 36.03 ? 390 HOH A O   1 
HETATM 1033 O O   . HOH D 4 .   ? -7.321  2.002   -18.785 0.78 48.40 ? 391 HOH A O   1 
HETATM 1034 O O   . HOH D 4 .   ? 14.819  0.077   -11.605 1.00 39.29 ? 392 HOH A O   1 
HETATM 1035 O O   . HOH D 4 .   ? 11.588  4.971   9.124   1.00 38.18 ? 393 HOH A O   1 
HETATM 1036 O O   . HOH D 4 .   ? 2.857   -12.774 16.019  1.00 42.31 ? 394 HOH A O   1 
HETATM 1037 O O   . HOH D 4 .   ? 5.305   -12.355 16.198  1.00 30.66 ? 395 HOH A O   1 
HETATM 1038 O O   . HOH D 4 .   ? 3.137   -11.552 18.877  1.00 42.47 ? 396 HOH A O   1 
HETATM 1039 O O   . HOH D 4 .   ? 1.644   -8.241  18.953  1.00 33.79 ? 397 HOH A O   1 
HETATM 1040 O O   . HOH D 4 .   ? 1.058   12.540  9.868   1.00 44.01 ? 398 HOH A O   1 
HETATM 1041 O O   . HOH D 4 .   ? -8.836  7.836   8.718   1.00 33.62 ? 399 HOH A O   1 
HETATM 1042 O O   . HOH D 4 .   ? -6.013  11.351  4.985   0.79 38.75 ? 400 HOH A O   1 
HETATM 1043 O O   . HOH D 4 .   ? -4.530  8.854   4.265   1.00 38.83 ? 401 HOH A O   1 
HETATM 1044 O O   . HOH D 4 .   ? -5.689  7.529   6.168   1.00 36.38 ? 402 HOH A O   1 
HETATM 1045 O O   . HOH D 4 .   ? -8.075  7.058   1.503   1.00 39.25 ? 403 HOH A O   1 
HETATM 1046 O O   . HOH D 4 .   ? -11.088 9.383   -7.334  0.85 44.10 ? 404 HOH A O   1 
HETATM 1047 O O   . HOH D 4 .   ? -11.317 6.966   -10.216 0.95 48.36 ? 405 HOH A O   1 
HETATM 1048 O O   . HOH D 4 .   ? 4.236   -13.086 7.175   1.00 37.13 ? 406 HOH A O   1 
HETATM 1049 O O   . HOH D 4 .   ? 2.047   -14.760 8.836   1.00 39.94 ? 407 HOH A O   1 
HETATM 1050 O O   . HOH D 4 .   ? -16.316 1.114   -9.916  1.00 40.85 ? 408 HOH A O   1 
HETATM 1051 O O   . HOH D 4 .   ? 9.126   -11.094 6.892   1.00 34.99 ? 409 HOH A O   1 
HETATM 1052 O O   . HOH D 4 .   ? 2.736   -11.509 -5.145  1.00 37.78 ? 410 HOH A O   1 
HETATM 1053 O O   . HOH D 4 .   ? 10.181  -1.936  -8.975  1.00 36.27 ? 411 HOH A O   1 
HETATM 1054 O O   . HOH D 4 .   ? -9.397  3.345   -1.045  0.88 40.36 ? 412 HOH A O   1 
HETATM 1055 O O   . HOH D 4 .   ? -12.385 0.097   -2.468  1.00 41.95 ? 413 HOH A O   1 
HETATM 1056 O O   . HOH D 4 .   ? -10.158 -0.686  -10.820 0.51 31.22 ? 414 HOH A O   1 
HETATM 1057 O O   . HOH D 4 .   ? -7.971  1.807   -14.803 0.58 31.50 ? 415 HOH A O   1 
HETATM 1058 O O   . HOH D 4 .   ? 14.197  7.754   -14.314 1.00 35.37 ? 416 HOH A O   1 
HETATM 1059 O O   . HOH D 4 .   ? 14.234  5.256   -16.518 0.74 40.15 ? 417 HOH A O   1 
HETATM 1060 O O   . HOH D 4 .   ? 12.286  6.339   -17.478 0.80 42.02 ? 418 HOH A O   1 
HETATM 1061 O O   . HOH D 4 .   ? 1.944   9.852   14.540  0.75 45.27 ? 419 HOH A O   1 
HETATM 1062 O O   . HOH D 4 .   ? -0.950  9.441   17.563  0.44 27.98 ? 420 HOH A O   1 
HETATM 1063 O O   . HOH D 4 .   ? 14.007  -0.437  -8.566  0.95 47.83 ? 421 HOH A O   1 
HETATM 1064 O O   . HOH D 4 .   ? 11.926  4.318   -0.624  1.00 33.81 ? 422 HOH A O   1 
HETATM 1065 O O   . HOH D 4 .   ? -2.525  0.422   22.711  1.00 40.98 ? 423 HOH A O   1 
HETATM 1066 O O   . HOH D 4 .   ? -5.439  -4.930  15.525  1.00 51.31 ? 424 HOH A O   1 
HETATM 1067 O O   . HOH D 4 .   ? -10.443 -4.568  11.464  0.97 45.26 ? 425 HOH A O   1 
HETATM 1068 O O   . HOH D 4 .   ? 14.508  1.999   8.342   0.72 43.80 ? 426 HOH A O   1 
HETATM 1069 O O   . HOH D 4 .   ? 7.904   13.189  5.523   1.00 39.46 ? 427 HOH A O   1 
HETATM 1070 O O   . HOH D 4 .   ? 7.931   10.687  5.226   1.00 41.37 ? 428 HOH A O   1 
HETATM 1071 O O   . HOH D 4 .   ? 9.379   8.680   5.960   0.93 44.86 ? 429 HOH A O   1 
HETATM 1072 O O   A HOH D 4 .   ? -0.295  -10.314 17.798  0.53 39.88 ? 430 HOH A O   1 
HETATM 1073 O O   B HOH D 4 .   ? 0.119   -10.231 17.679  0.47 35.40 ? 430 HOH A O   1 
HETATM 1074 O O   . HOH D 4 .   ? 0.689   8.210   -14.816 0.95 47.78 ? 431 HOH A O   1 
HETATM 1075 O O   . HOH D 4 .   ? -1.420  5.686   -18.073 0.97 47.69 ? 432 HOH A O   1 
HETATM 1076 O O   . HOH D 4 .   ? 1.448   8.260   -18.673 0.80 43.06 ? 433 HOH A O   1 
HETATM 1077 O O   . HOH D 4 .   ? -9.613  -8.915  10.554  0.92 41.44 ? 434 HOH A O   1 
HETATM 1078 O O   . HOH D 4 .   ? 6.268   -10.863 -1.947  0.88 54.26 ? 435 HOH A O   1 
HETATM 1079 O O   . HOH D 4 .   ? 10.125  -7.480  -1.376  0.73 42.21 ? 436 HOH A O   1 
HETATM 1080 O O   . HOH D 4 .   ? 8.398   -9.549  2.311   1.00 44.31 ? 437 HOH A O   1 
HETATM 1081 O O   . HOH D 4 .   ? -9.109  9.201   -1.059  1.00 47.67 ? 438 HOH A O   1 
HETATM 1082 O O   . HOH D 4 .   ? -6.588  10.538  0.606   1.00 40.48 ? 439 HOH A O   1 
HETATM 1083 O O   . HOH D 4 .   ? -7.681  15.282  10.604  0.82 43.38 ? 440 HOH A O   1 
HETATM 1084 O O   . HOH D 4 .   ? -3.044  3.962   21.377  0.71 38.09 ? 441 HOH A O   1 
HETATM 1085 O O   . HOH D 4 .   ? 11.000  8.580   -6.425  1.00 38.14 ? 442 HOH A O   1 
HETATM 1086 O O   . HOH D 4 .   ? 4.305   4.084   -19.389 0.72 38.33 ? 443 HOH A O   1 
HETATM 1087 O O   . HOH D 4 .   ? 5.640   7.669   -17.232 0.92 49.95 ? 444 HOH A O   1 
HETATM 1088 O O   . HOH D 4 .   ? 12.157  -0.297  -13.325 1.00 46.30 ? 445 HOH A O   1 
HETATM 1089 O O   . HOH D 4 .   ? 10.344  -1.228  -15.477 0.96 44.73 ? 446 HOH A O   1 
HETATM 1090 O O   . HOH D 4 .   ? 8.367   -5.636  -5.761  0.70 39.00 ? 447 HOH A O   1 
HETATM 1091 O O   . HOH D 4 .   ? 10.256  -3.373  -2.988  0.74 38.43 ? 448 HOH A O   1 
HETATM 1092 O O   . HOH D 4 .   ? -5.492  -7.665  15.761  1.00 49.20 ? 449 HOH A O   1 
HETATM 1093 O O   . HOH D 4 .   ? -11.369 -10.842 6.281   1.00 48.09 ? 450 HOH A O   1 
HETATM 1094 O O   . HOH D 4 .   ? -9.271  -7.804  6.454   0.57 28.77 ? 451 HOH A O   1 
HETATM 1095 O O   . HOH D 4 .   ? 1.533   -9.630  -11.431 1.00 41.78 ? 452 HOH A O   1 
HETATM 1096 O O   . HOH D 4 .   ? 1.475   -10.148 -8.821  0.76 39.30 ? 453 HOH A O   1 
HETATM 1097 O O   . HOH D 4 .   ? -2.483  1.618   -22.356 0.64 43.63 ? 454 HOH A O   1 
HETATM 1098 O O   . HOH D 4 .   ? 13.488  2.781   -1.345  0.46 25.54 ? 455 HOH A O   1 
HETATM 1099 O O   . HOH D 4 .   ? 13.158  -6.050  8.095   0.83 43.78 ? 456 HOH A O   1 
HETATM 1100 O O   . HOH D 4 .   ? -6.663  -13.729 14.656  1.00 49.93 ? 457 HOH A O   1 
HETATM 1101 O O   . HOH D 4 .   ? -7.597  -15.166 11.426  0.73 43.63 ? 458 HOH A O   1 
HETATM 1102 O O   . HOH D 4 .   ? 0.984   -16.402 -3.408  1.00 54.71 ? 459 HOH A O   1 
HETATM 1103 O O   . HOH D 4 .   ? -11.430 3.756   -3.286  1.00 39.14 ? 460 HOH A O   1 
HETATM 1104 O O   . HOH D 4 .   ? 12.375  -7.562  4.888   1.00 46.16 ? 461 HOH A O   1 
HETATM 1105 O O   . HOH D 4 .   ? -10.700 0.182   7.692   0.67 34.29 ? 462 HOH A O   1 
HETATM 1106 O O   . HOH D 4 .   ? -10.969 2.421   8.318   0.58 36.17 ? 463 HOH A O   1 
HETATM 1107 O O   . HOH D 4 .   ? 1.428   0.956   -22.361 0.69 45.28 ? 464 HOH A O   1 
HETATM 1108 O O   . HOH D 4 .   ? -11.251 8.089   -15.152 0.70 42.54 ? 465 HOH A O   1 
HETATM 1109 O O   . HOH D 4 .   ? 11.848  3.597   -18.209 0.59 36.52 ? 466 HOH A O   1 
HETATM 1110 O O   . HOH D 4 .   ? 8.155   6.117   -18.372 0.45 31.83 ? 467 HOH A O   1 
HETATM 1111 O O   . HOH D 4 .   ? -9.567  -5.529  8.776   0.68 33.17 ? 468 HOH A O   1 
HETATM 1112 O O   A HOH D 4 .   ? -4.122  -3.055  22.458  0.55 36.78 ? 469 HOH A O   1 
HETATM 1113 O O   B HOH D 4 .   ? -5.095  -4.131  21.493  0.45 27.42 ? 469 HOH A O   1 
HETATM 1114 O O   . HOH D 4 .   ? -5.036  -5.754  19.980  0.52 31.63 ? 470 HOH A O   1 
HETATM 1115 O O   . HOH D 4 .   ? 13.660  -1.047  2.696   0.49 30.23 ? 471 HOH A O   1 
# 
